data_4R3L
# 
_entry.id   4R3L 
# 
_audit_conform.dict_name       mmcif_pdbx.dic 
_audit_conform.dict_version    5.381 
_audit_conform.dict_location   http://mmcif.pdb.org/dictionaries/ascii/mmcif_pdbx.dic 
# 
loop_
_database_2.database_id 
_database_2.database_code 
_database_2.pdbx_database_accession 
_database_2.pdbx_DOI 
PDB   4R3L         pdb_00004r3l 10.2210/pdb4r3l/pdb 
RCSB  RCSB086855   ?            ?                   
WWPDB D_1000086855 ?            ?                   
# 
_pdbx_database_related.db_name        PDB 
_pdbx_database_related.db_id          4R3K 
_pdbx_database_related.details        . 
_pdbx_database_related.content_type   unspecified 
# 
_pdbx_database_status.status_code                     REL 
_pdbx_database_status.entry_id                        4R3L 
_pdbx_database_status.recvd_initial_deposition_date   2014-08-16 
_pdbx_database_status.deposit_site                    RCSB 
_pdbx_database_status.process_site                    PDBJ 
_pdbx_database_status.methods_development_category    ? 
_pdbx_database_status.status_code_sf                  REL 
_pdbx_database_status.status_code_mr                  ? 
_pdbx_database_status.SG_entry                        ? 
_pdbx_database_status.status_code_cs                  ? 
_pdbx_database_status.pdb_format_compatible           Y 
_pdbx_database_status.status_code_nmr_data            ? 
# 
loop_
_audit_author.name 
_audit_author.pdbx_ordinal 
'Chang, Y.Y.' 1 
'Hsu, C.H.'   2 
# 
_citation.id                        primary 
_citation.title                     
'Structural Basis for Substrate-specific Acetylation of N alpha-acetyltransferase Ard1 from Sulfolobus solfataricus' 
_citation.journal_abbrev            'Sci Rep' 
_citation.journal_volume            5 
_citation.page_first                8673 
_citation.page_last                 8673 
_citation.year                      2015 
_citation.journal_id_ASTM           ? 
_citation.country                   UK 
_citation.journal_id_ISSN           2045-2322 
_citation.journal_id_CSD            ? 
_citation.book_publisher            ? 
_citation.pdbx_database_id_PubMed   25728374 
_citation.pdbx_database_id_DOI      10.1038/srep08673 
# 
loop_
_citation_author.citation_id 
_citation_author.name 
_citation_author.ordinal 
_citation_author.identifier_ORCID 
primary 'Chang, Y.Y.' 1 ? 
primary 'Hsu, C.H.'   2 ? 
# 
_cell.entry_id           4R3L 
_cell.length_a           35.185 
_cell.length_b           58.004 
_cell.length_c           84.109 
_cell.angle_alpha        90 
_cell.angle_beta         90 
_cell.angle_gamma        90 
_cell.Z_PDB              4 
_cell.pdbx_unique_axis   ? 
_cell.length_a_esd       ? 
_cell.length_b_esd       ? 
_cell.length_c_esd       ? 
_cell.angle_alpha_esd    ? 
_cell.angle_beta_esd     ? 
_cell.angle_gamma_esd    ? 
# 
_symmetry.entry_id                         4R3L 
_symmetry.space_group_name_H-M             'P 21 21 21' 
_symmetry.pdbx_full_space_group_name_H-M   ? 
_symmetry.cell_setting                     ? 
_symmetry.Int_Tables_number                19 
_symmetry.space_group_name_Hall            ? 
# 
loop_
_entity.id 
_entity.type 
_entity.src_method 
_entity.pdbx_description 
_entity.formula_weight 
_entity.pdbx_number_of_molecules 
_entity.pdbx_ec 
_entity.pdbx_mutation 
_entity.pdbx_fragment 
_entity.details 
1 polymer     man 'Uncharacterized N-acetyltransferase SSO0209' 20302.441 1  2.3.1.- ? ? ? 
2 polymer     syn 'N-terminal 6-mer peptide from Alba'          548.545   1  ?       ? ? ? 
3 non-polymer syn 'COENZYME A'                                  767.534   1  ?       ? ? ? 
4 water       nat water                                         18.015    85 ?       ? ? ? 
# 
loop_
_entity_poly.entity_id 
_entity_poly.type 
_entity_poly.nstd_linkage 
_entity_poly.nstd_monomer 
_entity_poly.pdbx_seq_one_letter_code 
_entity_poly.pdbx_seq_one_letter_code_can 
_entity_poly.pdbx_strand_id 
_entity_poly.pdbx_target_identifier 
1 'polypeptide(L)' no no 
;MELAEKDKGRDFTLRNARMDDIDQIIKINRLTLPENYPYYFFVEHLKEYGLAFFVAIVDNSVVGYIMPRIEWGFSNIKQL
PSLVRKGHVVSIAVLEEYRRKGIATTLLEASMKSMKNDYNAEEIYLEVRVSNYPAIALYEKLNFKKVKVLKGYYADGEDA
YLMARPLHHHHHH
;
;MELAEKDKGRDFTLRNARMDDIDQIIKINRLTLPENYPYYFFVEHLKEYGLAFFVAIVDNSVVGYIMPRIEWGFSNIKQL
PSLVRKGHVVSIAVLEEYRRKGIATTLLEASMKSMKNDYNAEEIYLEVRVSNYPAIALYEKLNFKKVKVLKGYYADGEDA
YLMARPLHHHHHH
;
A ? 
2 'polypeptide(L)' no no SSGTPT SSGTPT B ? 
# 
loop_
_entity_poly_seq.entity_id 
_entity_poly_seq.num 
_entity_poly_seq.mon_id 
_entity_poly_seq.hetero 
1 1   MET n 
1 2   GLU n 
1 3   LEU n 
1 4   ALA n 
1 5   GLU n 
1 6   LYS n 
1 7   ASP n 
1 8   LYS n 
1 9   GLY n 
1 10  ARG n 
1 11  ASP n 
1 12  PHE n 
1 13  THR n 
1 14  LEU n 
1 15  ARG n 
1 16  ASN n 
1 17  ALA n 
1 18  ARG n 
1 19  MET n 
1 20  ASP n 
1 21  ASP n 
1 22  ILE n 
1 23  ASP n 
1 24  GLN n 
1 25  ILE n 
1 26  ILE n 
1 27  LYS n 
1 28  ILE n 
1 29  ASN n 
1 30  ARG n 
1 31  LEU n 
1 32  THR n 
1 33  LEU n 
1 34  PRO n 
1 35  GLU n 
1 36  ASN n 
1 37  TYR n 
1 38  PRO n 
1 39  TYR n 
1 40  TYR n 
1 41  PHE n 
1 42  PHE n 
1 43  VAL n 
1 44  GLU n 
1 45  HIS n 
1 46  LEU n 
1 47  LYS n 
1 48  GLU n 
1 49  TYR n 
1 50  GLY n 
1 51  LEU n 
1 52  ALA n 
1 53  PHE n 
1 54  PHE n 
1 55  VAL n 
1 56  ALA n 
1 57  ILE n 
1 58  VAL n 
1 59  ASP n 
1 60  ASN n 
1 61  SER n 
1 62  VAL n 
1 63  VAL n 
1 64  GLY n 
1 65  TYR n 
1 66  ILE n 
1 67  MET n 
1 68  PRO n 
1 69  ARG n 
1 70  ILE n 
1 71  GLU n 
1 72  TRP n 
1 73  GLY n 
1 74  PHE n 
1 75  SER n 
1 76  ASN n 
1 77  ILE n 
1 78  LYS n 
1 79  GLN n 
1 80  LEU n 
1 81  PRO n 
1 82  SER n 
1 83  LEU n 
1 84  VAL n 
1 85  ARG n 
1 86  LYS n 
1 87  GLY n 
1 88  HIS n 
1 89  VAL n 
1 90  VAL n 
1 91  SER n 
1 92  ILE n 
1 93  ALA n 
1 94  VAL n 
1 95  LEU n 
1 96  GLU n 
1 97  GLU n 
1 98  TYR n 
1 99  ARG n 
1 100 ARG n 
1 101 LYS n 
1 102 GLY n 
1 103 ILE n 
1 104 ALA n 
1 105 THR n 
1 106 THR n 
1 107 LEU n 
1 108 LEU n 
1 109 GLU n 
1 110 ALA n 
1 111 SER n 
1 112 MET n 
1 113 LYS n 
1 114 SER n 
1 115 MET n 
1 116 LYS n 
1 117 ASN n 
1 118 ASP n 
1 119 TYR n 
1 120 ASN n 
1 121 ALA n 
1 122 GLU n 
1 123 GLU n 
1 124 ILE n 
1 125 TYR n 
1 126 LEU n 
1 127 GLU n 
1 128 VAL n 
1 129 ARG n 
1 130 VAL n 
1 131 SER n 
1 132 ASN n 
1 133 TYR n 
1 134 PRO n 
1 135 ALA n 
1 136 ILE n 
1 137 ALA n 
1 138 LEU n 
1 139 TYR n 
1 140 GLU n 
1 141 LYS n 
1 142 LEU n 
1 143 ASN n 
1 144 PHE n 
1 145 LYS n 
1 146 LYS n 
1 147 VAL n 
1 148 LYS n 
1 149 VAL n 
1 150 LEU n 
1 151 LYS n 
1 152 GLY n 
1 153 TYR n 
1 154 TYR n 
1 155 ALA n 
1 156 ASP n 
1 157 GLY n 
1 158 GLU n 
1 159 ASP n 
1 160 ALA n 
1 161 TYR n 
1 162 LEU n 
1 163 MET n 
1 164 ALA n 
1 165 ARG n 
1 166 PRO n 
1 167 LEU n 
1 168 HIS n 
1 169 HIS n 
1 170 HIS n 
1 171 HIS n 
1 172 HIS n 
1 173 HIS n 
2 1   SER n 
2 2   SER n 
2 3   GLY n 
2 4   THR n 
2 5   PRO n 
2 6   THR n 
# 
_entity_src_gen.entity_id                          1 
_entity_src_gen.pdbx_src_id                        1 
_entity_src_gen.pdbx_alt_source_flag               sample 
_entity_src_gen.pdbx_seq_type                      ? 
_entity_src_gen.pdbx_beg_seq_num                   ? 
_entity_src_gen.pdbx_end_seq_num                   ? 
_entity_src_gen.gene_src_common_name               ? 
_entity_src_gen.gene_src_genus                     ? 
_entity_src_gen.pdbx_gene_src_gene                 SSO0209 
_entity_src_gen.gene_src_species                   ? 
_entity_src_gen.gene_src_strain                    P2 
_entity_src_gen.gene_src_tissue                    ? 
_entity_src_gen.gene_src_tissue_fraction           ? 
_entity_src_gen.gene_src_details                   ? 
_entity_src_gen.pdbx_gene_src_fragment             ? 
_entity_src_gen.pdbx_gene_src_scientific_name      'Sulfolobus solfataricus P2' 
_entity_src_gen.pdbx_gene_src_ncbi_taxonomy_id     273057 
_entity_src_gen.pdbx_gene_src_variant              ? 
_entity_src_gen.pdbx_gene_src_cell_line            ? 
_entity_src_gen.pdbx_gene_src_atcc                 ? 
_entity_src_gen.pdbx_gene_src_organ                ? 
_entity_src_gen.pdbx_gene_src_organelle            ? 
_entity_src_gen.pdbx_gene_src_cell                 ? 
_entity_src_gen.pdbx_gene_src_cellular_location    ? 
_entity_src_gen.host_org_common_name               ? 
_entity_src_gen.pdbx_host_org_scientific_name      'Escherichia coli' 
_entity_src_gen.pdbx_host_org_ncbi_taxonomy_id     562 
_entity_src_gen.host_org_genus                     ? 
_entity_src_gen.pdbx_host_org_gene                 ? 
_entity_src_gen.pdbx_host_org_organ                ? 
_entity_src_gen.host_org_species                   ? 
_entity_src_gen.pdbx_host_org_tissue               ? 
_entity_src_gen.pdbx_host_org_tissue_fraction      ? 
_entity_src_gen.pdbx_host_org_strain               'BL21 (DE3)' 
_entity_src_gen.pdbx_host_org_variant              ? 
_entity_src_gen.pdbx_host_org_cell_line            ? 
_entity_src_gen.pdbx_host_org_atcc                 ? 
_entity_src_gen.pdbx_host_org_culture_collection   ? 
_entity_src_gen.pdbx_host_org_cell                 ? 
_entity_src_gen.pdbx_host_org_organelle            ? 
_entity_src_gen.pdbx_host_org_cellular_location    ? 
_entity_src_gen.pdbx_host_org_vector_type          plasmid 
_entity_src_gen.pdbx_host_org_vector               ? 
_entity_src_gen.host_org_details                   ? 
_entity_src_gen.expression_system_id               ? 
_entity_src_gen.plasmid_name                       pET-28a 
_entity_src_gen.plasmid_details                    ? 
_entity_src_gen.pdbx_description                   ? 
# 
_pdbx_entity_src_syn.entity_id              2 
_pdbx_entity_src_syn.pdbx_src_id            1 
_pdbx_entity_src_syn.pdbx_alt_source_flag   sample 
_pdbx_entity_src_syn.pdbx_beg_seq_num       ? 
_pdbx_entity_src_syn.pdbx_end_seq_num       ? 
_pdbx_entity_src_syn.organism_scientific    'Sulfolobus solfataricus' 
_pdbx_entity_src_syn.organism_common_name   ? 
_pdbx_entity_src_syn.ncbi_taxonomy_id       2287 
_pdbx_entity_src_syn.details                'the peptide sequence derived from Alba protein in Sulfolobus solfataricus' 
# 
loop_
_struct_ref.id 
_struct_ref.db_name 
_struct_ref.db_code 
_struct_ref.pdbx_db_accession 
_struct_ref.entity_id 
_struct_ref.pdbx_seq_one_letter_code 
_struct_ref.pdbx_align_begin 
_struct_ref.pdbx_db_isoform 
1 UNP Y209_SULSO Q980R9 1 
;MELAEKDKGRDFTLRNARMDDIDQIIKINRLTLPENYPYYFFVEHLKEYGLAFFVAIVDNSVVGYIMPRIEWGFSNIKQL
PSLVRKGHVVSIAVLEEYRRKGIATTLLEASMKSMKNDYNAEEIYLEVRVSNYPAIALYEKLNFKKVKVLKGYYADGEDA
YLMARPL
;
1 ? 
2 PDB 4R3L       4R3L   2 ? ? ? 
# 
loop_
_struct_ref_seq.align_id 
_struct_ref_seq.ref_id 
_struct_ref_seq.pdbx_PDB_id_code 
_struct_ref_seq.pdbx_strand_id 
_struct_ref_seq.seq_align_beg 
_struct_ref_seq.pdbx_seq_align_beg_ins_code 
_struct_ref_seq.seq_align_end 
_struct_ref_seq.pdbx_seq_align_end_ins_code 
_struct_ref_seq.pdbx_db_accession 
_struct_ref_seq.db_align_beg 
_struct_ref_seq.pdbx_db_align_beg_ins_code 
_struct_ref_seq.db_align_end 
_struct_ref_seq.pdbx_db_align_end_ins_code 
_struct_ref_seq.pdbx_auth_seq_align_beg 
_struct_ref_seq.pdbx_auth_seq_align_end 
1 1 4R3L A 1 ? 167 ? Q980R9 1 ? 167 ? 1 167 
2 2 4R3L B 1 ? 6   ? 4R3L   1 ? 6   ? 1 6   
# 
loop_
_struct_ref_seq_dif.align_id 
_struct_ref_seq_dif.pdbx_pdb_id_code 
_struct_ref_seq_dif.mon_id 
_struct_ref_seq_dif.pdbx_pdb_strand_id 
_struct_ref_seq_dif.seq_num 
_struct_ref_seq_dif.pdbx_pdb_ins_code 
_struct_ref_seq_dif.pdbx_seq_db_name 
_struct_ref_seq_dif.pdbx_seq_db_accession_code 
_struct_ref_seq_dif.db_mon_id 
_struct_ref_seq_dif.pdbx_seq_db_seq_num 
_struct_ref_seq_dif.details 
_struct_ref_seq_dif.pdbx_auth_seq_num 
_struct_ref_seq_dif.pdbx_ordinal 
1 4R3L HIS A 168 ? UNP Q980R9 ? ? 'expression tag' 168 1 
1 4R3L HIS A 169 ? UNP Q980R9 ? ? 'expression tag' 169 2 
1 4R3L HIS A 170 ? UNP Q980R9 ? ? 'expression tag' 170 3 
1 4R3L HIS A 171 ? UNP Q980R9 ? ? 'expression tag' 171 4 
1 4R3L HIS A 172 ? UNP Q980R9 ? ? 'expression tag' 172 5 
1 4R3L HIS A 173 ? UNP Q980R9 ? ? 'expression tag' 173 6 
# 
loop_
_chem_comp.id 
_chem_comp.type 
_chem_comp.mon_nstd_flag 
_chem_comp.name 
_chem_comp.pdbx_synonyms 
_chem_comp.formula 
_chem_comp.formula_weight 
ALA 'L-peptide linking' y ALANINE         ? 'C3 H7 N O2'          89.093  
ARG 'L-peptide linking' y ARGININE        ? 'C6 H15 N4 O2 1'      175.209 
ASN 'L-peptide linking' y ASPARAGINE      ? 'C4 H8 N2 O3'         132.118 
ASP 'L-peptide linking' y 'ASPARTIC ACID' ? 'C4 H7 N O4'          133.103 
COA non-polymer         . 'COENZYME A'    ? 'C21 H36 N7 O16 P3 S' 767.534 
GLN 'L-peptide linking' y GLUTAMINE       ? 'C5 H10 N2 O3'        146.144 
GLU 'L-peptide linking' y 'GLUTAMIC ACID' ? 'C5 H9 N O4'          147.129 
GLY 'peptide linking'   y GLYCINE         ? 'C2 H5 N O2'          75.067  
HIS 'L-peptide linking' y HISTIDINE       ? 'C6 H10 N3 O2 1'      156.162 
HOH non-polymer         . WATER           ? 'H2 O'                18.015  
ILE 'L-peptide linking' y ISOLEUCINE      ? 'C6 H13 N O2'         131.173 
LEU 'L-peptide linking' y LEUCINE         ? 'C6 H13 N O2'         131.173 
LYS 'L-peptide linking' y LYSINE          ? 'C6 H15 N2 O2 1'      147.195 
MET 'L-peptide linking' y METHIONINE      ? 'C5 H11 N O2 S'       149.211 
PHE 'L-peptide linking' y PHENYLALANINE   ? 'C9 H11 N O2'         165.189 
PRO 'L-peptide linking' y PROLINE         ? 'C5 H9 N O2'          115.130 
SER 'L-peptide linking' y SERINE          ? 'C3 H7 N O3'          105.093 
THR 'L-peptide linking' y THREONINE       ? 'C4 H9 N O3'          119.119 
TRP 'L-peptide linking' y TRYPTOPHAN      ? 'C11 H12 N2 O2'       204.225 
TYR 'L-peptide linking' y TYROSINE        ? 'C9 H11 N O3'         181.189 
VAL 'L-peptide linking' y VALINE          ? 'C5 H11 N O2'         117.146 
# 
_exptl.entry_id          4R3L 
_exptl.method            'X-RAY DIFFRACTION' 
_exptl.crystals_number   1 
# 
_exptl_crystal.id                    1 
_exptl_crystal.density_meas          ? 
_exptl_crystal.density_Matthews      2.06 
_exptl_crystal.density_percent_sol   40.24 
_exptl_crystal.description           ? 
_exptl_crystal.F_000                 ? 
_exptl_crystal.preparation           ? 
# 
_exptl_crystal_grow.crystal_id      1 
_exptl_crystal_grow.method          'VAPOR DIFFUSION, SITTING DROP' 
_exptl_crystal_grow.temp            283 
_exptl_crystal_grow.temp_details    ? 
_exptl_crystal_grow.pH              4.2 
_exptl_crystal_grow.pdbx_details    
'12.5% PEG 4000, 0.1M sodium acetate trihydrate pH 4.2, 0.1M ammonium sulfate, VAPOR DIFFUSION, SITTING DROP, temperature 283K' 
_exptl_crystal_grow.pdbx_pH_range   ? 
# 
_diffrn.id                     1 
_diffrn.ambient_temp           100 
_diffrn.ambient_temp_details   ? 
_diffrn.crystal_id             1 
# 
_diffrn_detector.diffrn_id              1 
_diffrn_detector.detector               CCD 
_diffrn_detector.type                   'RAYONIX MX300HE' 
_diffrn_detector.pdbx_collection_date   2013-07-28 
_diffrn_detector.details                ? 
# 
_diffrn_radiation.diffrn_id                        1 
_diffrn_radiation.wavelength_id                    1 
_diffrn_radiation.pdbx_monochromatic_or_laue_m_l   M 
_diffrn_radiation.monochromator                    'Si 111 CHANNEL' 
_diffrn_radiation.pdbx_diffrn_protocol             'SINGLE WAVELENGTH' 
_diffrn_radiation.pdbx_scattering_type             x-ray 
# 
_diffrn_radiation_wavelength.id           1 
_diffrn_radiation_wavelength.wavelength   1.0 
_diffrn_radiation_wavelength.wt           1.0 
# 
_diffrn_source.diffrn_id                   1 
_diffrn_source.source                      SYNCHROTRON 
_diffrn_source.type                        'NSRRC BEAMLINE BL15A' 
_diffrn_source.pdbx_synchrotron_site       NSRRC 
_diffrn_source.pdbx_synchrotron_beamline   BL15A 
_diffrn_source.pdbx_wavelength             ? 
_diffrn_source.pdbx_wavelength_list        1.0 
# 
_reflns.entry_id                     4R3L 
_reflns.observed_criterion_sigma_I   -3 
_reflns.observed_criterion_sigma_F   0 
_reflns.d_resolution_low             30 
_reflns.d_resolution_high            1.839 
_reflns.number_obs                   15532 
_reflns.number_all                   ? 
_reflns.percent_possible_obs         99.8 
_reflns.pdbx_Rmerge_I_obs            0.044 
_reflns.pdbx_Rsym_value              0.044 
_reflns.pdbx_netI_over_sigmaI        ? 
_reflns.B_iso_Wilson_estimate        ? 
_reflns.pdbx_redundancy              4.7 
_reflns.R_free_details               ? 
_reflns.limit_h_max                  ? 
_reflns.limit_h_min                  ? 
_reflns.limit_k_max                  ? 
_reflns.limit_k_min                  ? 
_reflns.limit_l_max                  ? 
_reflns.limit_l_min                  ? 
_reflns.observed_criterion_F_max     ? 
_reflns.observed_criterion_F_min     ? 
_reflns.pdbx_chi_squared             ? 
_reflns.pdbx_scaling_rejects         ? 
_reflns.pdbx_ordinal                 1 
_reflns.pdbx_diffrn_id               1 
# 
_refine.entry_id                                 4R3L 
_refine.ls_number_reflns_obs                     15532 
_refine.ls_number_reflns_all                     15532 
_refine.pdbx_ls_sigma_I                          -3 
_refine.pdbx_ls_sigma_F                          0 
_refine.pdbx_data_cutoff_high_absF               ? 
_refine.pdbx_data_cutoff_low_absF                ? 
_refine.pdbx_data_cutoff_high_rms_absF           ? 
_refine.ls_d_res_low                             23.875 
_refine.ls_d_res_high                            1.839 
_refine.ls_percent_reflns_obs                    ? 
_refine.ls_R_factor_obs                          0.1957 
_refine.ls_R_factor_all                          ? 
_refine.ls_R_factor_R_work                       0.1903 
_refine.ls_R_factor_R_free                       0.2454 
_refine.ls_R_factor_R_free_error                 ? 
_refine.ls_R_factor_R_free_error_details         ? 
_refine.ls_percent_reflns_R_free                 ? 
_refine.ls_number_reflns_R_free                  1554 
_refine.ls_number_parameters                     ? 
_refine.ls_number_restraints                     ? 
_refine.occupancy_min                            ? 
_refine.occupancy_max                            ? 
_refine.correlation_coeff_Fo_to_Fc               ? 
_refine.correlation_coeff_Fo_to_Fc_free          ? 
_refine.B_iso_mean                               ? 
_refine.aniso_B[1][1]                            ? 
_refine.aniso_B[2][2]                            ? 
_refine.aniso_B[3][3]                            ? 
_refine.aniso_B[1][2]                            ? 
_refine.aniso_B[1][3]                            ? 
_refine.aniso_B[2][3]                            ? 
_refine.solvent_model_details                    ? 
_refine.solvent_model_param_ksol                 ? 
_refine.solvent_model_param_bsol                 ? 
_refine.pdbx_solvent_vdw_probe_radii             ? 
_refine.pdbx_solvent_ion_probe_radii             ? 
_refine.pdbx_solvent_shrinkage_radii             ? 
_refine.pdbx_ls_cross_valid_method               ? 
_refine.details                                  ? 
_refine.pdbx_starting_model                      2X7B 
_refine.pdbx_method_to_determine_struct          'MOLECULAR REPLACEMENT' 
_refine.pdbx_isotropic_thermal_model             ? 
_refine.pdbx_stereochemistry_target_values       ML 
_refine.pdbx_stereochem_target_val_spec_case     ? 
_refine.pdbx_R_Free_selection_details            RANDOM 
_refine.pdbx_overall_ESU_R                       ? 
_refine.pdbx_overall_ESU_R_Free                  ? 
_refine.overall_SU_ML                            ? 
_refine.pdbx_overall_phase_error                 ? 
_refine.overall_SU_B                             ? 
_refine.overall_SU_R_Cruickshank_DPI             ? 
_refine.ls_redundancy_reflns_obs                 ? 
_refine.B_iso_min                                ? 
_refine.B_iso_max                                ? 
_refine.overall_SU_R_free                        ? 
_refine.ls_wR_factor_R_free                      ? 
_refine.ls_wR_factor_R_work                      ? 
_refine.overall_FOM_free_R_set                   ? 
_refine.overall_FOM_work_R_set                   ? 
_refine.pdbx_diffrn_id                           1 
_refine.pdbx_refine_id                           'X-RAY DIFFRACTION' 
_refine.pdbx_TLS_residual_ADP_flag               ? 
_refine.pdbx_overall_SU_R_free_Cruickshank_DPI   ? 
_refine.pdbx_overall_SU_R_Blow_DPI               ? 
_refine.pdbx_overall_SU_R_free_Blow_DPI          ? 
# 
_refine_hist.pdbx_refine_id                   'X-RAY DIFFRACTION' 
_refine_hist.cycle_id                         LAST 
_refine_hist.pdbx_number_atoms_protein        1303 
_refine_hist.pdbx_number_atoms_nucleic_acid   0 
_refine_hist.pdbx_number_atoms_ligand         48 
_refine_hist.number_atoms_solvent             85 
_refine_hist.number_atoms_total               1436 
_refine_hist.d_res_high                       1.839 
_refine_hist.d_res_low                        23.875 
# 
loop_
_refine_ls_restr.type 
_refine_ls_restr.dev_ideal 
_refine_ls_restr.dev_ideal_target 
_refine_ls_restr.weight 
_refine_ls_restr.number 
_refine_ls_restr.pdbx_restraint_function 
_refine_ls_restr.pdbx_refine_id 
f_bond_d           0.007  ? ? ? ? 'X-RAY DIFFRACTION' 
f_angle_d          1.09   ? ? ? ? 'X-RAY DIFFRACTION' 
f_dihedral_angle_d 16.956 ? ? ? ? 'X-RAY DIFFRACTION' 
f_chiral_restr     0.043  ? ? ? ? 'X-RAY DIFFRACTION' 
f_plane_restr      0.005  ? ? ? ? 'X-RAY DIFFRACTION' 
# 
loop_
_refine_ls_shell.pdbx_refine_id 
_refine_ls_shell.pdbx_total_number_of_bins_used 
_refine_ls_shell.d_res_high 
_refine_ls_shell.d_res_low 
_refine_ls_shell.number_reflns_R_work 
_refine_ls_shell.R_factor_R_work 
_refine_ls_shell.percent_reflns_obs 
_refine_ls_shell.R_factor_R_free 
_refine_ls_shell.R_factor_R_free_error 
_refine_ls_shell.percent_reflns_R_free 
_refine_ls_shell.number_reflns_R_free 
_refine_ls_shell.number_reflns_all 
_refine_ls_shell.R_factor_all 
_refine_ls_shell.number_reflns_obs 
_refine_ls_shell.redundancy_reflns_obs 
'X-RAY DIFFRACTION' 11 1.8394 1.8988  . 0.2405 100 0.2844 . . 138 . . 1240 . 
'X-RAY DIFFRACTION' 11 1.8988 1.9666  . 0.2065 100 0.2503 . . 139 . . 1255 . 
'X-RAY DIFFRACTION' 11 1.9666 2.0453  . 0.1873 100 0.2352 . . 140 . . 1254 . 
'X-RAY DIFFRACTION' 11 2.0453 2.1383  . 0.1893 100 0.2365 . . 138 . . 1241 . 
'X-RAY DIFFRACTION' 11 2.1383 2.2510  . 0.1899 100 0.2373 . . 139 . . 1260 . 
'X-RAY DIFFRACTION' 11 2.2510 2.3919  . 0.1929 100 0.2679 . . 140 . . 1257 . 
'X-RAY DIFFRACTION' 11 2.3919 2.5764  . 0.2012 100 0.2556 . . 141 . . 1263 . 
'X-RAY DIFFRACTION' 11 2.5764 2.8353  . 0.1962 100 0.2534 . . 141 . . 1271 . 
'X-RAY DIFFRACTION' 11 2.8353 3.2447  . 0.2005 100 0.2533 . . 143 . . 1290 . 
'X-RAY DIFFRACTION' 11 3.2447 4.0846  . 0.1763 100 0.2438 . . 143 . . 1285 . 
'X-RAY DIFFRACTION' 11 4.0846 23.8771 . 0.1848 99  0.2323 . . 152 . . 1365 . 
# 
_struct.entry_id                  4R3L 
_struct.title                     
'Crystal structure of Ard1 N-terminal acetyltransferase from Sulfolobus solfataricus bound to substrate peptide fragment and CoA' 
_struct.pdbx_model_details        ? 
_struct.pdbx_CASP_flag            ? 
_struct.pdbx_model_type_details   ? 
# 
_struct_keywords.entry_id        4R3L 
_struct_keywords.pdbx_keywords   'TRANSFERASE/TRANSFERASE SUBSTRATE' 
_struct_keywords.text            
'Protein-substrate complex, GNAT domain, N-acetyltransferase, TRANSFERASE-TRANSFERASE SUBSTRATE complex' 
# 
loop_
_struct_asym.id 
_struct_asym.pdbx_blank_PDB_chainid_flag 
_struct_asym.pdbx_modified 
_struct_asym.entity_id 
_struct_asym.details 
A N N 1 ? 
B N N 2 ? 
C N N 3 ? 
D N N 4 ? 
# 
_struct_biol.id        1 
_struct_biol.details   ? 
# 
loop_
_struct_conf.conf_type_id 
_struct_conf.id 
_struct_conf.pdbx_PDB_helix_id 
_struct_conf.beg_label_comp_id 
_struct_conf.beg_label_asym_id 
_struct_conf.beg_label_seq_id 
_struct_conf.pdbx_beg_PDB_ins_code 
_struct_conf.end_label_comp_id 
_struct_conf.end_label_asym_id 
_struct_conf.end_label_seq_id 
_struct_conf.pdbx_end_PDB_ins_code 
_struct_conf.beg_auth_comp_id 
_struct_conf.beg_auth_asym_id 
_struct_conf.beg_auth_seq_id 
_struct_conf.end_auth_comp_id 
_struct_conf.end_auth_asym_id 
_struct_conf.end_auth_seq_id 
_struct_conf.pdbx_PDB_helix_class 
_struct_conf.details 
_struct_conf.pdbx_PDB_helix_length 
HELX_P HELX_P1 1 ARG A 18  ? ASP A 20  ? ARG A 18  ASP A 20  5 ? 3  
HELX_P HELX_P2 2 ASP A 21  ? LEU A 33  ? ASP A 21  LEU A 33  1 ? 13 
HELX_P HELX_P3 3 PRO A 38  ? GLY A 50  ? PRO A 38  GLY A 50  1 ? 13 
HELX_P HELX_P4 4 GLU A 96  ? ARG A 99  ? GLU A 96  ARG A 99  5 ? 4  
HELX_P HELX_P5 5 GLY A 102 ? ASN A 120 ? GLY A 102 ASN A 120 1 ? 19 
HELX_P HELX_P6 6 ASN A 132 ? LEU A 142 ? ASN A 132 LEU A 142 1 ? 11 
# 
_struct_conf_type.id          HELX_P 
_struct_conf_type.criteria    ? 
_struct_conf_type.reference   ? 
# 
_struct_sheet.id               A 
_struct_sheet.type             ? 
_struct_sheet.number_strands   7 
_struct_sheet.details          ? 
# 
loop_
_struct_sheet_order.sheet_id 
_struct_sheet_order.range_id_1 
_struct_sheet_order.range_id_2 
_struct_sheet_order.offset 
_struct_sheet_order.sense 
A 1 2 ? anti-parallel 
A 2 3 ? anti-parallel 
A 3 4 ? anti-parallel 
A 4 5 ? parallel      
A 5 6 ? anti-parallel 
A 6 7 ? anti-parallel 
# 
loop_
_struct_sheet_range.sheet_id 
_struct_sheet_range.id 
_struct_sheet_range.beg_label_comp_id 
_struct_sheet_range.beg_label_asym_id 
_struct_sheet_range.beg_label_seq_id 
_struct_sheet_range.pdbx_beg_PDB_ins_code 
_struct_sheet_range.end_label_comp_id 
_struct_sheet_range.end_label_asym_id 
_struct_sheet_range.end_label_seq_id 
_struct_sheet_range.pdbx_end_PDB_ins_code 
_struct_sheet_range.beg_auth_comp_id 
_struct_sheet_range.beg_auth_asym_id 
_struct_sheet_range.beg_auth_seq_id 
_struct_sheet_range.end_auth_comp_id 
_struct_sheet_range.end_auth_asym_id 
_struct_sheet_range.end_auth_seq_id 
A 1 THR A 13  ? ASN A 16  ? THR A 13  ASN A 16  
A 2 PHE A 54  ? VAL A 58  ? PHE A 54  VAL A 58  
A 3 SER A 61  ? PHE A 74  ? SER A 61  PHE A 74  
A 4 LEU A 83  ? VAL A 94  ? LEU A 83  VAL A 94  
A 5 GLU A 123 ? ARG A 129 ? GLU A 123 ARG A 129 
A 6 ALA A 160 ? PRO A 166 ? ALA A 160 PRO A 166 
A 7 LYS A 145 ? LEU A 150 ? LYS A 145 LEU A 150 
# 
loop_
_pdbx_struct_sheet_hbond.sheet_id 
_pdbx_struct_sheet_hbond.range_id_1 
_pdbx_struct_sheet_hbond.range_id_2 
_pdbx_struct_sheet_hbond.range_1_label_atom_id 
_pdbx_struct_sheet_hbond.range_1_label_comp_id 
_pdbx_struct_sheet_hbond.range_1_label_asym_id 
_pdbx_struct_sheet_hbond.range_1_label_seq_id 
_pdbx_struct_sheet_hbond.range_1_PDB_ins_code 
_pdbx_struct_sheet_hbond.range_1_auth_atom_id 
_pdbx_struct_sheet_hbond.range_1_auth_comp_id 
_pdbx_struct_sheet_hbond.range_1_auth_asym_id 
_pdbx_struct_sheet_hbond.range_1_auth_seq_id 
_pdbx_struct_sheet_hbond.range_2_label_atom_id 
_pdbx_struct_sheet_hbond.range_2_label_comp_id 
_pdbx_struct_sheet_hbond.range_2_label_asym_id 
_pdbx_struct_sheet_hbond.range_2_label_seq_id 
_pdbx_struct_sheet_hbond.range_2_PDB_ins_code 
_pdbx_struct_sheet_hbond.range_2_auth_atom_id 
_pdbx_struct_sheet_hbond.range_2_auth_comp_id 
_pdbx_struct_sheet_hbond.range_2_auth_asym_id 
_pdbx_struct_sheet_hbond.range_2_auth_seq_id 
A 1 2 N ARG A 15  ? N ARG A 15  O VAL A 55  ? O VAL A 55  
A 2 3 N ALA A 56  ? N ALA A 56  O VAL A 63  ? O VAL A 63  
A 3 4 N GLY A 73  ? N GLY A 73  O VAL A 84  ? O VAL A 84  
A 4 5 N GLY A 87  ? N GLY A 87  O GLU A 123 ? O GLU A 123 
A 5 6 N VAL A 128 ? N VAL A 128 O TYR A 161 ? O TYR A 161 
A 6 7 O LEU A 162 ? O LEU A 162 N LYS A 148 ? N LYS A 148 
# 
loop_
_struct_site.id 
_struct_site.pdbx_evidence_code 
_struct_site.pdbx_auth_asym_id 
_struct_site.pdbx_auth_comp_id 
_struct_site.pdbx_auth_seq_id 
_struct_site.pdbx_auth_ins_code 
_struct_site.pdbx_num_residues 
_struct_site.details 
AC1 Software A COA 400 ? 27 'BINDING SITE FOR RESIDUE COA A 400'                             
AC2 Software ? ?   ?   ? 12 'BINDING SITE FOR CHAIN B OF N-TERMINAL 6-MER PEPTIDE FROM ALBA' 
# 
loop_
_struct_site_gen.id 
_struct_site_gen.site_id 
_struct_site_gen.pdbx_num_res 
_struct_site_gen.label_comp_id 
_struct_site_gen.label_asym_id 
_struct_site_gen.label_seq_id 
_struct_site_gen.pdbx_auth_ins_code 
_struct_site_gen.auth_comp_id 
_struct_site_gen.auth_asym_id 
_struct_site_gen.auth_seq_id 
_struct_site_gen.label_atom_id 
_struct_site_gen.label_alt_id 
_struct_site_gen.symmetry 
_struct_site_gen.details 
1  AC1 27 THR A 32  ? THR A 32  . ? 1_555 ? 
2  AC1 27 LEU A 33  ? LEU A 33  . ? 1_555 ? 
3  AC1 27 LYS A 47  ? LYS A 47  . ? 3_545 ? 
4  AC1 27 ILE A 92  ? ILE A 92  . ? 1_555 ? 
5  AC1 27 ALA A 93  ? ALA A 93  . ? 1_555 ? 
6  AC1 27 VAL A 94  ? VAL A 94  . ? 1_555 ? 
7  AC1 27 ARG A 99  ? ARG A 99  . ? 1_555 ? 
8  AC1 27 ARG A 100 ? ARG A 100 . ? 1_555 ? 
9  AC1 27 LYS A 101 ? LYS A 101 . ? 1_555 ? 
10 AC1 27 GLY A 102 ? GLY A 102 . ? 1_555 ? 
11 AC1 27 ILE A 103 ? ILE A 103 . ? 1_555 ? 
12 AC1 27 ALA A 104 ? ALA A 104 . ? 1_555 ? 
13 AC1 27 THR A 105 ? THR A 105 . ? 1_555 ? 
14 AC1 27 ASN A 132 ? ASN A 132 . ? 1_555 ? 
15 AC1 27 TYR A 133 ? TYR A 133 . ? 1_555 ? 
16 AC1 27 PRO A 134 ? PRO A 134 . ? 1_555 ? 
17 AC1 27 ALA A 137 ? ALA A 137 . ? 1_555 ? 
18 AC1 27 LEU A 138 ? LEU A 138 . ? 1_555 ? 
19 AC1 27 TYR A 139 ? TYR A 139 . ? 1_555 ? 
20 AC1 27 LYS A 141 ? LYS A 141 . ? 1_555 ? 
21 AC1 27 HOH D .   ? HOH A 502 . ? 1_555 ? 
22 AC1 27 HOH D .   ? HOH A 526 . ? 1_555 ? 
23 AC1 27 HOH D .   ? HOH A 528 . ? 1_555 ? 
24 AC1 27 HOH D .   ? HOH A 540 . ? 1_555 ? 
25 AC1 27 HOH D .   ? HOH A 568 . ? 1_555 ? 
26 AC1 27 HOH D .   ? HOH A 584 . ? 1_555 ? 
27 AC1 27 SER B 1   ? SER B 1   . ? 1_555 ? 
28 AC2 12 GLU A 35  ? GLU A 35  . ? 1_555 ? 
29 AC2 12 TYR A 37  ? TYR A 37  . ? 1_555 ? 
30 AC2 12 HIS A 88  ? HIS A 88  . ? 1_555 ? 
31 AC2 12 VAL A 89  ? VAL A 89  . ? 1_555 ? 
32 AC2 12 VAL A 90  ? VAL A 90  . ? 1_555 ? 
33 AC2 12 GLU A 127 ? GLU A 127 . ? 1_555 ? 
34 AC2 12 VAL A 128 ? VAL A 128 . ? 1_555 ? 
35 AC2 12 TYR A 153 ? TYR A 153 . ? 1_555 ? 
36 AC2 12 TYR A 154 ? TYR A 154 . ? 1_555 ? 
37 AC2 12 COA C .   ? COA A 400 . ? 1_555 ? 
38 AC2 12 HOH D .   ? HOH A 520 . ? 1_555 ? 
39 AC2 12 HOH D .   ? HOH A 585 . ? 1_555 ? 
# 
_atom_sites.entry_id                    4R3L 
_atom_sites.fract_transf_matrix[1][1]   0.01994446 
_atom_sites.fract_transf_matrix[1][2]   0.00834749 
_atom_sites.fract_transf_matrix[1][3]   0.01844699 
_atom_sites.fract_transf_matrix[2][1]   -0.00465404 
_atom_sites.fract_transf_matrix[2][2]   0.01642539 
_atom_sites.fract_transf_matrix[2][3]   -0.00240084 
_atom_sites.fract_transf_matrix[3][1]   -0.00783836 
_atom_sites.fract_transf_matrix[3][2]   -0.00092131 
_atom_sites.fract_transf_matrix[3][3]   0.00889155 
_atom_sites.fract_transf_vector[1]      0.055073 
_atom_sites.fract_transf_vector[2]      1.110407 
_atom_sites.fract_transf_vector[3]      0.146715 
# 
loop_
_atom_type.symbol 
C 
N 
O 
P 
S 
# 
loop_
_atom_site.group_PDB 
_atom_site.id 
_atom_site.type_symbol 
_atom_site.label_atom_id 
_atom_site.label_alt_id 
_atom_site.label_comp_id 
_atom_site.label_asym_id 
_atom_site.label_entity_id 
_atom_site.label_seq_id 
_atom_site.pdbx_PDB_ins_code 
_atom_site.Cartn_x 
_atom_site.Cartn_y 
_atom_site.Cartn_z 
_atom_site.occupancy 
_atom_site.B_iso_or_equiv 
_atom_site.pdbx_formal_charge 
_atom_site.auth_seq_id 
_atom_site.auth_comp_id 
_atom_site.auth_asym_id 
_atom_site.auth_atom_id 
_atom_site.pdbx_PDB_model_num 
ATOM   1    N N   . ASP A 1 11  ? -4.038  -10.884 19.324  1.00 44.57 ?  11  ASP A N   1 
ATOM   2    C CA  . ASP A 1 11  ? -4.578  -11.215 18.007  1.00 40.95 ?  11  ASP A CA  1 
ATOM   3    C C   . ASP A 1 11  ? -5.192  -10.004 17.315  1.00 37.86 ?  11  ASP A C   1 
ATOM   4    O O   . ASP A 1 11  ? -5.739  -9.110  17.974  1.00 39.23 ?  11  ASP A O   1 
ATOM   5    C CB  . ASP A 1 11  ? -5.631  -12.316 18.115  1.00 38.89 ?  11  ASP A CB  1 
ATOM   6    C CG  . ASP A 1 11  ? -5.014  -13.697 18.189  1.00 51.39 ?  11  ASP A CG  1 
ATOM   7    O OD1 . ASP A 1 11  ? -3.801  -13.778 18.470  1.00 53.52 ?  11  ASP A OD1 1 
ATOM   8    O OD2 . ASP A 1 11  ? -5.736  -14.696 17.967  1.00 56.33 -1 11  ASP A OD2 1 
ATOM   9    N N   . PHE A 1 12  ? -5.106  -9.988  15.987  1.00 26.71 ?  12  PHE A N   1 
ATOM   10   C CA  . PHE A 1 12  ? -5.741  -8.951  15.185  1.00 25.68 ?  12  PHE A CA  1 
ATOM   11   C C   . PHE A 1 12  ? -6.708  -9.571  14.193  1.00 24.82 ?  12  PHE A C   1 
ATOM   12   O O   . PHE A 1 12  ? -6.667  -10.774 13.941  1.00 22.66 ?  12  PHE A O   1 
ATOM   13   C CB  . PHE A 1 12  ? -4.695  -8.115  14.444  1.00 25.02 ?  12  PHE A CB  1 
ATOM   14   C CG  . PHE A 1 12  ? -3.932  -8.879  13.390  1.00 23.28 ?  12  PHE A CG  1 
ATOM   15   C CD1 . PHE A 1 12  ? -4.365  -8.887  12.064  1.00 21.68 ?  12  PHE A CD1 1 
ATOM   16   C CD2 . PHE A 1 12  ? -2.775  -9.558  13.714  1.00 23.83 ?  12  PHE A CD2 1 
ATOM   17   C CE1 . PHE A 1 12  ? -3.653  -9.587  11.084  1.00 18.25 ?  12  PHE A CE1 1 
ATOM   18   C CE2 . PHE A 1 12  ? -2.052  -10.243 12.745  1.00 22.49 ?  12  PHE A CE2 1 
ATOM   19   C CZ  . PHE A 1 12  ? -2.498  -10.268 11.429  1.00 20.55 ?  12  PHE A CZ  1 
ATOM   20   N N   . THR A 1 13  ? -7.582  -8.744  13.636  1.00 20.65 ?  13  THR A N   1 
ATOM   21   C CA  . THR A 1 13  ? -8.453  -9.153  12.554  1.00 20.83 ?  13  THR A CA  1 
ATOM   22   C C   . THR A 1 13  ? -8.302  -8.125  11.434  1.00 23.76 ?  13  THR A C   1 
ATOM   23   O O   . THR A 1 13  ? -7.780  -7.051  11.667  1.00 23.37 ?  13  THR A O   1 
ATOM   24   C CB  . THR A 1 13  ? -9.920  -9.233  12.995  1.00 24.78 ?  13  THR A CB  1 
ATOM   25   O OG1 . THR A 1 13  ? -10.343 -7.959  13.495  1.00 22.99 ?  13  THR A OG1 1 
ATOM   26   C CG2 . THR A 1 13  ? -10.092 -10.266 14.103  1.00 25.02 ?  13  THR A CG2 1 
ATOM   27   N N   . LEU A 1 14  ? -8.760  -8.461  10.237  1.00 21.26 ?  14  LEU A N   1 
ATOM   28   C CA  . LEU A 1 14  ? -8.788  -7.502  9.129   1.00 21.96 ?  14  LEU A CA  1 
ATOM   29   C C   . LEU A 1 14  ? -10.208 -7.290  8.706   1.00 22.10 ?  14  LEU A C   1 
ATOM   30   O O   . LEU A 1 14  ? -11.013 -8.216  8.769   1.00 23.02 ?  14  LEU A O   1 
ATOM   31   C CB  . LEU A 1 14  ? -7.997  -8.002  7.915   1.00 19.33 ?  14  LEU A CB  1 
ATOM   32   C CG  . LEU A 1 14  ? -6.530  -8.380  8.069   1.00 19.30 ?  14  LEU A CG  1 
ATOM   33   C CD1 . LEU A 1 14  ? -5.926  -8.715  6.683   1.00 18.02 ?  14  LEU A CD1 1 
ATOM   34   C CD2 . LEU A 1 14  ? -5.759  -7.284  8.737   1.00 19.16 ?  14  LEU A CD2 1 
ATOM   35   N N   . ARG A 1 15  ? -10.512 -6.086  8.239   1.00 17.89 ?  15  ARG A N   1 
ATOM   36   C CA  . ARG A 1 15  ? -11.749 -5.850  7.532   1.00 21.38 ?  15  ARG A CA  1 
ATOM   37   C C   . ARG A 1 15  ? -11.572 -4.674  6.571   1.00 17.65 ?  15  ARG A C   1 
ATOM   38   O O   . ARG A 1 15  ? -10.578 -3.937  6.633   1.00 19.55 ?  15  ARG A O   1 
ATOM   39   C CB  . ARG A 1 15  ? -12.894 -5.578  8.508   1.00 22.15 ?  15  ARG A CB  1 
ATOM   40   C CG  . ARG A 1 15  ? -12.658 -4.395  9.414   1.00 23.53 ?  15  ARG A CG  1 
ATOM   41   C CD  . ARG A 1 15  ? -13.938 -4.025  10.148  1.00 27.34 ?  15  ARG A CD  1 
ATOM   42   N NE  . ARG A 1 15  ? -13.716 -2.951  11.110  1.00 27.60 ?  15  ARG A NE  1 
ATOM   43   C CZ  . ARG A 1 15  ? -13.548 -1.675  10.770  1.00 31.62 ?  15  ARG A CZ  1 
ATOM   44   N NH1 . ARG A 1 15  ? -13.563 -1.326  9.487   1.00 29.32 1  15  ARG A NH1 1 
ATOM   45   N NH2 . ARG A 1 15  ? -13.357 -0.756  11.706  1.00 30.97 ?  15  ARG A NH2 1 
ATOM   46   N N   . ASN A 1 16  ? -12.503 -4.524  5.649   1.00 19.23 ?  16  ASN A N   1 
ATOM   47   C CA  . ASN A 1 16  ? -12.468 -3.328  4.809   1.00 20.00 ?  16  ASN A CA  1 
ATOM   48   C C   . ASN A 1 16  ? -12.602 -2.052  5.646   1.00 26.50 ?  16  ASN A C   1 
ATOM   49   O O   . ASN A 1 16  ? -13.309 -2.015  6.676   1.00 23.38 ?  16  ASN A O   1 
ATOM   50   C CB  . ASN A 1 16  ? -13.558 -3.413  3.740   1.00 22.64 ?  16  ASN A CB  1 
ATOM   51   C CG  . ASN A 1 16  ? -13.217 -4.408  2.650   1.00 24.84 ?  16  ASN A CG  1 
ATOM   52   O OD1 . ASN A 1 16  ? -13.672 -5.550  2.665   1.00 26.15 ?  16  ASN A OD1 1 
ATOM   53   N ND2 . ASN A 1 16  ? -12.398 -3.983  1.705   1.00 23.43 ?  16  ASN A ND2 1 
ATOM   54   N N   . ALA A 1 17  ? -11.879 -1.013  5.232   1.00 17.75 ?  17  ALA A N   1 
ATOM   55   C CA  . ALA A 1 17  ? -11.977 0.271   5.890   1.00 20.03 ?  17  ALA A CA  1 
ATOM   56   C C   . ALA A 1 17  ? -13.357 0.883   5.707   1.00 20.87 ?  17  ALA A C   1 
ATOM   57   O O   . ALA A 1 17  ? -14.009 0.655   4.684   1.00 19.49 ?  17  ALA A O   1 
ATOM   58   C CB  . ALA A 1 17  ? -10.909 1.219   5.348   1.00 17.93 ?  17  ALA A CB  1 
ATOM   59   N N   . ARG A 1 18  ? -13.770 1.684   6.686   1.00 21.78 ?  18  ARG A N   1 
ATOM   60   C CA  . ARG A 1 18  ? -15.033 2.430   6.637   1.00 22.94 ?  18  ARG A CA  1 
ATOM   61   C C   . ARG A 1 18  ? -14.761 3.897   6.935   1.00 22.96 ?  18  ARG A C   1 
ATOM   62   O O   . ARG A 1 18  ? -13.721 4.219   7.504   1.00 21.94 ?  18  ARG A O   1 
ATOM   63   C CB  . ARG A 1 18  ? -16.037 1.855   7.645   1.00 24.75 ?  18  ARG A CB  1 
ATOM   64   C CG  . ARG A 1 18  ? -16.305 0.351   7.459   1.00 30.65 ?  18  ARG A CG  1 
ATOM   65   C CD  . ARG A 1 18  ? -17.213 -0.196  8.562   1.00 36.11 ?  18  ARG A CD  1 
ATOM   66   N NE  . ARG A 1 18  ? -16.751 0.204   9.890   1.00 44.58 ?  18  ARG A NE  1 
ATOM   67   C CZ  . ARG A 1 18  ? -17.465 0.063   11.003  1.00 52.56 ?  18  ARG A CZ  1 
ATOM   68   N NH1 . ARG A 1 18  ? -18.680 -0.470  10.949  1.00 53.70 1  18  ARG A NH1 1 
ATOM   69   N NH2 . ARG A 1 18  ? -16.967 0.456   12.171  1.00 49.87 ?  18  ARG A NH2 1 
ATOM   70   N N   . MET A 1 19  ? -15.702 4.780   6.598   1.00 23.17 ?  19  MET A N   1 
ATOM   71   C CA  . MET A 1 19  ? -15.489 6.217   6.802   1.00 26.73 ?  19  MET A CA  1 
ATOM   72   C C   . MET A 1 19  ? -15.080 6.550   8.230   1.00 26.88 ?  19  MET A C   1 
ATOM   73   O O   . MET A 1 19  ? -14.227 7.402   8.454   1.00 29.91 ?  19  MET A O   1 
ATOM   74   C CB  . MET A 1 19  ? -16.748 7.002   6.430   1.00 27.60 ?  19  MET A CB  1 
ATOM   75   C CG  . MET A 1 19  ? -16.966 7.097   4.942   1.00 30.09 ?  19  MET A CG  1 
ATOM   76   S SD  . MET A 1 19  ? -15.742 8.161   4.145   1.00 33.51 ?  19  MET A SD  1 
ATOM   77   C CE  . MET A 1 19  ? -16.178 9.757   4.864   1.00 32.46 ?  19  MET A CE  1 
ATOM   78   N N   . ASP A 1 20  ? -15.669 5.851   9.194   1.00 28.42 ?  20  ASP A N   1 
ATOM   79   C CA  . ASP A 1 20  ? -15.385 6.109   10.595  1.00 25.80 ?  20  ASP A CA  1 
ATOM   80   C C   . ASP A 1 20  ? -13.996 5.657   11.035  1.00 29.53 ?  20  ASP A C   1 
ATOM   81   O O   . ASP A 1 20  ? -13.578 5.962   12.150  1.00 30.52 ?  20  ASP A O   1 
ATOM   82   C CB  . ASP A 1 20  ? -16.456 5.452   11.468  1.00 34.13 ?  20  ASP A CB  1 
ATOM   83   C CG  . ASP A 1 20  ? -17.790 6.198   11.411  1.00 47.79 ?  20  ASP A CG  1 
ATOM   84   O OD1 . ASP A 1 20  ? -17.897 7.174   10.630  1.00 48.55 ?  20  ASP A OD1 1 
ATOM   85   O OD2 . ASP A 1 20  ? -18.735 5.809   12.135  1.00 49.61 -1 20  ASP A OD2 1 
ATOM   86   N N   . ASP A 1 21  ? -13.276 4.946   10.164  1.00 28.79 ?  21  ASP A N   1 
ATOM   87   C CA  . ASP A 1 21  ? -11.883 4.588   10.442  1.00 26.62 ?  21  ASP A CA  1 
ATOM   88   C C   . ASP A 1 21  ? -10.878 5.690   10.120  1.00 26.15 ?  21  ASP A C   1 
ATOM   89   O O   . ASP A 1 21  ? -9.742  5.634   10.594  1.00 23.02 ?  21  ASP A O   1 
ATOM   90   C CB  . ASP A 1 21  ? -11.462 3.347   9.652   1.00 26.03 ?  21  ASP A CB  1 
ATOM   91   C CG  . ASP A 1 21  ? -12.254 2.115   10.017  1.00 28.35 ?  21  ASP A CG  1 
ATOM   92   O OD1 . ASP A 1 21  ? -12.542 1.909   11.219  1.00 33.66 ?  21  ASP A OD1 1 
ATOM   93   O OD2 . ASP A 1 21  ? -12.573 1.343   9.089   1.00 28.91 -1 21  ASP A OD2 1 
ATOM   94   N N   . ILE A 1 22  ? -11.273 6.658   9.296   1.00 22.25 ?  22  ILE A N   1 
ATOM   95   C CA  . ILE A 1 22  ? -10.315 7.607   8.719   1.00 22.04 ?  22  ILE A CA  1 
ATOM   96   C C   . ILE A 1 22  ? -9.530  8.382   9.769   1.00 25.96 ?  22  ILE A C   1 
ATOM   97   O O   . ILE A 1 22  ? -8.331  8.594   9.611   1.00 23.17 ?  22  ILE A O   1 
ATOM   98   C CB  . ILE A 1 22  ? -11.011 8.613   7.776   1.00 27.01 ?  22  ILE A CB  1 
ATOM   99   C CG1 . ILE A 1 22  ? -11.776 7.873   6.676   1.00 31.63 ?  22  ILE A CG1 1 
ATOM   100  C CG2 . ILE A 1 22  ? -9.996  9.568   7.162   1.00 24.21 ?  22  ILE A CG2 1 
ATOM   101  C CD1 . ILE A 1 22  ? -10.916 7.143   5.720   1.00 30.86 ?  22  ILE A CD1 1 
ATOM   102  N N   . ASP A 1 23  ? -10.191 8.795   10.849  1.00 26.46 ?  23  ASP A N   1 
ATOM   103  C CA  . ASP A 1 23  ? -9.501  9.542   11.898  1.00 28.28 ?  23  ASP A CA  1 
ATOM   104  C C   . ASP A 1 23  ? -8.325  8.754   12.488  1.00 24.90 ?  23  ASP A C   1 
ATOM   105  O O   . ASP A 1 23  ? -7.242  9.307   12.688  1.00 24.54 ?  23  ASP A O   1 
ATOM   106  C CB  . ASP A 1 23  ? -10.479 9.953   13.003  1.00 25.93 ?  23  ASP A CB  1 
ATOM   107  C CG  . ASP A 1 23  ? -11.276 11.197  12.637  1.00 39.72 ?  23  ASP A CG  1 
ATOM   108  O OD1 . ASP A 1 23  ? -10.884 11.891  11.672  1.00 40.05 ?  23  ASP A OD1 1 
ATOM   109  O OD2 . ASP A 1 23  ? -12.289 11.484  13.309  1.00 43.68 -1 23  ASP A OD2 1 
ATOM   110  N N   . GLN A 1 24  ? -8.526  7.467   12.751  1.00 22.96 ?  24  GLN A N   1 
ATOM   111  C CA  . GLN A 1 24  ? -7.456  6.652   13.314  1.00 23.49 ?  24  GLN A CA  1 
ATOM   112  C C   . GLN A 1 24  ? -6.377  6.365   12.266  1.00 21.54 ?  24  GLN A C   1 
ATOM   113  O O   . GLN A 1 24  ? -5.197  6.306   12.579  1.00 24.40 ?  24  GLN A O   1 
ATOM   114  C CB  . GLN A 1 24  ? -7.999  5.323   13.870  1.00 27.29 ?  24  GLN A CB  1 
ATOM   115  C CG  . GLN A 1 24  ? -8.977  5.459   15.032  1.00 33.30 ?  24  GLN A CG  1 
ATOM   116  C CD  . GLN A 1 24  ? -9.693  4.151   15.347  1.00 35.48 ?  24  GLN A CD  1 
ATOM   117  O OE1 . GLN A 1 24  ? -9.082  3.194   15.824  1.00 33.94 ?  24  GLN A OE1 1 
ATOM   118  N NE2 . GLN A 1 24  ? -10.991 4.103   15.063  1.00 37.61 ?  24  GLN A NE2 1 
ATOM   119  N N   . ILE A 1 25  ? -6.803  6.169   11.028  1.00 21.02 ?  25  ILE A N   1 
ATOM   120  C CA  . ILE A 1 25  ? -5.877  5.961   9.915   1.00 21.53 ?  25  ILE A CA  1 
ATOM   121  C C   . ILE A 1 25  ? -4.931  7.139   9.740   1.00 24.85 ?  25  ILE A C   1 
ATOM   122  O O   . ILE A 1 25  ? -3.725  6.960   9.564   1.00 23.02 ?  25  ILE A O   1 
ATOM   123  C CB  . ILE A 1 25  ? -6.660  5.702   8.604   1.00 19.92 ?  25  ILE A CB  1 
ATOM   124  C CG1 . ILE A 1 25  ? -7.298  4.297   8.649   1.00 20.90 ?  25  ILE A CG1 1 
ATOM   125  C CG2 . ILE A 1 25  ? -5.753  5.867   7.385   1.00 19.21 ?  25  ILE A CG2 1 
ATOM   126  C CD1 . ILE A 1 25  ? -8.263  4.004   7.483   1.00 19.80 ?  25  ILE A CD1 1 
ATOM   127  N N   . ILE A 1 26  ? -5.479  8.351   9.801   1.00 19.42 ?  26  ILE A N   1 
ATOM   128  C CA  . ILE A 1 26  ? -4.669  9.550   9.687   1.00 22.24 ?  26  ILE A CA  1 
ATOM   129  C C   . ILE A 1 26  ? -3.673  9.625   10.836  1.00 23.12 ?  26  ILE A C   1 
ATOM   130  O O   . ILE A 1 26  ? -2.507  9.932   10.622  1.00 26.56 ?  26  ILE A O   1 
ATOM   131  C CB  . ILE A 1 26  ? -5.553  10.837  9.656   1.00 24.33 ?  26  ILE A CB  1 
ATOM   132  C CG1 . ILE A 1 26  ? -6.389  10.866  8.374   1.00 27.71 ?  26  ILE A CG1 1 
ATOM   133  C CG2 . ILE A 1 26  ? -4.693  12.090  9.766   1.00 26.34 ?  26  ILE A CG2 1 
ATOM   134  C CD1 . ILE A 1 26  ? -7.281  12.112  8.251   1.00 25.77 ?  26  ILE A CD1 1 
ATOM   135  N N   . LYS A 1 27  ? -4.136  9.326   12.044  1.00 22.80 ?  27  LYS A N   1 
ATOM   136  C CA  . LYS A 1 27  ? -3.264  9.300   13.209  1.00 28.44 ?  27  LYS A CA  1 
ATOM   137  C C   . LYS A 1 27  ? -2.075  8.375   13.001  1.00 27.97 ?  27  LYS A C   1 
ATOM   138  O O   . LYS A 1 27  ? -0.932  8.747   13.264  1.00 28.92 ?  27  LYS A O   1 
ATOM   139  C CB  . LYS A 1 27  ? -4.039  8.857   14.450  1.00 30.19 ?  27  LYS A CB  1 
ATOM   140  C CG  . LYS A 1 27  ? -3.143  8.514   15.642  1.00 32.46 ?  27  LYS A CG  1 
ATOM   141  C CD  . LYS A 1 27  ? -3.849  7.599   16.642  1.00 43.92 ?  27  LYS A CD  1 
ATOM   142  C CE  . LYS A 1 27  ? -3.000  6.367   16.951  1.00 37.82 ?  27  LYS A CE  1 
ATOM   143  N NZ  . LYS A 1 27  ? -3.558  5.571   18.085  1.00 50.34 1  27  LYS A NZ  1 
ATOM   144  N N   . ILE A 1 28  ? -2.354  7.163   12.532  1.00 24.92 ?  28  ILE A N   1 
ATOM   145  C CA  . ILE A 1 28  ? -1.305  6.188   12.241  1.00 21.12 ?  28  ILE A CA  1 
ATOM   146  C C   . ILE A 1 28  ? -0.336  6.725   11.192  1.00 26.19 ?  28  ILE A C   1 
ATOM   147  O O   . ILE A 1 28  ? 0.886   6.632   11.325  1.00 26.81 ?  28  ILE A O   1 
ATOM   148  C CB  . ILE A 1 28  ? -1.919  4.862   11.744  1.00 22.74 ?  28  ILE A CB  1 
ATOM   149  C CG1 . ILE A 1 28  ? -2.732  4.213   12.868  1.00 24.96 ?  28  ILE A CG1 1 
ATOM   150  C CG2 . ILE A 1 28  ? -0.825  3.916   11.258  1.00 21.99 ?  28  ILE A CG2 1 
ATOM   151  C CD1 . ILE A 1 28  ? -3.580  3.034   12.416  1.00 24.90 ?  28  ILE A CD1 1 
ATOM   152  N N   . ASN A 1 29  ? -0.897  7.303   10.142  1.00 21.73 ?  29  ASN A N   1 
ATOM   153  C CA  . ASN A 1 29  ? -0.102  7.854   9.065   1.00 23.88 ?  29  ASN A CA  1 
ATOM   154  C C   . ASN A 1 29  ? 0.818   8.965   9.589   1.00 29.05 ?  29  ASN A C   1 
ATOM   155  O O   . ASN A 1 29  ? 2.012   8.998   9.277   1.00 26.23 ?  29  ASN A O   1 
ATOM   156  C CB  . ASN A 1 29  ? -1.038  8.366   7.969   1.00 23.28 ?  29  ASN A CB  1 
ATOM   157  C CG  . ASN A 1 29  ? -0.318  9.122   6.882   1.00 26.99 ?  29  ASN A CG  1 
ATOM   158  O OD1 . ASN A 1 29  ? -0.370  10.348  6.834   1.00 34.32 ?  29  ASN A OD1 1 
ATOM   159  N ND2 . ASN A 1 29  ? 0.329   8.397   5.977   1.00 24.06 ?  29  ASN A ND2 1 
ATOM   160  N N   . ARG A 1 30  ? 0.256   9.850   10.410  1.00 30.17 ?  30  ARG A N   1 
ATOM   161  C CA  . ARG A 1 30  ? 1.019   10.960  10.976  1.00 36.34 ?  30  ARG A CA  1 
ATOM   162  C C   . ARG A 1 30  ? 2.174   10.458  11.837  1.00 34.76 ?  30  ARG A C   1 
ATOM   163  O O   . ARG A 1 30  ? 3.259   11.034  11.821  1.00 38.56 ?  30  ARG A O   1 
ATOM   164  C CB  . ARG A 1 30  ? 0.112   11.880  11.798  1.00 38.52 ?  30  ARG A CB  1 
ATOM   165  C CG  . ARG A 1 30  ? -1.004  12.559  11.001  1.00 43.33 ?  30  ARG A CG  1 
ATOM   166  C CD  . ARG A 1 30  ? -0.493  13.308  9.773   1.00 45.79 ?  30  ARG A CD  1 
ATOM   167  N NE  . ARG A 1 30  ? -1.524  14.178  9.193   1.00 45.33 ?  30  ARG A NE  1 
ATOM   168  C CZ  . ARG A 1 30  ? -2.155  13.949  8.041   1.00 46.05 ?  30  ARG A CZ  1 
ATOM   169  N NH1 . ARG A 1 30  ? -1.871  12.867  7.312   1.00 39.81 1  30  ARG A NH1 1 
ATOM   170  N NH2 . ARG A 1 30  ? -3.076  14.807  7.616   1.00 43.73 ?  30  ARG A NH2 1 
ATOM   171  N N   . LEU A 1 31  ? 1.953   9.360   12.555  1.00 32.57 ?  31  LEU A N   1 
ATOM   172  C CA  . LEU A 1 31  ? 2.967   8.811   13.451  1.00 36.76 ?  31  LEU A CA  1 
ATOM   173  C C   . LEU A 1 31  ? 4.038   7.958   12.765  1.00 40.20 ?  31  LEU A C   1 
ATOM   174  O O   . LEU A 1 31  ? 5.141   7.802   13.293  1.00 43.19 ?  31  LEU A O   1 
ATOM   175  C CB  . LEU A 1 31  ? 2.301   7.968   14.537  1.00 37.87 ?  31  LEU A CB  1 
ATOM   176  C CG  . LEU A 1 31  ? 1.542   8.718   15.632  1.00 44.64 ?  31  LEU A CG  1 
ATOM   177  C CD1 . LEU A 1 31  ? 0.747   7.745   16.488  1.00 40.84 ?  31  LEU A CD1 1 
ATOM   178  C CD2 . LEU A 1 31  ? 2.510   9.510   16.484  1.00 44.00 ?  31  LEU A CD2 1 
ATOM   179  N N   . THR A 1 32  ? 3.726   7.397   11.601  1.00 32.20 ?  32  THR A N   1 
ATOM   180  C CA  . THR A 1 32  ? 4.594   6.369   11.037  1.00 31.75 ?  32  THR A CA  1 
ATOM   181  C C   . THR A 1 32  ? 5.195   6.730   9.693   1.00 32.09 ?  32  THR A C   1 
ATOM   182  O O   . THR A 1 32  ? 6.131   6.078   9.247   1.00 32.82 ?  32  THR A O   1 
ATOM   183  C CB  . THR A 1 32  ? 3.845   5.029   10.867  1.00 32.42 ?  32  THR A CB  1 
ATOM   184  O OG1 . THR A 1 32  ? 2.757   5.210   9.960   1.00 33.61 ?  32  THR A OG1 1 
ATOM   185  C CG2 . THR A 1 32  ? 3.314   4.539   12.189  1.00 32.97 ?  32  THR A CG2 1 
ATOM   186  N N   . LEU A 1 33  ? 4.665   7.763   9.043   1.00 32.21 ?  33  LEU A N   1 
ATOM   187  C CA  . LEU A 1 33  ? 5.075   8.079   7.682   1.00 29.97 ?  33  LEU A CA  1 
ATOM   188  C C   . LEU A 1 33  ? 5.303   9.586   7.484   1.00 37.55 ?  33  LEU A C   1 
ATOM   189  O O   . LEU A 1 33  ? 4.767   10.404  8.229   1.00 36.33 ?  33  LEU A O   1 
ATOM   190  C CB  . LEU A 1 33  ? 4.029   7.563   6.689   1.00 33.09 ?  33  LEU A CB  1 
ATOM   191  C CG  . LEU A 1 33  ? 3.944   6.042   6.540   1.00 31.36 ?  33  LEU A CG  1 
ATOM   192  C CD1 . LEU A 1 33  ? 2.687   5.635   5.799   1.00 28.78 ?  33  LEU A CD1 1 
ATOM   193  C CD2 . LEU A 1 33  ? 5.176   5.518   5.813   1.00 36.10 ?  33  LEU A CD2 1 
ATOM   194  N N   . PRO A 1 34  ? 6.115   9.952   6.480   1.00 48.11 ?  34  PRO A N   1 
ATOM   195  C CA  . PRO A 1 34  ? 6.362   11.361  6.159   1.00 44.68 ?  34  PRO A CA  1 
ATOM   196  C C   . PRO A 1 34  ? 5.360   11.956  5.164   1.00 48.46 ?  34  PRO A C   1 
ATOM   197  O O   . PRO A 1 34  ? 5.204   13.176  5.119   1.00 43.98 ?  34  PRO A O   1 
ATOM   198  C CB  . PRO A 1 34  ? 7.761   11.327  5.549   1.00 45.92 ?  34  PRO A CB  1 
ATOM   199  C CG  . PRO A 1 34  ? 7.806   10.024  4.859   1.00 50.32 ?  34  PRO A CG  1 
ATOM   200  C CD  . PRO A 1 34  ? 7.027   9.062   5.738   1.00 48.26 ?  34  PRO A CD  1 
ATOM   201  N N   . GLU A 1 35  ? 4.716   11.108  4.369   1.00 44.87 ?  35  GLU A N   1 
ATOM   202  C CA  . GLU A 1 35  ? 3.706   11.553  3.413   1.00 43.35 ?  35  GLU A CA  1 
ATOM   203  C C   . GLU A 1 35  ? 2.361   11.723  4.106   1.00 42.29 ?  35  GLU A C   1 
ATOM   204  O O   . GLU A 1 35  ? 1.550   10.801  4.136   1.00 41.26 ?  35  GLU A O   1 
ATOM   205  C CB  . GLU A 1 35  ? 3.577   10.559  2.256   1.00 48.08 ?  35  GLU A CB  1 
ATOM   206  C CG  . GLU A 1 35  ? 4.905   10.063  1.697   1.00 51.59 ?  35  GLU A CG  1 
ATOM   207  C CD  . GLU A 1 35  ? 5.470   8.874   2.464   1.00 57.64 ?  35  GLU A CD  1 
ATOM   208  O OE1 . GLU A 1 35  ? 4.678   8.074   3.013   1.00 54.56 ?  35  GLU A OE1 1 
ATOM   209  O OE2 . GLU A 1 35  ? 6.712   8.741   2.518   1.00 59.36 -1 35  GLU A OE2 1 
ATOM   210  N N   . ASN A 1 36  ? 2.124   12.899  4.673   1.00 41.07 ?  36  ASN A N   1 
ATOM   211  C CA  . ASN A 1 36  ? 0.898   13.118  5.419   1.00 38.47 ?  36  ASN A CA  1 
ATOM   212  C C   . ASN A 1 36  ? -0.189  13.737  4.545   1.00 37.07 ?  36  ASN A C   1 
ATOM   213  O O   . ASN A 1 36  ? -0.356  14.950  4.469   1.00 37.69 ?  36  ASN A O   1 
ATOM   214  C CB  . ASN A 1 36  ? 1.166   13.984  6.643   1.00 45.00 ?  36  ASN A CB  1 
ATOM   215  C CG  . ASN A 1 36  ? 2.289   13.436  7.500   1.00 44.79 ?  36  ASN A CG  1 
ATOM   216  O OD1 . ASN A 1 36  ? 3.162   14.182  7.936   1.00 48.01 ?  36  ASN A OD1 1 
ATOM   217  N ND2 . ASN A 1 36  ? 2.286   12.121  7.725   1.00 41.10 ?  36  ASN A ND2 1 
ATOM   218  N N   . TYR A 1 37  ? -0.921  12.854  3.889   1.00 26.85 ?  37  TYR A N   1 
ATOM   219  C CA  . TYR A 1 37  ? -2.049  13.198  3.045   1.00 23.71 ?  37  TYR A CA  1 
ATOM   220  C C   . TYR A 1 37  ? -3.184  13.839  3.838   1.00 24.07 ?  37  TYR A C   1 
ATOM   221  O O   . TYR A 1 37  ? -3.354  13.564  5.020   1.00 24.65 ?  37  TYR A O   1 
ATOM   222  C CB  . TYR A 1 37  ? -2.547  11.929  2.351   1.00 21.88 ?  37  TYR A CB  1 
ATOM   223  C CG  . TYR A 1 37  ? -1.539  11.357  1.394   1.00 23.29 ?  37  TYR A CG  1 
ATOM   224  C CD1 . TYR A 1 37  ? -1.225  12.028  0.219   1.00 26.60 ?  37  TYR A CD1 1 
ATOM   225  C CD2 . TYR A 1 37  ? -0.909  10.142  1.647   1.00 29.05 ?  37  TYR A CD2 1 
ATOM   226  C CE1 . TYR A 1 37  ? -0.309  11.515  -0.671  1.00 28.13 ?  37  TYR A CE1 1 
ATOM   227  C CE2 . TYR A 1 37  ? 0.011   9.620   0.760   1.00 26.54 ?  37  TYR A CE2 1 
ATOM   228  C CZ  . TYR A 1 37  ? 0.308   10.319  -0.401  1.00 35.36 ?  37  TYR A CZ  1 
ATOM   229  O OH  . TYR A 1 37  ? 1.225   9.837   -1.310  1.00 32.62 ?  37  TYR A OH  1 
ATOM   230  N N   . PRO A 1 38  ? -3.977  14.687  3.176   1.00 23.42 ?  38  PRO A N   1 
ATOM   231  C CA  . PRO A 1 38  ? -5.124  15.321  3.833   1.00 21.46 ?  38  PRO A CA  1 
ATOM   232  C C   . PRO A 1 38  ? -6.319  14.389  3.937   1.00 24.12 ?  38  PRO A C   1 
ATOM   233  O O   . PRO A 1 38  ? -6.402  13.415  3.198   1.00 18.61 ?  38  PRO A O   1 
ATOM   234  C CB  . PRO A 1 38  ? -5.435  16.501  2.913   1.00 24.79 ?  38  PRO A CB  1 
ATOM   235  C CG  . PRO A 1 38  ? -5.016  16.014  1.568   1.00 29.59 ?  38  PRO A CG  1 
ATOM   236  C CD  . PRO A 1 38  ? -3.811  15.145  1.790   1.00 22.38 ?  38  PRO A CD  1 
ATOM   237  N N   . TYR A 1 39  ? -7.246  14.710  4.836   1.00 24.27 ?  39  TYR A N   1 
ATOM   238  C CA  . TYR A 1 39  ? -8.448  13.909  5.036   1.00 20.94 ?  39  TYR A CA  1 
ATOM   239  C C   . TYR A 1 39  ? -9.177  13.570  3.719   1.00 19.43 ?  39  TYR A C   1 
ATOM   240  O O   . TYR A 1 39  ? -9.594  12.432  3.524   1.00 19.43 ?  39  TYR A O   1 
ATOM   241  C CB  . TYR A 1 39  ? -9.388  14.658  6.012   1.00 22.88 ?  39  TYR A CB  1 
ATOM   242  C CG  . TYR A 1 39  ? -10.677 13.947  6.355   1.00 22.50 ?  39  TYR A CG  1 
ATOM   243  C CD1 . TYR A 1 39  ? -10.761 13.093  7.446   1.00 26.33 ?  39  TYR A CD1 1 
ATOM   244  C CD2 . TYR A 1 39  ? -11.829 14.160  5.600   1.00 23.71 ?  39  TYR A CD2 1 
ATOM   245  C CE1 . TYR A 1 39  ? -11.954 12.448  7.760   1.00 27.80 ?  39  TYR A CE1 1 
ATOM   246  C CE2 . TYR A 1 39  ? -13.024 13.533  5.913   1.00 25.40 ?  39  TYR A CE2 1 
ATOM   247  C CZ  . TYR A 1 39  ? -13.080 12.674  6.981   1.00 27.14 ?  39  TYR A CZ  1 
ATOM   248  O OH  . TYR A 1 39  ? -14.278 12.053  7.277   1.00 28.86 ?  39  TYR A OH  1 
ATOM   249  N N   . TYR A 1 40  ? -9.329  14.545  2.813   1.00 19.73 ?  40  TYR A N   1 
ATOM   250  C CA  . TYR A 1 40  ? -10.098 14.305  1.595   1.00 18.56 ?  40  TYR A CA  1 
ATOM   251  C C   . TYR A 1 40  ? -9.440  13.251  0.698   1.00 18.43 ?  40  TYR A C   1 
ATOM   252  O O   . TYR A 1 40  ? -10.107 12.565  -0.074  1.00 17.84 ?  40  TYR A O   1 
ATOM   253  C CB  . TYR A 1 40  ? -10.311 15.608  0.805   1.00 20.12 ?  40  TYR A CB  1 
ATOM   254  C CG  . TYR A 1 40  ? -9.078  16.202  0.159   1.00 21.91 ?  40  TYR A CG  1 
ATOM   255  C CD1 . TYR A 1 40  ? -8.589  15.699  -1.045  1.00 20.59 ?  40  TYR A CD1 1 
ATOM   256  C CD2 . TYR A 1 40  ? -8.447  17.311  0.718   1.00 22.16 ?  40  TYR A CD2 1 
ATOM   257  C CE1 . TYR A 1 40  ? -7.476  16.250  -1.655  1.00 20.75 ?  40  TYR A CE1 1 
ATOM   258  C CE2 . TYR A 1 40  ? -7.329  17.883  0.106   1.00 25.21 ?  40  TYR A CE2 1 
ATOM   259  C CZ  . TYR A 1 40  ? -6.850  17.331  -1.077  1.00 28.59 ?  40  TYR A CZ  1 
ATOM   260  O OH  . TYR A 1 40  ? -5.745  17.860  -1.699  1.00 30.45 ?  40  TYR A OH  1 
ATOM   261  N N   . PHE A 1 41  ? -8.120  13.148  0.794   1.00 16.50 ?  41  PHE A N   1 
ATOM   262  C CA  . PHE A 1 41  ? -7.371  12.155  0.024   1.00 18.63 ?  41  PHE A CA  1 
ATOM   263  C C   . PHE A 1 41  ? -7.764  10.739  0.485   1.00 15.52 ?  41  PHE A C   1 
ATOM   264  O O   . PHE A 1 41  ? -8.067  9.870   -0.338  1.00 16.35 ?  41  PHE A O   1 
ATOM   265  C CB  . PHE A 1 41  ? -5.883  12.421  0.195   1.00 16.45 ?  41  PHE A CB  1 
ATOM   266  C CG  . PHE A 1 41  ? -4.987  11.570  -0.656  1.00 20.77 ?  41  PHE A CG  1 
ATOM   267  C CD1 . PHE A 1 41  ? -4.538  12.029  -1.885  1.00 25.04 ?  41  PHE A CD1 1 
ATOM   268  C CD2 . PHE A 1 41  ? -4.525  10.346  -0.191  1.00 24.00 ?  41  PHE A CD2 1 
ATOM   269  C CE1 . PHE A 1 41  ? -3.676  11.265  -2.659  1.00 26.29 ?  41  PHE A CE1 1 
ATOM   270  C CE2 . PHE A 1 41  ? -3.664  9.573   -0.965  1.00 22.14 ?  41  PHE A CE2 1 
ATOM   271  C CZ  . PHE A 1 41  ? -3.237  10.045  -2.200  1.00 21.78 ?  41  PHE A CZ  1 
ATOM   272  N N   . PHE A 1 42  ? -7.774  10.517  1.792   1.00 17.67 ?  42  PHE A N   1 
ATOM   273  C CA  . PHE A 1 42  ? -8.175  9.214   2.325   1.00 19.16 ?  42  PHE A CA  1 
ATOM   274  C C   . PHE A 1 42  ? -9.618  8.917   1.939   1.00 19.22 ?  42  PHE A C   1 
ATOM   275  O O   . PHE A 1 42  ? -9.933  7.811   1.527   1.00 16.54 ?  42  PHE A O   1 
ATOM   276  C CB  . PHE A 1 42  ? -7.993  9.158   3.842   1.00 17.31 ?  42  PHE A CB  1 
ATOM   277  C CG  . PHE A 1 42  ? -6.553  9.131   4.273   1.00 18.52 ?  42  PHE A CG  1 
ATOM   278  C CD1 . PHE A 1 42  ? -5.855  7.930   4.306   1.00 19.32 ?  42  PHE A CD1 1 
ATOM   279  C CD2 . PHE A 1 42  ? -5.893  10.294  4.632   1.00 20.70 ?  42  PHE A CD2 1 
ATOM   280  C CE1 . PHE A 1 42  ? -4.527  7.894   4.704   1.00 24.39 ?  42  PHE A CE1 1 
ATOM   281  C CE2 . PHE A 1 42  ? -4.557  10.260  5.019   1.00 23.66 ?  42  PHE A CE2 1 
ATOM   282  C CZ  . PHE A 1 42  ? -3.884  9.062   5.053   1.00 26.45 ?  42  PHE A CZ  1 
ATOM   283  N N   . VAL A 1 43  ? -10.491 9.923   2.019   1.00 16.46 ?  43  VAL A N   1 
ATOM   284  C CA  . VAL A 1 43  ? -11.898 9.709   1.711   1.00 16.66 ?  43  VAL A CA  1 
ATOM   285  C C   . VAL A 1 43  ? -12.094 9.307   0.256   1.00 18.48 ?  43  VAL A C   1 
ATOM   286  O O   . VAL A 1 43  ? -12.863 8.385   -0.040  1.00 18.66 ?  43  VAL A O   1 
ATOM   287  C CB  . VAL A 1 43  ? -12.744 10.977  2.039   1.00 17.72 ?  43  VAL A CB  1 
ATOM   288  C CG1 . VAL A 1 43  ? -14.144 10.874  1.431   1.00 21.63 ?  43  VAL A CG1 1 
ATOM   289  C CG2 . VAL A 1 43  ? -12.825 11.143  3.531   1.00 17.82 ?  43  VAL A CG2 1 
ATOM   290  N N   . GLU A 1 44  ? -11.391 9.963   -0.663  1.00 18.28 ?  44  GLU A N   1 
ATOM   291  C CA  . GLU A 1 44  ? -11.596 9.639   -2.067  1.00 18.59 ?  44  GLU A CA  1 
ATOM   292  C C   . GLU A 1 44  ? -11.083 8.250   -2.406  1.00 20.33 ?  44  GLU A C   1 
ATOM   293  O O   . GLU A 1 44  ? -11.677 7.554   -3.218  1.00 19.20 ?  44  GLU A O   1 
ATOM   294  C CB  . GLU A 1 44  ? -10.944 10.679  -2.963  1.00 20.48 ?  44  GLU A CB  1 
ATOM   295  C CG  . GLU A 1 44  ? -11.780 11.956  -2.935  1.00 18.26 ?  44  GLU A CG  1 
ATOM   296  C CD  . GLU A 1 44  ? -11.206 13.075  -3.761  1.00 24.16 ?  44  GLU A CD  1 
ATOM   297  O OE1 . GLU A 1 44  ? -10.707 14.044  -3.153  1.00 24.78 ?  44  GLU A OE1 1 
ATOM   298  O OE2 . GLU A 1 44  ? -11.296 13.004  -5.004  1.00 29.78 -1 44  GLU A OE2 1 
ATOM   299  N N   . HIS A 1 45  ? -9.973  7.850   -1.799  1.00 16.68 ?  45  HIS A N   1 
ATOM   300  C CA  . HIS A 1 45  ? -9.467  6.505   -2.074  1.00 16.29 ?  45  HIS A CA  1 
ATOM   301  C C   . HIS A 1 45  ? -10.394 5.455   -1.474  1.00 18.73 ?  45  HIS A C   1 
ATOM   302  O O   . HIS A 1 45  ? -10.573 4.375   -2.050  1.00 20.55 ?  45  HIS A O   1 
ATOM   303  C CB  . HIS A 1 45  ? -8.035  6.346   -1.543  1.00 18.36 ?  45  HIS A CB  1 
ATOM   304  C CG  . HIS A 1 45  ? -7.010  7.036   -2.385  1.00 20.21 ?  45  HIS A CG  1 
ATOM   305  N ND1 . HIS A 1 45  ? -6.942  8.408   -2.493  1.00 23.42 ?  45  HIS A ND1 1 
ATOM   306  C CD2 . HIS A 1 45  ? -6.034  6.544   -3.185  1.00 20.12 ?  45  HIS A CD2 1 
ATOM   307  C CE1 . HIS A 1 45  ? -5.958  8.736   -3.316  1.00 23.19 ?  45  HIS A CE1 1 
ATOM   308  N NE2 . HIS A 1 45  ? -5.386  7.623   -3.741  1.00 20.91 ?  45  HIS A NE2 1 
ATOM   309  N N   . LEU A 1 46  ? -11.007 5.760   -0.332  1.00 16.24 ?  46  LEU A N   1 
ATOM   310  C CA  . LEU A 1 46  ? -11.973 4.825   0.234   1.00 18.27 ?  46  LEU A CA  1 
ATOM   311  C C   . LEU A 1 46  ? -13.205 4.727   -0.675  1.00 20.55 ?  46  LEU A C   1 
ATOM   312  O O   . LEU A 1 46  ? -13.673 3.637   -0.967  1.00 21.13 ?  46  LEU A O   1 
ATOM   313  C CB  . LEU A 1 46  ? -12.366 5.234   1.657   1.00 19.84 ?  46  LEU A CB  1 
ATOM   314  C CG  . LEU A 1 46  ? -13.413 4.356   2.345   1.00 23.53 ?  46  LEU A CG  1 
ATOM   315  C CD1 . LEU A 1 46  ? -12.912 2.931   2.446   1.00 22.02 ?  46  LEU A CD1 1 
ATOM   316  C CD2 . LEU A 1 46  ? -13.765 4.905   3.718   1.00 24.55 ?  46  LEU A CD2 1 
ATOM   317  N N   . LYS A 1 47  ? -13.710 5.858   -1.169  1.00 23.84 ?  47  LYS A N   1 
ATOM   318  C CA  . LYS A 1 47  ? -14.891 5.804   -2.017  1.00 22.87 ?  47  LYS A CA  1 
ATOM   319  C C   . LYS A 1 47  ? -14.631 5.210   -3.406  1.00 21.27 ?  47  LYS A C   1 
ATOM   320  O O   . LYS A 1 47  ? -15.495 4.535   -3.959  1.00 27.58 ?  47  LYS A O   1 
ATOM   321  C CB  . LYS A 1 47  ? -15.511 7.201   -2.139  1.00 22.75 ?  47  LYS A CB  1 
ATOM   322  C CG  . LYS A 1 47  ? -15.961 7.700   -0.775  1.00 23.95 ?  47  LYS A CG  1 
ATOM   323  C CD  . LYS A 1 47  ? -16.979 8.813   -0.832  1.00 28.94 ?  47  LYS A CD  1 
ATOM   324  C CE  . LYS A 1 47  ? -17.440 9.175   0.584   1.00 32.30 ?  47  LYS A CE  1 
ATOM   325  N NZ  . LYS A 1 47  ? -18.307 8.121   1.211   1.00 39.04 1  47  LYS A NZ  1 
ATOM   326  N N   . GLU A 1 48  ? -13.454 5.450   -3.970  1.00 20.27 ?  48  GLU A N   1 
ATOM   327  C CA  . GLU A 1 48  ? -13.171 4.962   -5.313  1.00 21.62 ?  48  GLU A CA  1 
ATOM   328  C C   . GLU A 1 48  ? -12.623 3.522   -5.357  1.00 23.85 ?  48  GLU A C   1 
ATOM   329  O O   . GLU A 1 48  ? -12.888 2.788   -6.313  1.00 22.91 ?  48  GLU A O   1 
ATOM   330  C CB  . GLU A 1 48  ? -12.187 5.898   -6.010  1.00 21.90 ?  48  GLU A CB  1 
ATOM   331  C CG  . GLU A 1 48  ? -12.713 7.327   -6.177  1.00 26.52 ?  48  GLU A CG  1 
ATOM   332  C CD  . GLU A 1 48  ? -11.684 8.275   -6.780  1.00 34.22 ?  48  GLU A CD  1 
ATOM   333  O OE1 . GLU A 1 48  ? -10.501 7.900   -6.865  1.00 42.09 ?  48  GLU A OE1 1 
ATOM   334  O OE2 . GLU A 1 48  ? -12.063 9.397   -7.170  1.00 43.76 -1 48  GLU A OE2 1 
ATOM   335  N N   . TYR A 1 49  ? -11.846 3.129   -4.348  1.00 23.18 ?  49  TYR A N   1 
ATOM   336  C CA  . TYR A 1 49  ? -11.134 1.834   -4.395  1.00 21.21 ?  49  TYR A CA  1 
ATOM   337  C C   . TYR A 1 49  ? -11.299 1.059   -3.102  1.00 22.27 ?  49  TYR A C   1 
ATOM   338  O O   . TYR A 1 49  ? -10.405 0.300   -2.695  1.00 20.29 ?  49  TYR A O   1 
ATOM   339  C CB  . TYR A 1 49  ? -9.636  2.038   -4.656  1.00 20.61 ?  49  TYR A CB  1 
ATOM   340  C CG  . TYR A 1 49  ? -9.300  3.161   -5.621  1.00 20.54 ?  49  TYR A CG  1 
ATOM   341  C CD1 . TYR A 1 49  ? -9.569  3.043   -6.974  1.00 21.39 ?  49  TYR A CD1 1 
ATOM   342  C CD2 . TYR A 1 49  ? -8.696  4.331   -5.170  1.00 21.86 ?  49  TYR A CD2 1 
ATOM   343  C CE1 . TYR A 1 49  ? -9.261  4.061   -7.855  1.00 25.93 ?  49  TYR A CE1 1 
ATOM   344  C CE2 . TYR A 1 49  ? -8.384  5.362   -6.052  1.00 26.44 ?  49  TYR A CE2 1 
ATOM   345  C CZ  . TYR A 1 49  ? -8.666  5.211   -7.397  1.00 28.88 ?  49  TYR A CZ  1 
ATOM   346  O OH  . TYR A 1 49  ? -8.354  6.224   -8.288  1.00 30.32 ?  49  TYR A OH  1 
ATOM   347  N N   . GLY A 1 50  ? -12.452 1.234   -2.469  1.00 18.29 ?  50  GLY A N   1 
ATOM   348  C CA  . GLY A 1 50  ? -12.682 0.744   -1.127  1.00 19.22 ?  50  GLY A CA  1 
ATOM   349  C C   . GLY A 1 50  ? -12.586 -0.759  -0.948  1.00 19.22 ?  50  GLY A C   1 
ATOM   350  O O   . GLY A 1 50  ? -12.271 -1.219  0.139   1.00 19.04 ?  50  GLY A O   1 
ATOM   351  N N   . LEU A 1 51  ? -12.852 -1.525  -1.997  1.00 22.91 ?  51  LEU A N   1 
ATOM   352  C CA  . LEU A 1 51  ? -12.828 -2.982  -1.868  1.00 21.45 ?  51  LEU A CA  1 
ATOM   353  C C   . LEU A 1 51  ? -11.429 -3.506  -1.580  1.00 22.42 ?  51  LEU A C   1 
ATOM   354  O O   . LEU A 1 51  ? -11.271 -4.616  -1.033  1.00 19.89 ?  51  LEU A O   1 
ATOM   355  C CB  . LEU A 1 51  ? -13.387 -3.641  -3.124  1.00 21.31 ?  51  LEU A CB  1 
ATOM   356  C CG  . LEU A 1 51  ? -14.871 -3.321  -3.327  1.00 26.42 ?  51  LEU A CG  1 
ATOM   357  C CD1 . LEU A 1 51  ? -15.360 -3.849  -4.649  1.00 29.74 ?  51  LEU A CD1 1 
ATOM   358  C CD2 . LEU A 1 51  ? -15.667 -3.917  -2.178  1.00 29.01 ?  51  LEU A CD2 1 
ATOM   359  N N   . ALA A 1 52  ? -10.416 -2.710  -1.921  1.00 16.69 ?  52  ALA A N   1 
ATOM   360  C CA  . ALA A 1 52  ? -9.025  -3.122  -1.697  1.00 20.49 ?  52  ALA A CA  1 
ATOM   361  C C   . ALA A 1 52  ? -8.355  -2.333  -0.555  1.00 20.09 ?  52  ALA A C   1 
ATOM   362  O O   . ALA A 1 52  ? -7.135  -2.456  -0.332  1.00 15.59 ?  52  ALA A O   1 
ATOM   363  C CB  . ALA A 1 52  ? -8.209  -2.980  -3.015  1.00 16.51 ?  52  ALA A CB  1 
ATOM   364  N N   . PHE A 1 53  ? -9.163  -1.558  0.177   1.00 16.54 ?  53  PHE A N   1 
ATOM   365  C CA  . PHE A 1 53  ? -8.706  -0.696  1.273   1.00 15.23 ?  53  PHE A CA  1 
ATOM   366  C C   . PHE A 1 53  ? -9.030  -1.421  2.582   1.00 17.78 ?  53  PHE A C   1 
ATOM   367  O O   . PHE A 1 53  ? -10.200 -1.533  2.982   1.00 17.79 ?  53  PHE A O   1 
ATOM   368  C CB  . PHE A 1 53  ? -9.448  0.673   1.211   1.00 14.12 ?  53  PHE A CB  1 
ATOM   369  C CG  . PHE A 1 53  ? -8.819  1.808   1.992   1.00 14.98 ?  53  PHE A CG  1 
ATOM   370  C CD1 . PHE A 1 53  ? -8.930  3.126   1.498   1.00 16.88 ?  53  PHE A CD1 1 
ATOM   371  C CD2 . PHE A 1 53  ? -8.097  1.601   3.157   1.00 17.08 ?  53  PHE A CD2 1 
ATOM   372  C CE1 . PHE A 1 53  ? -8.366  4.193   2.192   1.00 15.75 ?  53  PHE A CE1 1 
ATOM   373  C CE2 . PHE A 1 53  ? -7.523  2.678   3.849   1.00 14.94 ?  53  PHE A CE2 1 
ATOM   374  C CZ  . PHE A 1 53  ? -7.663  3.971   3.356   1.00 17.36 ?  53  PHE A CZ  1 
ATOM   375  N N   . PHE A 1 54  ? -8.011  -1.937  3.253   1.00 15.68 ?  54  PHE A N   1 
ATOM   376  C CA  . PHE A 1 54  ? -8.251  -2.696  4.465   1.00 18.51 ?  54  PHE A CA  1 
ATOM   377  C C   . PHE A 1 54  ? -7.654  -2.043  5.704   1.00 16.90 ?  54  PHE A C   1 
ATOM   378  O O   . PHE A 1 54  ? -6.681  -1.294  5.621   1.00 16.87 ?  54  PHE A O   1 
ATOM   379  C CB  . PHE A 1 54  ? -7.687  -4.108  4.308   1.00 15.10 ?  54  PHE A CB  1 
ATOM   380  C CG  . PHE A 1 54  ? -8.458  -4.974  3.350   1.00 17.22 ?  54  PHE A CG  1 
ATOM   381  C CD1 . PHE A 1 54  ? -9.488  -5.796  3.815   1.00 20.38 ?  54  PHE A CD1 1 
ATOM   382  C CD2 . PHE A 1 54  ? -8.151  -5.003  2.001   1.00 17.41 ?  54  PHE A CD2 1 
ATOM   383  C CE1 . PHE A 1 54  ? -10.192 -6.614  2.933   1.00 20.49 ?  54  PHE A CE1 1 
ATOM   384  C CE2 . PHE A 1 54  ? -8.866  -5.805  1.120   1.00 19.26 ?  54  PHE A CE2 1 
ATOM   385  C CZ  . PHE A 1 54  ? -9.883  -6.611  1.585   1.00 15.43 ?  54  PHE A CZ  1 
ATOM   386  N N   . VAL A 1 55  ? -8.245  -2.350  6.855   1.00 15.69 ?  55  VAL A N   1 
ATOM   387  C CA  . VAL A 1 55  ? -7.657  -1.992  8.137   1.00 14.50 ?  55  VAL A CA  1 
ATOM   388  C C   . VAL A 1 55  ? -7.430  -3.249  8.969   1.00 17.32 ?  55  VAL A C   1 
ATOM   389  O O   . VAL A 1 55  ? -8.107  -4.250  8.774   1.00 18.80 ?  55  VAL A O   1 
ATOM   390  C CB  . VAL A 1 55  ? -8.544  -1.021  8.937   1.00 17.34 ?  55  VAL A CB  1 
ATOM   391  C CG1 . VAL A 1 55  ? -8.527  0.403   8.307   1.00 16.20 ?  55  VAL A CG1 1 
ATOM   392  C CG2 . VAL A 1 55  ? -9.965  -1.572  9.064   1.00 18.86 ?  55  VAL A CG2 1 
ATOM   393  N N   . ALA A 1 56  ? -6.452  -3.174  9.867   1.00 17.24 ?  56  ALA A N   1 
ATOM   394  C CA  . ALA A 1 56  ? -6.183  -4.205  10.866  1.00 19.39 ?  56  ALA A CA  1 
ATOM   395  C C   . ALA A 1 56  ? -6.701  -3.699  12.188  1.00 22.68 ?  56  ALA A C   1 
ATOM   396  O O   . ALA A 1 56  ? -6.450  -2.542  12.551  1.00 21.14 ?  56  ALA A O   1 
ATOM   397  C CB  . ALA A 1 56  ? -4.704  -4.503  10.968  1.00 20.65 ?  56  ALA A CB  1 
ATOM   398  N N   . ILE A 1 57  ? -7.420  -4.557  12.900  1.00 21.64 ?  57  ILE A N   1 
ATOM   399  C CA  . ILE A 1 57  ? -8.087  -4.169  14.131  1.00 25.47 ?  57  ILE A CA  1 
ATOM   400  C C   . ILE A 1 57  ? -7.568  -4.968  15.318  1.00 27.96 ?  57  ILE A C   1 
ATOM   401  O O   . ILE A 1 57  ? -7.454  -6.187  15.233  1.00 23.15 ?  57  ILE A O   1 
ATOM   402  C CB  . ILE A 1 57  ? -9.606  -4.391  14.029  1.00 26.24 ?  57  ILE A CB  1 
ATOM   403  C CG1 . ILE A 1 57  ? -10.185 -3.632  12.836  1.00 24.64 ?  57  ILE A CG1 1 
ATOM   404  C CG2 . ILE A 1 57  ? -10.302 -4.009  15.354  1.00 29.70 ?  57  ILE A CG2 1 
ATOM   405  C CD1 . ILE A 1 57  ? -10.073 -2.143  12.972  1.00 27.69 ?  57  ILE A CD1 1 
ATOM   406  N N   . VAL A 1 58  ? -7.237  -4.280  16.407  1.00 26.19 ?  58  VAL A N   1 
ATOM   407  C CA  . VAL A 1 58  ? -7.021  -4.938  17.693  1.00 28.03 ?  58  VAL A CA  1 
ATOM   408  C C   . VAL A 1 58  ? -7.954  -4.331  18.734  1.00 35.11 ?  58  VAL A C   1 
ATOM   409  O O   . VAL A 1 58  ? -7.919  -3.119  18.962  1.00 34.77 ?  58  VAL A O   1 
ATOM   410  C CB  . VAL A 1 58  ? -5.581  -4.810  18.177  1.00 31.24 ?  58  VAL A CB  1 
ATOM   411  C CG1 . VAL A 1 58  ? -5.455  -5.375  19.582  1.00 34.15 ?  58  VAL A CG1 1 
ATOM   412  C CG2 . VAL A 1 58  ? -4.632  -5.542  17.235  1.00 29.34 ?  58  VAL A CG2 1 
ATOM   413  N N   . ASP A 1 59  ? -8.776  -5.173  19.359  1.00 37.30 ?  59  ASP A N   1 
ATOM   414  C CA  . ASP A 1 59  ? -9.780  -4.737  20.338  1.00 45.28 ?  59  ASP A CA  1 
ATOM   415  C C   . ASP A 1 59  ? -10.438 -3.398  19.976  1.00 45.22 ?  59  ASP A C   1 
ATOM   416  O O   . ASP A 1 59  ? -10.249 -2.386  20.660  1.00 46.10 ?  59  ASP A O   1 
ATOM   417  C CB  . ASP A 1 59  ? -9.154  -4.659  21.732  1.00 48.68 ?  59  ASP A CB  1 
ATOM   418  C CG  . ASP A 1 59  ? -9.378  -5.928  22.545  1.00 59.32 ?  59  ASP A CG  1 
ATOM   419  O OD1 . ASP A 1 59  ? -10.451 -6.555  22.397  1.00 64.28 ?  59  ASP A OD1 1 
ATOM   420  O OD2 . ASP A 1 59  ? -8.481  -6.301  23.335  1.00 68.20 -1 59  ASP A OD2 1 
ATOM   421  N N   . ASN A 1 60  ? -11.173 -3.411  18.868  1.00 41.41 ?  60  ASN A N   1 
ATOM   422  C CA  . ASN A 1 60  ? -11.930 -2.253  18.385  1.00 48.41 ?  60  ASN A CA  1 
ATOM   423  C C   . ASN A 1 60  ? -11.091 -1.037  17.961  1.00 44.70 ?  60  ASN A C   1 
ATOM   424  O O   . ASN A 1 60  ? -11.653 -0.003  17.604  1.00 51.31 ?  60  ASN A O   1 
ATOM   425  C CB  . ASN A 1 60  ? -12.950 -1.810  19.443  1.00 49.56 ?  60  ASN A CB  1 
ATOM   426  C CG  . ASN A 1 60  ? -13.725 -2.971  20.034  1.00 60.61 ?  60  ASN A CG  1 
ATOM   427  O OD1 . ASN A 1 60  ? -13.525 -4.126  19.653  1.00 63.34 ?  60  ASN A OD1 1 
ATOM   428  N ND2 . ASN A 1 60  ? -14.610 -2.672  20.979  1.00 67.81 ?  60  ASN A ND2 1 
ATOM   429  N N   . SER A 1 61  ? -9.765  -1.140  18.001  1.00 35.13 ?  61  SER A N   1 
ATOM   430  C CA  . SER A 1 61  ? -8.912  -0.045  17.520  1.00 33.66 ?  61  SER A CA  1 
ATOM   431  C C   . SER A 1 61  ? -8.238  -0.384  16.188  1.00 29.27 ?  61  SER A C   1 
ATOM   432  O O   . SER A 1 61  ? -7.823  -1.513  15.973  1.00 25.44 ?  61  SER A O   1 
ATOM   433  C CB  . SER A 1 61  ? -7.834  0.305   18.554  1.00 36.37 ?  61  SER A CB  1 
ATOM   434  O OG  . SER A 1 61  ? -8.389  0.956   19.682  1.00 47.03 ?  61  SER A OG  1 
ATOM   435  N N   . VAL A 1 62  ? -8.122  0.598   15.298  1.00 29.64 ?  62  VAL A N   1 
ATOM   436  C CA  . VAL A 1 62  ? -7.343  0.408   14.070  1.00 22.71 ?  62  VAL A CA  1 
ATOM   437  C C   . VAL A 1 62  ? -5.863  0.488   14.407  1.00 25.01 ?  62  VAL A C   1 
ATOM   438  O O   . VAL A 1 62  ? -5.422  1.461   15.014  1.00 25.71 ?  62  VAL A O   1 
ATOM   439  C CB  . VAL A 1 62  ? -7.696  1.464   13.002  1.00 22.56 ?  62  VAL A CB  1 
ATOM   440  C CG1 . VAL A 1 62  ? -6.810  1.320   11.780  1.00 22.13 ?  62  VAL A CG1 1 
ATOM   441  C CG2 . VAL A 1 62  ? -9.171  1.368   12.614  1.00 23.88 ?  62  VAL A CG2 1 
ATOM   442  N N   . VAL A 1 63  ? -5.089  -0.530  14.035  1.00 22.45 ?  63  VAL A N   1 
ATOM   443  C CA  . VAL A 1 63  ? -3.659  -0.513  14.306  1.00 21.38 ?  63  VAL A CA  1 
ATOM   444  C C   . VAL A 1 63  ? -2.812  -0.538  13.033  1.00 21.71 ?  63  VAL A C   1 
ATOM   445  O O   . VAL A 1 63  ? -1.585  -0.457  13.093  1.00 23.43 ?  63  VAL A O   1 
ATOM   446  C CB  . VAL A 1 63  ? -3.240  -1.700  15.193  1.00 21.95 ?  63  VAL A CB  1 
ATOM   447  C CG1 . VAL A 1 63  ? -3.928  -1.601  16.544  1.00 29.38 ?  63  VAL A CG1 1 
ATOM   448  C CG2 . VAL A 1 63  ? -3.563  -3.034  14.495  1.00 22.12 ?  63  VAL A CG2 1 
ATOM   449  N N   . GLY A 1 64  ? -3.460  -0.641  11.880  1.00 23.02 ?  64  GLY A N   1 
ATOM   450  C CA  . GLY A 1 64  ? -2.736  -0.654  10.622  1.00 17.96 ?  64  GLY A CA  1 
ATOM   451  C C   . GLY A 1 64  ? -3.689  -0.488  9.468   1.00 19.03 ?  64  GLY A C   1 
ATOM   452  O O   . GLY A 1 64  ? -4.892  -0.665  9.641   1.00 16.67 ?  64  GLY A O   1 
ATOM   453  N N   . TYR A 1 65  ? -3.172  -0.125  8.293   1.00 15.27 ?  65  TYR A N   1 
ATOM   454  C CA  . TYR A 1 65  ? -4.052  0.015   7.146   1.00 13.67 ?  65  TYR A CA  1 
ATOM   455  C C   . TYR A 1 65  ? -3.268  -0.137  5.869   1.00 14.42 ?  65  TYR A C   1 
ATOM   456  O O   . TYR A 1 65  ? -2.037  -0.012  5.861   1.00 15.25 ?  65  TYR A O   1 
ATOM   457  C CB  . TYR A 1 65  ? -4.766  1.383   7.173   1.00 15.55 ?  65  TYR A CB  1 
ATOM   458  C CG  . TYR A 1 65  ? -3.822  2.520   6.885   1.00 15.39 ?  65  TYR A CG  1 
ATOM   459  C CD1 . TYR A 1 65  ? -3.629  2.974   5.590   1.00 18.00 ?  65  TYR A CD1 1 
ATOM   460  C CD2 . TYR A 1 65  ? -3.100  3.127   7.909   1.00 17.95 ?  65  TYR A CD2 1 
ATOM   461  C CE1 . TYR A 1 65  ? -2.747  4.013   5.319   1.00 18.63 ?  65  TYR A CE1 1 
ATOM   462  C CE2 . TYR A 1 65  ? -2.210  4.161   7.647   1.00 17.67 ?  65  TYR A CE2 1 
ATOM   463  C CZ  . TYR A 1 65  ? -2.029  4.589   6.352   1.00 20.00 ?  65  TYR A CZ  1 
ATOM   464  O OH  . TYR A 1 65  ? -1.158  5.626   6.081   1.00 23.25 ?  65  TYR A OH  1 
ATOM   465  N N   . ILE A 1 66  ? -3.988  -0.376  4.781   1.00 12.45 ?  66  ILE A N   1 
ATOM   466  C CA  . ILE A 1 66  ? -3.397  -0.309  3.457   1.00 12.57 ?  66  ILE A CA  1 
ATOM   467  C C   . ILE A 1 66  ? -4.356  0.428   2.539   1.00 14.67 ?  66  ILE A C   1 
ATOM   468  O O   . ILE A 1 66  ? -5.529  0.082   2.451   1.00 14.58 ?  66  ILE A O   1 
ATOM   469  C CB  . ILE A 1 66  ? -3.069  -1.718  2.890   1.00 14.81 ?  66  ILE A CB  1 
ATOM   470  C CG1 . ILE A 1 66  ? -2.409  -1.597  1.508   1.00 12.74 ?  66  ILE A CG1 1 
ATOM   471  C CG2 . ILE A 1 66  ? -4.323  -2.610  2.834   1.00 14.51 ?  66  ILE A CG2 1 
ATOM   472  C CD1 . ILE A 1 66  ? -1.865  -2.939  0.982   1.00 13.44 ?  66  ILE A CD1 1 
ATOM   473  N N   . MET A 1 67  ? -3.843  1.461   1.872   1.00 14.29 ?  67  MET A N   1 
ATOM   474  C CA  . MET A 1 67  ? -4.661  2.285   0.984   1.00 11.81 ?  67  MET A CA  1 
ATOM   475  C C   . MET A 1 67  ? -4.214  2.103   -0.450  1.00 14.01 ?  67  MET A C   1 
ATOM   476  O O   . MET A 1 67  ? -3.065  2.391   -0.773  1.00 16.38 ?  67  MET A O   1 
ATOM   477  C CB  . MET A 1 67  ? -4.553  3.768   1.391   1.00 15.39 ?  67  MET A CB  1 
ATOM   478  C CG  . MET A 1 67  ? -5.203  4.706   0.421   1.00 15.90 ?  67  MET A CG  1 
ATOM   479  S SD  . MET A 1 67  ? -5.401  6.378   1.137   1.00 18.96 ?  67  MET A SD  1 
ATOM   480  C CE  . MET A 1 67  ? -3.688  6.839   1.401   1.00 22.29 ?  67  MET A CE  1 
ATOM   481  N N   . PRO A 1 68  ? -5.122  1.630   -1.319  1.00 13.93 ?  68  PRO A N   1 
ATOM   482  C CA  . PRO A 1 68  ? -4.801  1.299   -2.701  1.00 16.12 ?  68  PRO A CA  1 
ATOM   483  C C   . PRO A 1 68  ? -5.233  2.380   -3.688  1.00 18.10 ?  68  PRO A C   1 
ATOM   484  O O   . PRO A 1 68  ? -6.030  3.260   -3.342  1.00 17.94 ?  68  PRO A O   1 
ATOM   485  C CB  . PRO A 1 68  ? -5.630  0.032   -2.928  1.00 17.00 ?  68  PRO A CB  1 
ATOM   486  C CG  . PRO A 1 68  ? -6.923  0.391   -2.230  1.00 19.08 ?  68  PRO A CG  1 
ATOM   487  C CD  . PRO A 1 68  ? -6.498  1.200   -0.988  1.00 16.98 ?  68  PRO A CD  1 
ATOM   488  N N   . ARG A 1 69  ? -4.717  2.277   -4.907  1.00 18.82 ?  69  ARG A N   1 
ATOM   489  C CA  . ARG A 1 69  ? -5.216  3.050   -6.038  1.00 19.23 ?  69  ARG A CA  1 
ATOM   490  C C   . ARG A 1 69  ? -5.266  2.100   -7.224  1.00 20.59 ?  69  ARG A C   1 
ATOM   491  O O   . ARG A 1 69  ? -4.338  1.323   -7.426  1.00 23.73 ?  69  ARG A O   1 
ATOM   492  C CB  . ARG A 1 69  ? -4.313  4.250   -6.332  1.00 22.38 ?  69  ARG A CB  1 
ATOM   493  C CG  . ARG A 1 69  ? -4.784  5.124   -7.476  1.00 27.57 ?  69  ARG A CG  1 
ATOM   494  C CD  . ARG A 1 69  ? -3.615  5.950   -7.979  1.00 28.86 ?  69  ARG A CD  1 
ATOM   495  N NE  . ARG A 1 69  ? -4.037  7.195   -8.594  1.00 42.41 ?  69  ARG A NE  1 
ATOM   496  C CZ  . ARG A 1 69  ? -3.217  7.988   -9.273  1.00 41.25 ?  69  ARG A CZ  1 
ATOM   497  N NH1 . ARG A 1 69  ? -1.944  7.635   -9.430  1.00 39.86 1  69  ARG A NH1 1 
ATOM   498  N NH2 . ARG A 1 69  ? -3.666  9.120   -9.798  1.00 41.07 ?  69  ARG A NH2 1 
ATOM   499  N N   . ILE A 1 70  ? -6.343  2.141   -7.998  1.00 18.25 ?  70  ILE A N   1 
ATOM   500  C CA  . ILE A 1 70  ? -6.474  1.253   -9.145  1.00 19.65 ?  70  ILE A CA  1 
ATOM   501  C C   . ILE A 1 70  ? -6.252  2.057   -10.431 1.00 21.31 ?  70  ILE A C   1 
ATOM   502  O O   . ILE A 1 70  ? -6.824  3.142   -10.590 1.00 23.86 ?  70  ILE A O   1 
ATOM   503  C CB  . ILE A 1 70  ? -7.844  0.569   -9.189  1.00 21.80 ?  70  ILE A CB  1 
ATOM   504  C CG1 . ILE A 1 70  ? -8.079  -0.251  -7.911  1.00 22.43 ?  70  ILE A CG1 1 
ATOM   505  C CG2 . ILE A 1 70  ? -7.937  -0.308  -10.433 1.00 24.30 ?  70  ILE A CG2 1 
ATOM   506  C CD1 . ILE A 1 70  ? -7.042  -1.360  -7.723  1.00 22.03 ?  70  ILE A CD1 1 
ATOM   507  N N   . GLU A 1 71  ? -5.416  1.540   -11.329 1.00 19.11 ?  71  GLU A N   1 
ATOM   508  C CA  . GLU A 1 71  ? -4.996  2.313   -12.507 1.00 24.02 ?  71  GLU A CA  1 
ATOM   509  C C   . GLU A 1 71  ? -5.081  1.510   -13.809 1.00 21.38 ?  71  GLU A C   1 
ATOM   510  O O   . GLU A 1 71  ? -5.125  0.293   -13.782 1.00 20.59 ?  71  GLU A O   1 
ATOM   511  C CB  . GLU A 1 71  ? -3.563  2.813   -12.311 1.00 24.89 ?  71  GLU A CB  1 
ATOM   512  C CG  . GLU A 1 71  ? -3.339  3.513   -10.977 1.00 24.73 ?  71  GLU A CG  1 
ATOM   513  C CD  . GLU A 1 71  ? -1.869  3.736   -10.661 1.00 22.08 ?  71  GLU A CD  1 
ATOM   514  O OE1 . GLU A 1 71  ? -1.014  3.026   -11.227 1.00 23.64 ?  71  GLU A OE1 1 
ATOM   515  O OE2 . GLU A 1 71  ? -1.582  4.625   -9.842  1.00 24.96 -1 71  GLU A OE2 1 
ATOM   516  N N   . TRP A 1 72  ? -5.120  2.198   -14.944 1.00 21.30 ?  72  TRP A N   1 
ATOM   517  C CA  . TRP A 1 72  ? -4.999  1.520   -16.239 1.00 21.65 ?  72  TRP A CA  1 
ATOM   518  C C   . TRP A 1 72  ? -3.919  2.244   -17.016 1.00 21.28 ?  72  TRP A C   1 
ATOM   519  O O   . TRP A 1 72  ? -3.944  3.467   -17.127 1.00 23.47 ?  72  TRP A O   1 
ATOM   520  C CB  . TRP A 1 72  ? -6.329  1.510   -17.011 1.00 25.86 ?  72  TRP A CB  1 
ATOM   521  C CG  . TRP A 1 72  ? -6.200  0.873   -18.367 1.00 26.68 ?  72  TRP A CG  1 
ATOM   522  C CD1 . TRP A 1 72  ? -6.028  -0.461  -18.643 1.00 30.40 ?  72  TRP A CD1 1 
ATOM   523  C CD2 . TRP A 1 72  ? -6.212  1.547   -19.626 1.00 30.25 ?  72  TRP A CD2 1 
ATOM   524  N NE1 . TRP A 1 72  ? -5.930  -0.649  -20.007 1.00 29.11 ?  72  TRP A NE1 1 
ATOM   525  C CE2 . TRP A 1 72  ? -6.043  0.557   -20.625 1.00 29.13 ?  72  TRP A CE2 1 
ATOM   526  C CE3 . TRP A 1 72  ? -6.341  2.881   -20.006 1.00 28.17 ?  72  TRP A CE3 1 
ATOM   527  C CZ2 . TRP A 1 72  ? -6.006  0.881   -21.982 1.00 34.26 ?  72  TRP A CZ2 1 
ATOM   528  C CZ3 . TRP A 1 72  ? -6.311  3.195   -21.353 1.00 33.65 ?  72  TRP A CZ3 1 
ATOM   529  C CH2 . TRP A 1 72  ? -6.144  2.199   -22.327 1.00 31.32 ?  72  TRP A CH2 1 
ATOM   530  N N   . GLY A 1 73  ? -2.938  1.507   -17.522 1.00 22.36 ?  73  GLY A N   1 
ATOM   531  C CA  . GLY A 1 73  ? -1.837  2.177   -18.179 1.00 23.25 ?  73  GLY A CA  1 
ATOM   532  C C   . GLY A 1 73  ? -0.685  1.248   -18.460 1.00 25.47 ?  73  GLY A C   1 
ATOM   533  O O   . GLY A 1 73  ? -0.806  0.036   -18.320 1.00 26.60 ?  73  GLY A O   1 
ATOM   534  N N   . PHE A 1 74  ? 0.435   1.833   -18.858 1.00 22.69 ?  74  PHE A N   1 
ATOM   535  C CA  . PHE A 1 74  ? 1.594   1.064   -19.238 1.00 23.28 ?  74  PHE A CA  1 
ATOM   536  C C   . PHE A 1 74  ? 2.134   0.244   -18.060 1.00 27.06 ?  74  PHE A C   1 
ATOM   537  O O   . PHE A 1 74  ? 2.254   0.732   -16.936 1.00 24.48 ?  74  PHE A O   1 
ATOM   538  C CB  . PHE A 1 74  ? 2.672   1.983   -19.809 1.00 26.28 ?  74  PHE A CB  1 
ATOM   539  C CG  . PHE A 1 74  ? 2.280   2.623   -21.118 1.00 25.07 ?  74  PHE A CG  1 
ATOM   540  C CD1 . PHE A 1 74  ? 2.078   1.844   -22.249 1.00 32.86 ?  74  PHE A CD1 1 
ATOM   541  C CD2 . PHE A 1 74  ? 2.090   3.986   -21.208 1.00 26.74 ?  74  PHE A CD2 1 
ATOM   542  C CE1 . PHE A 1 74  ? 1.713   2.427   -23.455 1.00 32.73 ?  74  PHE A CE1 1 
ATOM   543  C CE2 . PHE A 1 74  ? 1.728   4.577   -22.416 1.00 31.21 ?  74  PHE A CE2 1 
ATOM   544  C CZ  . PHE A 1 74  ? 1.532   3.788   -23.535 1.00 32.14 ?  74  PHE A CZ  1 
ATOM   545  N N   . SER A 1 75  ? 2.424   -1.020  -18.339 1.00 23.59 ?  75  SER A N   1 
ATOM   546  C CA  . SER A 1 75  ? 3.025   -1.924  -17.369 1.00 25.26 ?  75  SER A CA  1 
ATOM   547  C C   . SER A 1 75  ? 4.411   -1.436  -16.965 1.00 30.59 ?  75  SER A C   1 
ATOM   548  O O   . SER A 1 75  ? 5.146   -0.896  -17.789 1.00 29.45 ?  75  SER A O   1 
ATOM   549  C CB  . SER A 1 75  ? 3.109   -3.336  -17.953 1.00 31.75 ?  75  SER A CB  1 
ATOM   550  O OG  . SER A 1 75  ? 3.898   -4.175  -17.130 1.00 35.42 ?  75  SER A OG  1 
ATOM   551  N N   . ASN A 1 76  ? 4.771   -1.600  -15.696 1.00 31.04 ?  76  ASN A N   1 
ATOM   552  C CA  . ASN A 1 76  ? 6.117   -1.237  -15.265 1.00 31.26 ?  76  ASN A CA  1 
ATOM   553  C C   . ASN A 1 76  ? 6.950   -2.485  -15.050 1.00 32.50 ?  76  ASN A C   1 
ATOM   554  O O   . ASN A 1 76  ? 8.050   -2.429  -14.503 1.00 36.44 ?  76  ASN A O   1 
ATOM   555  C CB  . ASN A 1 76  ? 6.080   -0.380  -13.999 1.00 30.68 ?  76  ASN A CB  1 
ATOM   556  C CG  . ASN A 1 76  ? 5.159   -0.936  -12.951 1.00 26.25 ?  76  ASN A CG  1 
ATOM   557  O OD1 . ASN A 1 76  ? 5.247   -2.108  -12.604 1.00 29.41 ?  76  ASN A OD1 1 
ATOM   558  N ND2 . ASN A 1 76  ? 4.261   -0.100  -12.440 1.00 28.48 ?  76  ASN A ND2 1 
ATOM   559  N N   . ILE A 1 77  ? 6.408   -3.613  -15.491 1.00 32.03 ?  77  ILE A N   1 
ATOM   560  C CA  . ILE A 1 77  ? 7.133   -4.871  -15.488 1.00 36.60 ?  77  ILE A CA  1 
ATOM   561  C C   . ILE A 1 77  ? 7.605   -5.214  -16.898 1.00 45.87 ?  77  ILE A C   1 
ATOM   562  O O   . ILE A 1 77  ? 8.747   -5.623  -17.099 1.00 46.62 ?  77  ILE A O   1 
ATOM   563  C CB  . ILE A 1 77  ? 6.274   -6.024  -14.939 1.00 36.38 ?  77  ILE A CB  1 
ATOM   564  C CG1 . ILE A 1 77  ? 5.757   -5.672  -13.540 1.00 35.31 ?  77  ILE A CG1 1 
ATOM   565  C CG2 . ILE A 1 77  ? 7.081   -7.310  -14.907 1.00 38.51 ?  77  ILE A CG2 1 
ATOM   566  C CD1 . ILE A 1 77  ? 5.061   -6.825  -12.807 1.00 31.85 ?  77  ILE A CD1 1 
ATOM   567  N N   . LYS A 1 78  ? 6.728   -5.022  -17.876 1.00 49.09 ?  78  LYS A N   1 
ATOM   568  C CA  . LYS A 1 78  ? 7.028   -5.400  -19.255 1.00 54.72 ?  78  LYS A CA  1 
ATOM   569  C C   . LYS A 1 78  ? 8.052   -4.487  -19.933 1.00 60.55 ?  78  LYS A C   1 
ATOM   570  O O   . LYS A 1 78  ? 8.024   -3.264  -19.775 1.00 60.84 ?  78  LYS A O   1 
ATOM   571  C CB  . LYS A 1 78  ? 5.739   -5.436  -20.074 1.00 50.80 ?  78  LYS A CB  1 
ATOM   572  C CG  . LYS A 1 78  ? 4.973   -6.737  -19.930 1.00 53.85 ?  78  LYS A CG  1 
ATOM   573  C CD  . LYS A 1 78  ? 3.599   -6.655  -20.573 1.00 53.27 ?  78  LYS A CD  1 
ATOM   574  C CE  . LYS A 1 78  ? 2.883   -7.991  -20.499 1.00 56.52 ?  78  LYS A CE  1 
ATOM   575  N NZ  . LYS A 1 78  ? 2.882   -8.544  -19.118 1.00 50.66 1  78  LYS A NZ  1 
ATOM   576  N N   . GLN A 1 79  ? 8.950   -5.109  -20.694 1.00 71.19 ?  79  GLN A N   1 
ATOM   577  C CA  . GLN A 1 79  ? 9.982   -4.405  -21.448 1.00 76.34 ?  79  GLN A CA  1 
ATOM   578  C C   . GLN A 1 79  ? 9.378   -3.466  -22.488 1.00 74.26 ?  79  GLN A C   1 
ATOM   579  O O   . GLN A 1 79  ? 9.872   -2.360  -22.710 1.00 75.69 ?  79  GLN A O   1 
ATOM   580  C CB  . GLN A 1 79  ? 10.911  -5.406  -22.144 1.00 84.22 ?  79  GLN A CB  1 
ATOM   581  C CG  . GLN A 1 79  ? 11.709  -6.307  -21.210 1.00 91.67 ?  79  GLN A CG  1 
ATOM   582  C CD  . GLN A 1 79  ? 10.930  -7.528  -20.756 1.00 93.96 ?  79  GLN A CD  1 
ATOM   583  O OE1 . GLN A 1 79  ? 9.764   -7.707  -21.112 1.00 91.70 ?  79  GLN A OE1 1 
ATOM   584  N NE2 . GLN A 1 79  ? 11.577  -8.382  -19.969 1.00 99.86 ?  79  GLN A NE2 1 
ATOM   585  N N   . LEU A 1 80  ? 8.304   -3.928  -23.119 1.00 67.54 ?  80  LEU A N   1 
ATOM   586  C CA  . LEU A 1 80  ? 7.655   -3.209  -24.206 1.00 64.02 ?  80  LEU A CA  1 
ATOM   587  C C   . LEU A 1 80  ? 6.449   -2.417  -23.707 1.00 60.28 ?  80  LEU A C   1 
ATOM   588  O O   . LEU A 1 80  ? 5.769   -2.858  -22.776 1.00 57.86 ?  80  LEU A O   1 
ATOM   589  C CB  . LEU A 1 80  ? 7.218   -4.202  -25.277 1.00 64.29 ?  80  LEU A CB  1 
ATOM   590  C CG  . LEU A 1 80  ? 7.012   -3.690  -26.698 1.00 62.39 ?  80  LEU A CG  1 
ATOM   591  C CD1 . LEU A 1 80  ? 8.353   -3.492  -27.385 1.00 59.34 ?  80  LEU A CD1 1 
ATOM   592  C CD2 . LEU A 1 80  ? 6.154   -4.671  -27.454 1.00 61.78 ?  80  LEU A CD2 1 
ATOM   593  N N   . PRO A 1 81  ? 6.181   -1.239  -24.311 1.00 58.34 ?  81  PRO A N   1 
ATOM   594  C CA  . PRO A 1 81  ? 4.955   -0.496  -23.988 1.00 53.66 ?  81  PRO A CA  1 
ATOM   595  C C   . PRO A 1 81  ? 3.697   -1.356  -24.148 1.00 52.15 ?  81  PRO A C   1 
ATOM   596  O O   . PRO A 1 81  ? 3.290   -1.677  -25.267 1.00 49.77 ?  81  PRO A O   1 
ATOM   597  C CB  . PRO A 1 81  ? 4.970   0.660   -24.994 1.00 50.67 ?  81  PRO A CB  1 
ATOM   598  C CG  . PRO A 1 81  ? 6.420   0.898   -25.246 1.00 49.03 ?  81  PRO A CG  1 
ATOM   599  C CD  . PRO A 1 81  ? 7.059   -0.472  -25.216 1.00 55.12 ?  81  PRO A CD  1 
ATOM   600  N N   . SER A 1 82  ? 3.104   -1.723  -23.013 1.00 43.52 ?  82  SER A N   1 
ATOM   601  C CA  . SER A 1 82  ? 1.946   -2.614  -22.958 1.00 38.13 ?  82  SER A CA  1 
ATOM   602  C C   . SER A 1 82  ? 0.941   -2.100  -21.927 1.00 38.12 ?  82  SER A C   1 
ATOM   603  O O   . SER A 1 82  ? 1.310   -1.873  -20.776 1.00 33.24 ?  82  SER A O   1 
ATOM   604  C CB  . SER A 1 82  ? 2.395   -4.034  -22.606 1.00 44.05 ?  82  SER A CB  1 
ATOM   605  O OG  . SER A 1 82  ? 1.297   -4.867  -22.284 1.00 49.62 ?  82  SER A OG  1 
ATOM   606  N N   . LEU A 1 83  ? -0.315  -1.913  -22.332 1.00 35.29 ?  83  LEU A N   1 
ATOM   607  C CA  . LEU A 1 83  ? -1.338  -1.366  -21.433 1.00 35.66 ?  83  LEU A CA  1 
ATOM   608  C C   . LEU A 1 83  ? -1.995  -2.431  -20.558 1.00 35.28 ?  83  LEU A C   1 
ATOM   609  O O   . LEU A 1 83  ? -2.500  -3.428  -21.062 1.00 37.05 ?  83  LEU A O   1 
ATOM   610  C CB  . LEU A 1 83  ? -2.416  -0.637  -22.236 1.00 37.39 ?  83  LEU A CB  1 
ATOM   611  C CG  . LEU A 1 83  ? -1.966  0.647   -22.939 1.00 38.44 ?  83  LEU A CG  1 
ATOM   612  C CD1 . LEU A 1 83  ? -2.999  1.089   -23.970 1.00 42.11 ?  83  LEU A CD1 1 
ATOM   613  C CD2 . LEU A 1 83  ? -1.707  1.760   -21.933 1.00 36.54 ?  83  LEU A CD2 1 
ATOM   614  N N   . VAL A 1 84  ? -1.995  -2.205  -19.245 1.00 26.77 ?  84  VAL A N   1 
ATOM   615  C CA  . VAL A 1 84  ? -2.529  -3.173  -18.288 1.00 24.03 ?  84  VAL A CA  1 
ATOM   616  C C   . VAL A 1 84  ? -3.293  -2.487  -17.152 1.00 24.48 ?  84  VAL A C   1 
ATOM   617  O O   . VAL A 1 84  ? -3.109  -1.295  -16.891 1.00 22.72 ?  84  VAL A O   1 
ATOM   618  C CB  . VAL A 1 84  ? -1.402  -4.032  -17.657 1.00 31.22 ?  84  VAL A CB  1 
ATOM   619  C CG1 . VAL A 1 84  ? -0.672  -4.855  -18.711 1.00 34.05 ?  84  VAL A CG1 1 
ATOM   620  C CG2 . VAL A 1 84  ? -0.419  -3.146  -16.898 1.00 23.20 ?  84  VAL A CG2 1 
ATOM   621  N N   . ARG A 1 85  ? -4.156  -3.237  -16.476 1.00 23.70 ?  85  ARG A N   1 
ATOM   622  C CA  . ARG A 1 85  ? -4.760  -2.759  -15.231 1.00 26.41 ?  85  ARG A CA  1 
ATOM   623  C C   . ARG A 1 85  ? -3.787  -2.984  -14.079 1.00 21.79 ?  85  ARG A C   1 
ATOM   624  O O   . ARG A 1 85  ? -3.226  -4.075  -13.940 1.00 24.78 ?  85  ARG A O   1 
ATOM   625  C CB  . ARG A 1 85  ? -6.079  -3.479  -14.944 1.00 26.99 ?  85  ARG A CB  1 
ATOM   626  C CG  . ARG A 1 85  ? -7.103  -3.347  -16.049 1.00 34.22 ?  85  ARG A CG  1 
ATOM   627  C CD  . ARG A 1 85  ? -8.079  -2.240  -15.751 1.00 39.02 ?  85  ARG A CD  1 
ATOM   628  N NE  . ARG A 1 85  ? -8.783  -2.460  -14.491 1.00 43.32 ?  85  ARG A NE  1 
ATOM   629  C CZ  . ARG A 1 85  ? -9.872  -1.789  -14.132 1.00 44.95 ?  85  ARG A CZ  1 
ATOM   630  N NH1 . ARG A 1 85  ? -10.370 -0.872  -14.950 1.00 45.14 1  85  ARG A NH1 1 
ATOM   631  N NH2 . ARG A 1 85  ? -10.467 -2.034  -12.967 1.00 37.78 ?  85  ARG A NH2 1 
ATOM   632  N N   . LYS A 1 86  ? -3.578  -1.955  -13.261 1.00 22.95 ?  86  LYS A N   1 
ATOM   633  C CA  . LYS A 1 86  ? -2.559  -2.008  -12.218 1.00 22.53 ?  86  LYS A CA  1 
ATOM   634  C C   . LYS A 1 86  ? -3.145  -1.656  -10.858 1.00 23.53 ?  86  LYS A C   1 
ATOM   635  O O   . LYS A 1 86  ? -3.950  -0.729  -10.751 1.00 22.45 ?  86  LYS A O   1 
ATOM   636  C CB  . LYS A 1 86  ? -1.415  -1.030  -12.526 1.00 26.93 ?  86  LYS A CB  1 
ATOM   637  C CG  . LYS A 1 86  ? -0.808  -1.156  -13.914 1.00 28.25 ?  86  LYS A CG  1 
ATOM   638  C CD  . LYS A 1 86  ? 0.293   -0.118  -14.139 1.00 24.12 ?  86  LYS A CD  1 
ATOM   639  C CE  . LYS A 1 86  ? -0.263  1.273   -14.447 1.00 23.21 ?  86  LYS A CE  1 
ATOM   640  N NZ  . LYS A 1 86  ? 0.839   2.192   -14.859 1.00 25.35 1  86  LYS A NZ  1 
ATOM   641  N N   . GLY A 1 87  ? -2.719  -2.367  -9.818  1.00 19.75 ?  87  GLY A N   1 
ATOM   642  C CA  . GLY A 1 87  ? -3.055  -1.967  -8.465  1.00 17.77 ?  87  GLY A CA  1 
ATOM   643  C C   . GLY A 1 87  ? -1.824  -1.313  -7.866  1.00 18.93 ?  87  GLY A C   1 
ATOM   644  O O   . GLY A 1 87  ? -0.711  -1.788  -8.034  1.00 21.05 ?  87  GLY A O   1 
ATOM   645  N N   . HIS A 1 88  ? -2.030  -0.192  -7.193  1.00 18.50 ?  88  HIS A N   1 
ATOM   646  C CA  . HIS A 1 88  ? -0.932  0.618   -6.702  1.00 17.51 ?  88  HIS A CA  1 
ATOM   647  C C   . HIS A 1 88  ? -1.121  0.776   -5.208  1.00 18.31 ?  88  HIS A C   1 
ATOM   648  O O   . HIS A 1 88  ? -2.162  1.258   -4.774  1.00 19.56 ?  88  HIS A O   1 
ATOM   649  C CB  . HIS A 1 88  ? -0.946  1.970   -7.432  1.00 19.35 ?  88  HIS A CB  1 
ATOM   650  C CG  . HIS A 1 88  ? 0.204   2.877   -7.105  1.00 21.11 ?  88  HIS A CG  1 
ATOM   651  N ND1 . HIS A 1 88  ? 0.353   4.109   -7.697  1.00 28.38 ?  88  HIS A ND1 1 
ATOM   652  C CD2 . HIS A 1 88  ? 1.261   2.724   -6.269  1.00 20.07 ?  88  HIS A CD2 1 
ATOM   653  C CE1 . HIS A 1 88  ? 1.456   4.686   -7.239  1.00 30.30 ?  88  HIS A CE1 1 
ATOM   654  N NE2 . HIS A 1 88  ? 2.017   3.871   -6.367  1.00 21.78 ?  88  HIS A NE2 1 
ATOM   655  N N   . VAL A 1 89  ? -0.143  0.364   -4.410  1.00 14.69 ?  89  VAL A N   1 
ATOM   656  C CA  . VAL A 1 89  ? -0.237  0.596   -2.971  1.00 13.34 ?  89  VAL A CA  1 
ATOM   657  C C   . VAL A 1 89  ? 0.200   2.004   -2.682  1.00 17.50 ?  89  VAL A C   1 
ATOM   658  O O   . VAL A 1 89  ? 1.367   2.329   -2.862  1.00 16.60 ?  89  VAL A O   1 
ATOM   659  C CB  . VAL A 1 89  ? 0.663   -0.369  -2.145  1.00 17.29 ?  89  VAL A CB  1 
ATOM   660  C CG1 . VAL A 1 89  ? 0.484   -0.111  -0.642  1.00 17.21 ?  89  VAL A CG1 1 
ATOM   661  C CG2 . VAL A 1 89  ? 0.364   -1.822  -2.495  1.00 16.34 ?  89  VAL A CG2 1 
ATOM   662  N N   . VAL A 1 90  ? -0.723  2.839   -2.224  1.00 12.42 ?  90  VAL A N   1 
ATOM   663  C CA  . VAL A 1 90  ? -0.407  4.251   -2.018  1.00 18.02 ?  90  VAL A CA  1 
ATOM   664  C C   . VAL A 1 90  ? 0.277   4.409   -0.670  1.00 25.20 ?  90  VAL A C   1 
ATOM   665  O O   . VAL A 1 90  ? 1.269   5.136   -0.521  1.00 21.69 ?  90  VAL A O   1 
ATOM   666  C CB  . VAL A 1 90  ? -1.667  5.121   -2.086  1.00 20.15 ?  90  VAL A CB  1 
ATOM   667  C CG1 . VAL A 1 90  ? -1.327  6.589   -1.797  1.00 22.23 ?  90  VAL A CG1 1 
ATOM   668  C CG2 . VAL A 1 90  ? -2.333  4.965   -3.439  1.00 19.14 ?  90  VAL A CG2 1 
ATOM   669  N N   . SER A 1 91  ? -0.219  3.663   0.307   1.00 16.76 ?  91  SER A N   1 
ATOM   670  C CA  . SER A 1 91  ? 0.259   3.817   1.662   1.00 17.80 ?  91  SER A CA  1 
ATOM   671  C C   . SER A 1 91  ? -0.042  2.549   2.453   1.00 23.23 ?  91  SER A C   1 
ATOM   672  O O   . SER A 1 91  ? -1.129  1.989   2.342   1.00 19.09 ?  91  SER A O   1 
ATOM   673  C CB  . SER A 1 91  ? -0.402  5.055   2.301   1.00 20.89 ?  91  SER A CB  1 
ATOM   674  O OG  . SER A 1 91  ? 0.143   5.353   3.570   1.00 24.65 ?  91  SER A OG  1 
ATOM   675  N N   . ILE A 1 92  ? 0.933   2.090   3.232   1.00 19.69 ?  92  ILE A N   1 
ATOM   676  C CA  . ILE A 1 92  ? 0.708   1.005   4.177   1.00 18.41 ?  92  ILE A CA  1 
ATOM   677  C C   . ILE A 1 92  ? 1.505   1.292   5.452   1.00 19.47 ?  92  ILE A C   1 
ATOM   678  O O   . ILE A 1 92  ? 2.667   1.703   5.405   1.00 23.60 ?  92  ILE A O   1 
ATOM   679  C CB  . ILE A 1 92  ? 1.081   -0.374  3.567   1.00 21.54 ?  92  ILE A CB  1 
ATOM   680  C CG1 . ILE A 1 92  ? 0.736   -1.514  4.528   1.00 20.88 ?  92  ILE A CG1 1 
ATOM   681  C CG2 . ILE A 1 92  ? 2.559   -0.439  3.168   1.00 25.68 ?  92  ILE A CG2 1 
ATOM   682  C CD1 . ILE A 1 92  ? 1.013   -2.888  3.933   1.00 18.88 ?  92  ILE A CD1 1 
ATOM   683  N N   . ALA A 1 93  ? 0.866   1.126   6.593   1.00 17.41 ?  93  ALA A N   1 
ATOM   684  C CA  . ALA A 1 93  ? 1.543   1.376   7.851   1.00 21.65 ?  93  ALA A CA  1 
ATOM   685  C C   . ALA A 1 93  ? 0.930   0.539   8.965   1.00 25.95 ?  93  ALA A C   1 
ATOM   686  O O   . ALA A 1 93  ? -0.248  0.197   8.919   1.00 20.72 ?  93  ALA A O   1 
ATOM   687  C CB  . ALA A 1 93  ? 1.477   2.856   8.200   1.00 21.91 ?  93  ALA A CB  1 
ATOM   688  N N   . VAL A 1 94  ? 1.747   0.213   9.963   1.00 23.49 ?  94  VAL A N   1 
ATOM   689  C CA  . VAL A 1 94  ? 1.307   -0.542  11.127  1.00 19.30 ?  94  VAL A CA  1 
ATOM   690  C C   . VAL A 1 94  ? 1.895   0.115   12.372  1.00 21.70 ?  94  VAL A C   1 
ATOM   691  O O   . VAL A 1 94  ? 3.080   0.446   12.378  1.00 26.83 ?  94  VAL A O   1 
ATOM   692  C CB  . VAL A 1 94  ? 1.763   -2.022  11.040  1.00 23.22 ?  94  VAL A CB  1 
ATOM   693  C CG1 . VAL A 1 94  ? 1.372   -2.798  12.292  1.00 22.78 ?  94  VAL A CG1 1 
ATOM   694  C CG2 . VAL A 1 94  ? 1.208   -2.695  9.779   1.00 24.10 ?  94  VAL A CG2 1 
ATOM   695  N N   . LEU A 1 95  ? 1.080   0.329   13.405  1.00 24.36 ?  95  LEU A N   1 
ATOM   696  C CA  . LEU A 1 95  ? 1.579   0.920   14.656  1.00 29.07 ?  95  LEU A CA  1 
ATOM   697  C C   . LEU A 1 95  ? 2.752   0.084   15.190  1.00 28.57 ?  95  LEU A C   1 
ATOM   698  O O   . LEU A 1 95  ? 2.708   -1.147  15.145  1.00 30.79 ?  95  LEU A O   1 
ATOM   699  C CB  . LEU A 1 95  ? 0.466   1.016   15.708  1.00 28.70 ?  95  LEU A CB  1 
ATOM   700  C CG  . LEU A 1 95  ? -0.604  2.097   15.512  1.00 29.41 ?  95  LEU A CG  1 
ATOM   701  C CD1 . LEU A 1 95  ? -1.682  2.023   16.571  1.00 31.52 ?  95  LEU A CD1 1 
ATOM   702  C CD2 . LEU A 1 95  ? 0.028   3.483   15.491  1.00 33.17 ?  95  LEU A CD2 1 
ATOM   703  N N   . GLU A 1 96  ? 3.793   0.761   15.678  1.00 37.47 ?  96  GLU A N   1 
ATOM   704  C CA  . GLU A 1 96  ? 5.033   0.111   16.120  1.00 36.38 ?  96  GLU A CA  1 
ATOM   705  C C   . GLU A 1 96  ? 4.804   -1.043  17.088  1.00 34.30 ?  96  GLU A C   1 
ATOM   706  O O   . GLU A 1 96  ? 5.447   -2.085  16.977  1.00 36.28 ?  96  GLU A O   1 
ATOM   707  C CB  . GLU A 1 96  ? 5.971   1.134   16.773  1.00 38.74 ?  96  GLU A CB  1 
ATOM   708  C CG  . GLU A 1 96  ? 7.368   0.584   17.112  1.00 47.43 ?  96  GLU A CG  1 
ATOM   709  C CD  . GLU A 1 96  ? 7.427   -0.136  18.456  1.00 49.69 ?  96  GLU A CD  1 
ATOM   710  O OE1 . GLU A 1 96  ? 6.635   0.209   19.359  1.00 51.76 ?  96  GLU A OE1 1 
ATOM   711  O OE2 . GLU A 1 96  ? 8.261   -1.055  18.608  1.00 54.16 -1 96  GLU A OE2 1 
ATOM   712  N N   . GLU A 1 97  ? 3.896   -0.854  18.037  1.00 37.34 ?  97  GLU A N   1 
ATOM   713  C CA  . GLU A 1 97  ? 3.651   -1.850  19.077  1.00 38.03 ?  97  GLU A CA  1 
ATOM   714  C C   . GLU A 1 97  ? 3.135   -3.168  18.500  1.00 40.17 ?  97  GLU A C   1 
ATOM   715  O O   . GLU A 1 97  ? 3.282   -4.225  19.110  1.00 38.14 ?  97  GLU A O   1 
ATOM   716  C CB  . GLU A 1 97  ? 2.663   -1.303  20.111  1.00 43.48 ?  97  GLU A CB  1 
ATOM   717  C CG  . GLU A 1 97  ? 3.191   -0.116  20.915  1.00 48.53 ?  97  GLU A CG  1 
ATOM   718  C CD  . GLU A 1 97  ? 3.013   1.232   20.214  1.00 53.30 ?  97  GLU A CD  1 
ATOM   719  O OE1 . GLU A 1 97  ? 2.505   1.270   19.071  1.00 44.03 ?  97  GLU A OE1 1 
ATOM   720  O OE2 . GLU A 1 97  ? 3.389   2.262   20.815  1.00 63.86 -1 97  GLU A OE2 1 
ATOM   721  N N   . TYR A 1 98  ? 2.553   -3.105  17.308  1.00 37.08 ?  98  TYR A N   1 
ATOM   722  C CA  . TYR A 1 98  ? 1.921   -4.274  16.718  1.00 33.50 ?  98  TYR A CA  1 
ATOM   723  C C   . TYR A 1 98  ? 2.668   -4.836  15.513  1.00 31.32 ?  98  TYR A C   1 
ATOM   724  O O   . TYR A 1 98  ? 2.114   -5.629  14.751  1.00 31.43 ?  98  TYR A O   1 
ATOM   725  C CB  . TYR A 1 98  ? 0.482   -3.933  16.334  1.00 33.03 ?  98  TYR A CB  1 
ATOM   726  C CG  . TYR A 1 98  ? -0.382  -3.655  17.544  1.00 34.52 ?  98  TYR A CG  1 
ATOM   727  C CD1 . TYR A 1 98  ? -0.939  -4.703  18.266  1.00 37.54 ?  98  TYR A CD1 1 
ATOM   728  C CD2 . TYR A 1 98  ? -0.617  -2.355  17.982  1.00 36.74 ?  98  TYR A CD2 1 
ATOM   729  C CE1 . TYR A 1 98  ? -1.719  -4.470  19.383  1.00 35.74 ?  98  TYR A CE1 1 
ATOM   730  C CE2 . TYR A 1 98  ? -1.403  -2.111  19.106  1.00 38.43 ?  98  TYR A CE2 1 
ATOM   731  C CZ  . TYR A 1 98  ? -1.953  -3.178  19.795  1.00 40.73 ?  98  TYR A CZ  1 
ATOM   732  O OH  . TYR A 1 98  ? -2.740  -2.974  20.911  1.00 45.90 ?  98  TYR A OH  1 
ATOM   733  N N   . ARG A 1 99  ? 3.936   -4.473  15.369  1.00 27.67 ?  99  ARG A N   1 
ATOM   734  C CA  . ARG A 1 99  ? 4.737   -4.954  14.241  1.00 27.96 ?  99  ARG A CA  1 
ATOM   735  C C   . ARG A 1 99  ? 5.317   -6.353  14.481  1.00 30.67 ?  99  ARG A C   1 
ATOM   736  O O   . ARG A 1 99  ? 5.337   -6.842  15.611  1.00 29.08 ?  99  ARG A O   1 
ATOM   737  C CB  . ARG A 1 99  ? 5.862   -3.962  13.932  1.00 29.27 ?  99  ARG A CB  1 
ATOM   738  C CG  . ARG A 1 99  ? 5.325   -2.638  13.391  1.00 29.47 ?  99  ARG A CG  1 
ATOM   739  C CD  . ARG A 1 99  ? 6.397   -1.588  13.144  1.00 30.84 ?  99  ARG A CD  1 
ATOM   740  N NE  . ARG A 1 99  ? 5.760   -0.300  12.867  1.00 29.15 ?  99  ARG A NE  1 
ATOM   741  C CZ  . ARG A 1 99  ? 6.373   0.877   12.917  1.00 33.88 ?  99  ARG A CZ  1 
ATOM   742  N NH1 . ARG A 1 99  ? 7.663   0.947   13.227  1.00 35.85 1  99  ARG A NH1 1 
ATOM   743  N NH2 . ARG A 1 99  ? 5.690   1.987   12.665  1.00 31.80 ?  99  ARG A NH2 1 
ATOM   744  N N   . ARG A 1 100 ? 5.767   -6.985  13.399  1.00 27.79 ?  100 ARG A N   1 
ATOM   745  C CA  . ARG A 1 100 ? 6.322   -8.346  13.411  1.00 32.62 ?  100 ARG A CA  1 
ATOM   746  C C   . ARG A 1 100 ? 5.289   -9.381  13.854  1.00 32.06 ?  100 ARG A C   1 
ATOM   747  O O   . ARG A 1 100 ? 5.637   -10.406 14.450  1.00 31.32 ?  100 ARG A O   1 
ATOM   748  C CB  . ARG A 1 100 ? 7.565   -8.441  14.307  1.00 29.67 ?  100 ARG A CB  1 
ATOM   749  C CG  . ARG A 1 100 ? 8.648   -7.443  13.975  1.00 35.77 ?  100 ARG A CG  1 
ATOM   750  C CD  . ARG A 1 100 ? 9.007   -7.449  12.495  1.00 36.91 ?  100 ARG A CD  1 
ATOM   751  N NE  . ARG A 1 100 ? 9.838   -8.585  12.087  1.00 42.81 ?  100 ARG A NE  1 
ATOM   752  C CZ  . ARG A 1 100 ? 11.163  -8.627  12.213  1.00 45.31 ?  100 ARG A CZ  1 
ATOM   753  N NH1 . ARG A 1 100 ? 11.815  -7.605  12.756  1.00 39.95 1  100 ARG A NH1 1 
ATOM   754  N NH2 . ARG A 1 100 ? 11.837  -9.695  11.805  1.00 42.89 ?  100 ARG A NH2 1 
ATOM   755  N N   . LYS A 1 101 ? 4.027   -9.118  13.538  1.00 25.75 ?  101 LYS A N   1 
ATOM   756  C CA  . LYS A 1 101 ? 2.960   -10.073 13.809  1.00 24.75 ?  101 LYS A CA  1 
ATOM   757  C C   . LYS A 1 101 ? 2.327   -10.599 12.523  1.00 26.24 ?  101 LYS A C   1 
ATOM   758  O O   . LYS A 1 101 ? 1.430   -11.445 12.569  1.00 22.24 ?  101 LYS A O   1 
ATOM   759  C CB  . LYS A 1 101 ? 1.899   -9.434  14.702  1.00 29.58 ?  101 LYS A CB  1 
ATOM   760  C CG  . LYS A 1 101 ? 2.438   -8.978  16.051  1.00 33.42 ?  101 LYS A CG  1 
ATOM   761  C CD  . LYS A 1 101 ? 1.450   -8.075  16.774  1.00 36.36 ?  101 LYS A CD  1 
ATOM   762  C CE  . LYS A 1 101 ? 0.110   -8.756  17.034  1.00 40.84 ?  101 LYS A CE  1 
ATOM   763  N NZ  . LYS A 1 101 ? 0.129   -9.678  18.207  1.00 42.17 1  101 LYS A NZ  1 
ATOM   764  N N   . GLY A 1 102 ? 2.803   -10.111 11.376  1.00 19.61 ?  102 GLY A N   1 
ATOM   765  C CA  . GLY A 1 102 ? 2.233   -10.491 10.097  1.00 19.40 ?  102 GLY A CA  1 
ATOM   766  C C   . GLY A 1 102 ? 1.127   -9.556  9.598   1.00 20.23 ?  102 GLY A C   1 
ATOM   767  O O   . GLY A 1 102 ? 0.451   -9.869  8.621   1.00 17.27 ?  102 GLY A O   1 
ATOM   768  N N   . ILE A 1 103 ? 0.929   -8.427  10.273  1.00 19.50 ?  103 ILE A N   1 
ATOM   769  C CA  . ILE A 1 103 ? -0.162  -7.532  9.896   1.00 21.42 ?  103 ILE A CA  1 
ATOM   770  C C   . ILE A 1 103 ? 0.042   -6.984  8.484   1.00 17.93 ?  103 ILE A C   1 
ATOM   771  O O   . ILE A 1 103 ? -0.880  -7.021  7.660   1.00 19.14 ?  103 ILE A O   1 
ATOM   772  C CB  . ILE A 1 103 ? -0.328  -6.368  10.884  1.00 20.14 ?  103 ILE A CB  1 
ATOM   773  C CG1 . ILE A 1 103 ? -0.905  -6.895  12.207  1.00 21.67 ?  103 ILE A CG1 1 
ATOM   774  C CG2 . ILE A 1 103 ? -1.260  -5.294  10.295  1.00 20.36 ?  103 ILE A CG2 1 
ATOM   775  C CD1 . ILE A 1 103 ? -0.962  -5.881  13.324  1.00 25.27 ?  103 ILE A CD1 1 
ATOM   776  N N   . ALA A 1 104 ? 1.238   -6.480  8.193   1.00 19.02 ?  104 ALA A N   1 
ATOM   777  C CA  . ALA A 1 104 ? 1.457   -5.886  6.865   1.00 21.09 ?  104 ALA A CA  1 
ATOM   778  C C   . ALA A 1 104 ? 1.335   -6.961  5.797   1.00 20.28 ?  104 ALA A C   1 
ATOM   779  O O   . ALA A 1 104 ? 0.787   -6.731  4.721   1.00 17.11 ?  104 ALA A O   1 
ATOM   780  C CB  . ALA A 1 104 ? 2.809   -5.202  6.781   1.00 21.53 ?  104 ALA A CB  1 
ATOM   781  N N   . THR A 1 105 ? 1.832   -8.158  6.104   1.00 18.34 ?  105 THR A N   1 
ATOM   782  C CA  . THR A 1 105 ? 1.722   -9.248  5.148   1.00 15.68 ?  105 THR A CA  1 
ATOM   783  C C   . THR A 1 105 ? 0.276   -9.558  4.838   1.00 16.53 ?  105 THR A C   1 
ATOM   784  O O   . THR A 1 105 ? -0.076  -9.764  3.680   1.00 15.60 ?  105 THR A O   1 
ATOM   785  C CB  . THR A 1 105 ? 2.423   -10.534 5.660   1.00 18.55 ?  105 THR A CB  1 
ATOM   786  O OG1 . THR A 1 105 ? 3.828   -10.288 5.749   1.00 22.97 ?  105 THR A OG1 1 
ATOM   787  C CG2 . THR A 1 105 ? 2.183   -11.680 4.697   1.00 19.98 ?  105 THR A CG2 1 
ATOM   788  N N   . THR A 1 106 ? -0.580  -9.586  5.857   1.00 14.48 ?  106 THR A N   1 
ATOM   789  C CA  . THR A 1 106 ? -1.959  -9.945  5.595   1.00 13.96 ?  106 THR A CA  1 
ATOM   790  C C   . THR A 1 106 ? -2.719  -8.776  4.959   1.00 14.33 ?  106 THR A C   1 
ATOM   791  O O   . THR A 1 106 ? -3.607  -8.999  4.145   1.00 14.84 ?  106 THR A O   1 
ATOM   792  C CB  . THR A 1 106 ? -2.682  -10.408 6.875   1.00 17.21 ?  106 THR A CB  1 
ATOM   793  O OG1 . THR A 1 106 ? -2.689  -9.347  7.845   1.00 19.36 ?  106 THR A OG1 1 
ATOM   794  C CG2 . THR A 1 106 ? -1.975  -11.641 7.452   1.00 18.10 ?  106 THR A CG2 1 
ATOM   795  N N   . LEU A 1 107 ? -2.366  -7.544  5.319   1.00 14.46 ?  107 LEU A N   1 
ATOM   796  C CA  . LEU A 1 107 ? -2.977  -6.384  4.641   1.00 14.86 ?  107 LEU A CA  1 
ATOM   797  C C   . LEU A 1 107 ? -2.692  -6.441  3.132   1.00 13.77 ?  107 LEU A C   1 
ATOM   798  O O   . LEU A 1 107 ? -3.584  -6.232  2.300   1.00 15.41 ?  107 LEU A O   1 
ATOM   799  C CB  . LEU A 1 107 ? -2.464  -5.055  5.227   1.00 15.29 ?  107 LEU A CB  1 
ATOM   800  C CG  . LEU A 1 107 ? -3.021  -4.660  6.602   1.00 17.40 ?  107 LEU A CG  1 
ATOM   801  C CD1 . LEU A 1 107 ? -2.240  -3.495  7.205   1.00 20.14 ?  107 LEU A CD1 1 
ATOM   802  C CD2 . LEU A 1 107 ? -4.508  -4.313  6.508   1.00 17.65 ?  107 LEU A CD2 1 
ATOM   803  N N   . LEU A 1 108 ? -1.437  -6.699  2.778   1.00 16.38 ?  108 LEU A N   1 
ATOM   804  C CA  . LEU A 1 108 ? -1.061  -6.791  1.367   1.00 16.27 ?  108 LEU A CA  1 
ATOM   805  C C   . LEU A 1 108 ? -1.768  -7.938  0.664   1.00 16.39 ?  108 LEU A C   1 
ATOM   806  O O   . LEU A 1 108 ? -2.195  -7.790  -0.471  1.00 18.37 ?  108 LEU A O   1 
ATOM   807  C CB  . LEU A 1 108 ? 0.454   -6.951  1.209   1.00 17.32 ?  108 LEU A CB  1 
ATOM   808  C CG  . LEU A 1 108 ? 1.295   -5.685  1.338   1.00 21.52 ?  108 LEU A CG  1 
ATOM   809  C CD1 . LEU A 1 108 ? 2.704   -6.009  1.797   1.00 25.32 ?  108 LEU A CD1 1 
ATOM   810  C CD2 . LEU A 1 108 ? 1.325   -4.944  -0.013  1.00 20.59 ?  108 LEU A CD2 1 
ATOM   811  N N   . GLU A 1 109 ? -1.891  -9.089  1.326   1.00 17.03 ?  109 GLU A N   1 
ATOM   812  C CA  . GLU A 1 109 ? -2.554  -10.209 0.680   1.00 17.02 ?  109 GLU A CA  1 
ATOM   813  C C   . GLU A 1 109 ? -4.005  -9.886  0.388   1.00 17.20 ?  109 GLU A C   1 
ATOM   814  O O   . GLU A 1 109 ? -4.519  -10.223 -0.679  1.00 18.06 ?  109 GLU A O   1 
ATOM   815  C CB  . GLU A 1 109 ? -2.473  -11.477 1.534   1.00 21.40 ?  109 GLU A CB  1 
ATOM   816  C CG  . GLU A 1 109 ? -2.929  -12.742 0.782   1.00 25.02 ?  109 GLU A CG  1 
ATOM   817  C CD  . GLU A 1 109 ? -4.440  -13.022 0.856   1.00 27.74 ?  109 GLU A CD  1 
ATOM   818  O OE1 . GLU A 1 109 ? -5.165  -12.360 1.630   1.00 26.67 ?  109 GLU A OE1 1 
ATOM   819  O OE2 . GLU A 1 109 ? -4.906  -13.937 0.131   1.00 33.67 -1 109 GLU A OE2 1 
ATOM   820  N N   . ALA A 1 110 ? -4.660  -9.234  1.342   1.00 17.33 ?  110 ALA A N   1 
ATOM   821  C CA  . ALA A 1 110 ? -6.072  -8.920  1.197   1.00 16.88 ?  110 ALA A CA  1 
ATOM   822  C C   . ALA A 1 110 ? -6.276  -7.908  0.077   1.00 17.64 ?  110 ALA A C   1 
ATOM   823  O O   . ALA A 1 110 ? -7.182  -8.054  -0.757  1.00 17.57 ?  110 ALA A O   1 
ATOM   824  C CB  . ALA A 1 110 ? -6.642  -8.377  2.513   1.00 18.29 ?  110 ALA A CB  1 
ATOM   825  N N   . SER A 1 111 ? -5.437  -6.875  0.074   1.00 16.37 ?  111 SER A N   1 
ATOM   826  C CA  . SER A 1 111 ? -5.526  -5.850  -0.959  1.00 14.58 ?  111 SER A CA  1 
ATOM   827  C C   . SER A 1 111 ? -5.227  -6.463  -2.321  1.00 16.59 ?  111 SER A C   1 
ATOM   828  O O   . SER A 1 111 ? -5.935  -6.205  -3.284  1.00 16.20 ?  111 SER A O   1 
ATOM   829  C CB  . SER A 1 111 ? -4.575  -4.677  -0.665  1.00 16.11 ?  111 SER A CB  1 
ATOM   830  O OG  . SER A 1 111 ? -4.904  -3.549  -1.479  1.00 16.91 ?  111 SER A OG  1 
ATOM   831  N N   . MET A 1 112 ? -4.188  -7.294  -2.398  1.00 18.86 ?  112 MET A N   1 
ATOM   832  C CA  . MET A 1 112 ? -3.854  -7.958  -3.659  1.00 20.53 ?  112 MET A CA  1 
ATOM   833  C C   . MET A 1 112 ? -4.998  -8.794  -4.223  1.00 20.85 ?  112 MET A C   1 
ATOM   834  O O   . MET A 1 112 ? -5.278  -8.763  -5.420  1.00 20.84 ?  112 MET A O   1 
ATOM   835  C CB  . MET A 1 112 ? -2.635  -8.857  -3.473  1.00 24.90 ?  112 MET A CB  1 
ATOM   836  C CG  . MET A 1 112 ? -1.352  -8.097  -3.433  1.00 23.98 ?  112 MET A CG  1 
ATOM   837  S SD  . MET A 1 112 ? 0.039   -9.145  -2.986  1.00 41.75 ?  112 MET A SD  1 
ATOM   838  C CE  . MET A 1 112 ? -0.101  -10.405 -4.235  1.00 32.43 ?  112 MET A CE  1 
ATOM   839  N N   . LYS A 1 113 ? -5.640  -9.559  -3.349  1.00 20.46 ?  113 LYS A N   1 
ATOM   840  C CA  . LYS A 1 113 ? -6.737  -10.427 -3.767  1.00 23.22 ?  113 LYS A CA  1 
ATOM   841  C C   . LYS A 1 113 ? -7.880  -9.594  -4.335  1.00 24.62 ?  113 LYS A C   1 
ATOM   842  O O   . LYS A 1 113 ? -8.477  -9.966  -5.336  1.00 24.48 ?  113 LYS A O   1 
ATOM   843  C CB  . LYS A 1 113 ? -7.226  -11.284 -2.594  1.00 26.64 ?  113 LYS A CB  1 
ATOM   844  C CG  . LYS A 1 113 ? -8.302  -12.309 -2.960  1.00 29.86 ?  113 LYS A CG  1 
ATOM   845  C CD  . LYS A 1 113 ? -8.594  -13.240 -1.779  1.00 34.85 ?  113 LYS A CD  1 
ATOM   846  C CE  . LYS A 1 113 ? -9.610  -14.318 -2.161  1.00 41.13 ?  113 LYS A CE  1 
ATOM   847  N NZ  . LYS A 1 113 ? -9.915  -15.262 -1.045  1.00 38.15 1  113 LYS A NZ  1 
ATOM   848  N N   . SER A 1 114 ? -8.173  -8.456  -3.705  1.00 20.05 ?  114 SER A N   1 
ATOM   849  C CA  . SER A 1 114 ? -9.204  -7.575  -4.218  1.00 19.80 ?  114 SER A CA  1 
ATOM   850  C C   . SER A 1 114 ? -8.783  -6.870  -5.518  1.00 21.55 ?  114 SER A C   1 
ATOM   851  O O   . SER A 1 114 ? -9.583  -6.724  -6.429  1.00 23.05 ?  114 SER A O   1 
ATOM   852  C CB  . SER A 1 114 ? -9.596  -6.527  -3.164  1.00 20.12 ?  114 SER A CB  1 
ATOM   853  O OG  . SER A 1 114 ? -10.409 -5.523  -3.764  1.00 24.51 ?  114 SER A OG  1 
ATOM   854  N N   . MET A 1 115 ? -7.543  -6.407  -5.593  1.00 20.67 ?  115 MET A N   1 
ATOM   855  C CA  . MET A 1 115 ? -7.037  -5.829  -6.836  1.00 20.20 ?  115 MET A CA  1 
ATOM   856  C C   . MET A 1 115 ? -7.210  -6.813  -7.997  1.00 25.67 ?  115 MET A C   1 
ATOM   857  O O   . MET A 1 115 ? -7.668  -6.446  -9.083  1.00 24.64 ?  115 MET A O   1 
ATOM   858  C CB  . MET A 1 115 ? -5.567  -5.451  -6.693  1.00 19.69 ?  115 MET A CB  1 
ATOM   859  C CG  . MET A 1 115 ? -5.316  -4.301  -5.749  1.00 17.58 ?  115 MET A CG  1 
ATOM   860  S SD  . MET A 1 115 ? -3.547  -4.151  -5.502  1.00 20.90 ?  115 MET A SD  1 
ATOM   861  C CE  . MET A 1 115 ? -3.457  -2.671  -4.500  1.00 20.09 ?  115 MET A CE  1 
ATOM   862  N N   . LYS A 1 116 ? -6.869  -8.072  -7.753  1.00 23.78 ?  116 LYS A N   1 
ATOM   863  C CA  . LYS A 1 116 ? -7.019  -9.095  -8.780  1.00 24.93 ?  116 LYS A CA  1 
ATOM   864  C C   . LYS A 1 116 ? -8.483  -9.407  -9.098  1.00 29.11 ?  116 LYS A C   1 
ATOM   865  O O   . LYS A 1 116 ? -8.875  -9.415  -10.260 1.00 27.61 ?  116 LYS A O   1 
ATOM   866  C CB  . LYS A 1 116 ? -6.308  -10.386 -8.367  1.00 27.00 ?  116 LYS A CB  1 
ATOM   867  C CG  . LYS A 1 116 ? -6.251  -11.418 -9.490  1.00 33.37 ?  116 LYS A CG  1 
ATOM   868  C CD  . LYS A 1 116 ? -5.559  -12.705 -9.056  1.00 30.73 ?  116 LYS A CD  1 
ATOM   869  C CE  . LYS A 1 116 ? -6.270  -13.329 -7.869  1.00 39.72 ?  116 LYS A CE  1 
ATOM   870  N NZ  . LYS A 1 116 ? -7.743  -13.477 -8.096  1.00 42.40 1  116 LYS A NZ  1 
ATOM   871  N N   . ASN A 1 117 ? -9.285  -9.665  -8.069  1.00 32.27 ?  117 ASN A N   1 
ATOM   872  C CA  . ASN A 1 117 ? -10.623 -10.219 -8.274  1.00 32.84 ?  117 ASN A CA  1 
ATOM   873  C C   . ASN A 1 117 ? -11.699 -9.174  -8.504  1.00 36.31 ?  117 ASN A C   1 
ATOM   874  O O   . ASN A 1 117 ? -12.616 -9.375  -9.302  1.00 35.05 ?  117 ASN A O   1 
ATOM   875  C CB  . ASN A 1 117 ? -11.022 -11.091 -7.082  1.00 31.93 ?  117 ASN A CB  1 
ATOM   876  C CG  . ASN A 1 117 ? -10.263 -12.399 -7.043  1.00 37.28 ?  117 ASN A CG  1 
ATOM   877  O OD1 . ASN A 1 117 ? -9.680  -12.822 -8.044  1.00 38.70 ?  117 ASN A OD1 1 
ATOM   878  N ND2 . ASN A 1 117 ? -10.265 -13.050 -5.885  1.00 39.44 ?  117 ASN A ND2 1 
ATOM   879  N N   . ASP A 1 118 ? -11.585 -8.058  -7.796  1.00 32.20 ?  118 ASP A N   1 
ATOM   880  C CA  . ASP A 1 118 ? -12.570 -6.992  -7.886  1.00 29.30 ?  118 ASP A CA  1 
ATOM   881  C C   . ASP A 1 118 ? -12.262 -6.024  -9.025  1.00 31.14 ?  118 ASP A C   1 
ATOM   882  O O   . ASP A 1 118 ? -13.171 -5.469  -9.646  1.00 34.79 ?  118 ASP A O   1 
ATOM   883  C CB  . ASP A 1 118 ? -12.634 -6.216  -6.568  1.00 30.31 ?  118 ASP A CB  1 
ATOM   884  C CG  . ASP A 1 118 ? -13.201 -7.032  -5.433  1.00 34.98 ?  118 ASP A CG  1 
ATOM   885  O OD1 . ASP A 1 118 ? -14.206 -7.727  -5.661  1.00 38.15 ?  118 ASP A OD1 1 
ATOM   886  O OD2 . ASP A 1 118 ? -12.644 -6.974  -4.313  1.00 30.96 -1 118 ASP A OD2 1 
ATOM   887  N N   . TYR A 1 119 ? -10.976 -5.822  -9.294  1.00 28.11 ?  119 TYR A N   1 
ATOM   888  C CA  . TYR A 1 119 ? -10.551 -4.745  -10.178 1.00 26.70 ?  119 TYR A CA  1 
ATOM   889  C C   . TYR A 1 119 ? -9.753  -5.219  -11.393 1.00 28.30 ?  119 TYR A C   1 
ATOM   890  O O   . TYR A 1 119 ? -9.267  -4.398  -12.172 1.00 29.43 ?  119 TYR A O   1 
ATOM   891  C CB  . TYR A 1 119 ? -9.718  -3.726  -9.393  1.00 24.03 ?  119 TYR A CB  1 
ATOM   892  C CG  . TYR A 1 119 ? -10.492 -3.029  -8.292  1.00 23.27 ?  119 TYR A CG  1 
ATOM   893  C CD1 . TYR A 1 119 ? -11.477 -2.091  -8.594  1.00 24.31 ?  119 TYR A CD1 1 
ATOM   894  C CD2 . TYR A 1 119 ? -10.226 -3.294  -6.955  1.00 23.53 ?  119 TYR A CD2 1 
ATOM   895  C CE1 . TYR A 1 119 ? -12.185 -1.454  -7.590  1.00 22.45 ?  119 TYR A CE1 1 
ATOM   896  C CE2 . TYR A 1 119 ? -10.919 -2.663  -5.954  1.00 21.05 ?  119 TYR A CE2 1 
ATOM   897  C CZ  . TYR A 1 119 ? -11.897 -1.746  -6.270  1.00 24.72 ?  119 TYR A CZ  1 
ATOM   898  O OH  . TYR A 1 119 ? -12.589 -1.122  -5.259  1.00 23.53 ?  119 TYR A OH  1 
ATOM   899  N N   . ASN A 1 120 ? -9.636  -6.532  -11.546 1.00 26.15 ?  120 ASN A N   1 
ATOM   900  C CA  . ASN A 1 120 ? -8.930  -7.134  -12.683 1.00 27.82 ?  120 ASN A CA  1 
ATOM   901  C C   . ASN A 1 120 ? -7.507  -6.624  -12.905 1.00 27.77 ?  120 ASN A C   1 
ATOM   902  O O   . ASN A 1 120 ? -7.042  -6.522  -14.043 1.00 27.12 ?  120 ASN A O   1 
ATOM   903  C CB  . ASN A 1 120 ? -9.747  -6.929  -13.956 1.00 32.35 ?  120 ASN A CB  1 
ATOM   904  C CG  . ASN A 1 120 ? -11.036 -7.717  -13.938 1.00 29.50 ?  120 ASN A CG  1 
ATOM   905  O OD1 . ASN A 1 120 ? -11.137 -8.731  -13.248 1.00 32.89 ?  120 ASN A OD1 1 
ATOM   906  N ND2 . ASN A 1 120 ? -12.024 -7.263  -14.700 1.00 37.69 ?  120 ASN A ND2 1 
ATOM   907  N N   . ALA A 1 121 ? -6.817  -6.299  -11.816 1.00 25.45 ?  121 ALA A N   1 
ATOM   908  C CA  . ALA A 1 121 ? -5.419  -5.905  -11.896 1.00 27.40 ?  121 ALA A CA  1 
ATOM   909  C C   . ALA A 1 121 ? -4.521  -7.067  -12.321 1.00 27.05 ?  121 ALA A C   1 
ATOM   910  O O   . ALA A 1 121 ? -4.737  -8.216  -11.916 1.00 29.69 ?  121 ALA A O   1 
ATOM   911  C CB  . ALA A 1 121 ? -4.959  -5.337  -10.554 1.00 25.13 ?  121 ALA A CB  1 
ATOM   912  N N   . GLU A 1 122 ? -3.511  -6.760  -13.128 1.00 24.05 ?  122 GLU A N   1 
ATOM   913  C CA  . GLU A 1 122 ? -2.574  -7.761  -13.633 1.00 30.06 ?  122 GLU A CA  1 
ATOM   914  C C   . GLU A 1 122 ? -1.231  -7.647  -12.905 1.00 29.99 ?  122 GLU A C   1 
ATOM   915  O O   . GLU A 1 122 ? -0.407  -8.569  -12.921 1.00 28.44 ?  122 GLU A O   1 
ATOM   916  C CB  . GLU A 1 122 ? -2.417  -7.594  -15.159 1.00 35.98 ?  122 GLU A CB  1 
ATOM   917  C CG  . GLU A 1 122 ? -1.259  -8.340  -15.820 1.00 45.78 ?  122 GLU A CG  1 
ATOM   918  C CD  . GLU A 1 122 ? 0.049   -7.555  -15.785 1.00 48.79 ?  122 GLU A CD  1 
ATOM   919  O OE1 . GLU A 1 122 ? 0.008   -6.332  -15.526 1.00 46.24 ?  122 GLU A OE1 1 
ATOM   920  O OE2 . GLU A 1 122 ? 1.118   -8.167  -16.006 1.00 55.00 -1 122 GLU A OE2 1 
ATOM   921  N N   . GLU A 1 123 ? -1.016  -6.509  -12.244 1.00 24.61 ?  123 GLU A N   1 
ATOM   922  C CA  . GLU A 1 123 ? 0.181   -6.325  -11.439 1.00 21.10 ?  123 GLU A CA  1 
ATOM   923  C C   . GLU A 1 123 ? -0.117  -5.449  -10.232 1.00 22.25 ?  123 GLU A C   1 
ATOM   924  O O   . GLU A 1 123 ? -1.094  -4.710  -10.226 1.00 20.56 ?  123 GLU A O   1 
ATOM   925  C CB  . GLU A 1 123 ? 1.307   -5.713  -12.267 1.00 24.19 ?  123 GLU A CB  1 
ATOM   926  C CG  . GLU A 1 123 ? 1.036   -4.305  -12.792 1.00 28.03 ?  123 GLU A CG  1 
ATOM   927  C CD  . GLU A 1 123 ? 2.325   -3.524  -12.988 1.00 30.40 ?  123 GLU A CD  1 
ATOM   928  O OE1 . GLU A 1 123 ? 3.081   -3.396  -12.002 1.00 27.95 ?  123 GLU A OE1 1 
ATOM   929  O OE2 . GLU A 1 123 ? 2.596   -3.055  -14.115 1.00 30.05 -1 123 GLU A OE2 1 
ATOM   930  N N   . ILE A 1 124 ? 0.713   -5.562  -9.201  1.00 22.08 ?  124 ILE A N   1 
ATOM   931  C CA  . ILE A 1 124 ? 0.620   -4.671  -8.054  1.00 18.96 ?  124 ILE A CA  1 
ATOM   932  C C   . ILE A 1 124 ? 1.980   -4.023  -7.930  1.00 19.68 ?  124 ILE A C   1 
ATOM   933  O O   . ILE A 1 124 ? 2.994   -4.676  -8.143  1.00 21.77 ?  124 ILE A O   1 
ATOM   934  C CB  . ILE A 1 124 ? 0.225   -5.407  -6.737  1.00 21.15 ?  124 ILE A CB  1 
ATOM   935  C CG1 . ILE A 1 124 ? 0.294   -4.453  -5.545  1.00 17.73 ?  124 ILE A CG1 1 
ATOM   936  C CG2 . ILE A 1 124 ? 1.155   -6.593  -6.457  1.00 19.86 ?  124 ILE A CG2 1 
ATOM   937  C CD1 . ILE A 1 124 ? -0.269  -5.012  -4.252  1.00 20.28 ?  124 ILE A CD1 1 
ATOM   938  N N   . TYR A 1 125 ? 2.018   -2.731  -7.632  1.00 17.75 ?  125 TYR A N   1 
ATOM   939  C CA  . TYR A 1 125 ? 3.298   -2.098  -7.390  1.00 19.38 ?  125 TYR A CA  1 
ATOM   940  C C   . TYR A 1 125 ? 3.204   -0.995  -6.350  1.00 17.63 ?  125 TYR A C   1 
ATOM   941  O O   . TYR A 1 125 ? 2.113   -0.613  -5.907  1.00 17.83 ?  125 TYR A O   1 
ATOM   942  C CB  . TYR A 1 125 ? 3.874   -1.532  -8.692  1.00 21.19 ?  125 TYR A CB  1 
ATOM   943  C CG  . TYR A 1 125 ? 3.210   -0.258  -9.177  1.00 18.45 ?  125 TYR A CG  1 
ATOM   944  C CD1 . TYR A 1 125 ? 3.822   0.974   -9.003  1.00 20.43 ?  125 TYR A CD1 1 
ATOM   945  C CD2 . TYR A 1 125 ? 1.978   -0.293  -9.811  1.00 19.21 ?  125 TYR A CD2 1 
ATOM   946  C CE1 . TYR A 1 125 ? 3.241   2.129   -9.451  1.00 21.09 ?  125 TYR A CE1 1 
ATOM   947  C CE2 . TYR A 1 125 ? 1.379   0.874   -10.269 1.00 20.52 ?  125 TYR A CE2 1 
ATOM   948  C CZ  . TYR A 1 125 ? 2.016   2.077   -10.082 1.00 22.58 ?  125 TYR A CZ  1 
ATOM   949  O OH  . TYR A 1 125 ? 1.432   3.236   -10.524 1.00 24.14 ?  125 TYR A OH  1 
ATOM   950  N N   . LEU A 1 126 ? 4.368   -0.494  -5.966  1.00 17.70 ?  126 LEU A N   1 
ATOM   951  C CA  . LEU A 1 126 ? 4.468   0.508   -4.923  1.00 20.97 ?  126 LEU A CA  1 
ATOM   952  C C   . LEU A 1 126 ? 5.818   1.176   -5.015  1.00 22.41 ?  126 LEU A C   1 
ATOM   953  O O   . LEU A 1 126 ? 6.705   0.703   -5.729  1.00 20.48 ?  126 LEU A O   1 
ATOM   954  C CB  . LEU A 1 126 ? 4.280   -0.130  -3.543  1.00 17.41 ?  126 LEU A CB  1 
ATOM   955  C CG  . LEU A 1 126 ? 5.242   -1.286  -3.240  1.00 21.72 ?  126 LEU A CG  1 
ATOM   956  C CD1 . LEU A 1 126 ? 6.600   -0.828  -2.667  1.00 22.86 ?  126 LEU A CD1 1 
ATOM   957  C CD2 . LEU A 1 126 ? 4.594   -2.304  -2.316  1.00 26.51 ?  126 LEU A CD2 1 
ATOM   958  N N   . GLU A 1 127 ? 5.972   2.260   -4.271  1.00 15.98 ?  127 GLU A N   1 
ATOM   959  C CA  . GLU A 1 127 ? 7.261   2.922   -4.128  1.00 19.92 ?  127 GLU A CA  1 
ATOM   960  C C   . GLU A 1 127 ? 7.749   2.772   -2.685  1.00 27.52 ?  127 GLU A C   1 
ATOM   961  O O   . GLU A 1 127 ? 6.948   2.832   -1.755  1.00 23.31 ?  127 GLU A O   1 
ATOM   962  C CB  . GLU A 1 127 ? 7.148   4.399   -4.509  1.00 24.45 ?  127 GLU A CB  1 
ATOM   963  C CG  . GLU A 1 127 ? 7.026   4.672   -6.005  1.00 24.08 ?  127 GLU A CG  1 
ATOM   964  C CD  . GLU A 1 127 ? 5.615   4.542   -6.537  1.00 33.48 ?  127 GLU A CD  1 
ATOM   965  O OE1 . GLU A 1 127 ? 4.653   4.709   -5.757  1.00 28.43 ?  127 GLU A OE1 1 
ATOM   966  O OE2 . GLU A 1 127 ? 5.465   4.285   -7.753  1.00 38.45 -1 127 GLU A OE2 1 
ATOM   967  N N   . VAL A 1 128 ? 9.047   2.564   -2.471  1.00 20.58 ?  128 VAL A N   1 
ATOM   968  C CA  . VAL A 1 128 ? 9.543   2.506   -1.089  1.00 24.55 ?  128 VAL A CA  1 
ATOM   969  C C   . VAL A 1 128 ? 10.905  3.211   -0.965  1.00 22.58 ?  128 VAL A C   1 
ATOM   970  O O   . VAL A 1 128 ? 11.736  3.067   -1.844  1.00 23.18 ?  128 VAL A O   1 
ATOM   971  C CB  . VAL A 1 128 ? 9.642   1.042   -0.598  1.00 26.06 ?  128 VAL A CB  1 
ATOM   972  C CG1 . VAL A 1 128 ? 10.523  0.210   -1.514  1.00 22.17 ?  128 VAL A CG1 1 
ATOM   973  C CG2 . VAL A 1 128 ? 10.132  0.974   0.840   1.00 27.23 ?  128 VAL A CG2 1 
ATOM   974  N N   . ARG A 1 129 ? 11.106  3.997   0.094   1.00 26.33 ?  129 ARG A N   1 
ATOM   975  C CA  . ARG A 1 129 ? 12.406  4.649   0.321   1.00 25.10 ?  129 ARG A CA  1 
ATOM   976  C C   . ARG A 1 129 ? 13.525  3.617   0.328   1.00 30.19 ?  129 ARG A C   1 
ATOM   977  O O   . ARG A 1 129 ? 13.393  2.570   0.945   1.00 27.76 ?  129 ARG A O   1 
ATOM   978  C CB  . ARG A 1 129 ? 12.419  5.426   1.646   1.00 31.51 ?  129 ARG A CB  1 
ATOM   979  C CG  . ARG A 1 129 ? 11.623  6.705   1.636   1.00 35.24 ?  129 ARG A CG  1 
ATOM   980  C CD  . ARG A 1 129 ? 11.788  7.486   2.943   1.00 38.49 ?  129 ARG A CD  1 
ATOM   981  N NE  . ARG A 1 129 ? 10.954  8.687   2.973   1.00 41.00 ?  129 ARG A NE  1 
ATOM   982  C CZ  . ARG A 1 129 ? 11.387  9.909   2.671   1.00 45.79 ?  129 ARG A CZ  1 
ATOM   983  N NH1 . ARG A 1 129 ? 12.655  10.097  2.319   1.00 44.63 1  129 ARG A NH1 1 
ATOM   984  N NH2 . ARG A 1 129 ? 10.557  10.950  2.722   1.00 44.37 ?  129 ARG A NH2 1 
ATOM   985  N N   . VAL A 1 130 ? 14.630  3.905   -0.349  1.00 28.36 ?  130 VAL A N   1 
ATOM   986  C CA  . VAL A 1 130 ? 15.751  2.958   -0.389  1.00 31.83 ?  130 VAL A CA  1 
ATOM   987  C C   . VAL A 1 130 ? 16.336  2.667   1.001   1.00 31.86 ?  130 VAL A C   1 
ATOM   988  O O   . VAL A 1 130 ? 17.023  1.666   1.196   1.00 34.65 ?  130 VAL A O   1 
ATOM   989  C CB  . VAL A 1 130 ? 16.870  3.465   -1.320  1.00 33.59 ?  130 VAL A CB  1 
ATOM   990  C CG1 . VAL A 1 130 ? 16.355  3.553   -2.747  1.00 30.76 ?  130 VAL A CG1 1 
ATOM   991  C CG2 . VAL A 1 130 ? 17.388  4.826   -0.846  1.00 31.99 ?  130 VAL A CG2 1 
ATOM   992  N N   . SER A 1 131 ? 16.052  3.528   1.971   1.00 31.73 ?  131 SER A N   1 
ATOM   993  C CA  . SER A 1 131 ? 16.526  3.303   3.334   1.00 33.20 ?  131 SER A CA  1 
ATOM   994  C C   . SER A 1 131 ? 15.546  2.473   4.181   1.00 33.86 ?  131 SER A C   1 
ATOM   995  O O   . SER A 1 131 ? 15.876  2.047   5.290   1.00 29.68 ?  131 SER A O   1 
ATOM   996  C CB  . SER A 1 131 ? 16.797  4.643   4.027   1.00 33.26 ?  131 SER A CB  1 
ATOM   997  O OG  . SER A 1 131 ? 15.646  5.475   3.996   1.00 34.27 ?  131 SER A OG  1 
ATOM   998  N N   . ASN A 1 132 ? 14.345  2.242   3.657   1.00 29.95 ?  132 ASN A N   1 
ATOM   999  C CA  . ASN A 1 132 ? 13.300  1.583   4.434   1.00 31.33 ?  132 ASN A CA  1 
ATOM   1000 C C   . ASN A 1 132 ? 13.513  0.076   4.469   1.00 34.72 ?  132 ASN A C   1 
ATOM   1001 O O   . ASN A 1 132 ? 12.790  -0.678  3.812   1.00 30.16 ?  132 ASN A O   1 
ATOM   1002 C CB  . ASN A 1 132 ? 11.920  1.909   3.858   1.00 28.61 ?  132 ASN A CB  1 
ATOM   1003 C CG  . ASN A 1 132 ? 10.798  1.658   4.851   1.00 30.80 ?  132 ASN A CG  1 
ATOM   1004 O OD1 . ASN A 1 132 ? 10.963  0.924   5.827   1.00 30.28 ?  132 ASN A OD1 1 
ATOM   1005 N ND2 . ASN A 1 132 ? 9.650   2.270   4.606   1.00 31.25 ?  132 ASN A ND2 1 
ATOM   1006 N N   . TYR A 1 133 ? 14.508  -0.349  5.245   1.00 37.08 ?  133 TYR A N   1 
ATOM   1007 C CA  . TYR A 1 133 ? 14.883  -1.760  5.348   1.00 36.68 ?  133 TYR A CA  1 
ATOM   1008 C C   . TYR A 1 133 ? 13.731  -2.708  5.731   1.00 38.60 ?  133 TYR A C   1 
ATOM   1009 O O   . TYR A 1 133 ? 13.568  -3.749  5.089   1.00 35.44 ?  133 TYR A O   1 
ATOM   1010 C CB  . TYR A 1 133 ? 16.041  -1.919  6.341   1.00 41.61 ?  133 TYR A CB  1 
ATOM   1011 C CG  . TYR A 1 133 ? 16.441  -3.359  6.589   1.00 50.91 ?  133 TYR A CG  1 
ATOM   1012 C CD1 . TYR A 1 133 ? 17.204  -4.058  5.659   1.00 58.57 ?  133 TYR A CD1 1 
ATOM   1013 C CD2 . TYR A 1 133 ? 16.064  -4.015  7.753   1.00 51.59 ?  133 TYR A CD2 1 
ATOM   1014 C CE1 . TYR A 1 133 ? 17.573  -5.376  5.878   1.00 54.47 ?  133 TYR A CE1 1 
ATOM   1015 C CE2 . TYR A 1 133 ? 16.433  -5.334  7.982   1.00 56.61 ?  133 TYR A CE2 1 
ATOM   1016 C CZ  . TYR A 1 133 ? 17.185  -6.009  7.039   1.00 57.82 ?  133 TYR A CZ  1 
ATOM   1017 O OH  . TYR A 1 133 ? 17.553  -7.319  7.261   1.00 66.38 ?  133 TYR A OH  1 
ATOM   1018 N N   . PRO A 1 134 ? 12.943  -2.370  6.777   1.00 34.49 ?  134 PRO A N   1 
ATOM   1019 C CA  . PRO A 1 134 ? 11.849  -3.293  7.098   1.00 36.85 ?  134 PRO A CA  1 
ATOM   1020 C C   . PRO A 1 134 ? 10.884  -3.501  5.933   1.00 33.53 ?  134 PRO A C   1 
ATOM   1021 O O   . PRO A 1 134 ? 10.590  -4.648  5.597   1.00 33.25 ?  134 PRO A O   1 
ATOM   1022 C CB  . PRO A 1 134 ? 11.141  -2.607  8.268   1.00 35.85 ?  134 PRO A CB  1 
ATOM   1023 C CG  . PRO A 1 134 ? 12.203  -1.794  8.912   1.00 36.13 ?  134 PRO A CG  1 
ATOM   1024 C CD  . PRO A 1 134 ? 13.047  -1.291  7.780   1.00 37.40 ?  134 PRO A CD  1 
ATOM   1025 N N   . ALA A 1 135 ? 10.422  -2.414  5.320   1.00 29.89 ?  135 ALA A N   1 
ATOM   1026 C CA  . ALA A 1 135 ? 9.429   -2.516  4.252   1.00 29.27 ?  135 ALA A CA  1 
ATOM   1027 C C   . ALA A 1 135 ? 9.976   -3.302  3.056   1.00 28.53 ?  135 ALA A C   1 
ATOM   1028 O O   . ALA A 1 135 ? 9.280   -4.152  2.495   1.00 28.75 ?  135 ALA A O   1 
ATOM   1029 C CB  . ALA A 1 135 ? 8.954   -1.119  3.824   1.00 25.59 ?  135 ALA A CB  1 
ATOM   1030 N N   . ILE A 1 136 ? 11.225  -3.053  2.684   1.00 23.55 ?  136 ILE A N   1 
ATOM   1031 C CA  . ILE A 1 136 ? 11.806  -3.736  1.529   1.00 22.04 ?  136 ILE A CA  1 
ATOM   1032 C C   . ILE A 1 136 ? 11.872  -5.248  1.743   1.00 31.24 ?  136 ILE A C   1 
ATOM   1033 O O   . ILE A 1 136 ? 11.632  -6.052  0.815   1.00 28.33 ?  136 ILE A O   1 
ATOM   1034 C CB  . ILE A 1 136 ? 13.215  -3.202  1.228   1.00 29.85 ?  136 ILE A CB  1 
ATOM   1035 C CG1 . ILE A 1 136 ? 13.151  -1.724  0.819   1.00 27.89 ?  136 ILE A CG1 1 
ATOM   1036 C CG2 . ILE A 1 136 ? 13.881  -4.012  0.134   1.00 28.54 ?  136 ILE A CG2 1 
ATOM   1037 C CD1 . ILE A 1 136 ? 14.516  -1.121  0.551   1.00 32.71 ?  136 ILE A CD1 1 
ATOM   1038 N N   . ALA A 1 137 ? 12.211  -5.633  2.968   1.00 34.41 ?  137 ALA A N   1 
ATOM   1039 C CA  . ALA A 1 137 ? 12.269  -7.045  3.333   1.00 30.89 ?  137 ALA A CA  1 
ATOM   1040 C C   . ALA A 1 137 ? 10.896  -7.687  3.181   1.00 25.31 ?  137 ALA A C   1 
ATOM   1041 O O   . ALA A 1 137 ? 10.779  -8.788  2.641   1.00 32.25 ?  137 ALA A O   1 
ATOM   1042 C CB  . ALA A 1 137 ? 12.779  -7.210  4.761   1.00 36.46 ?  137 ALA A CB  1 
ATOM   1043 N N   . LEU A 1 138 ? 9.877   -6.983  3.667   1.00 31.10 ?  138 LEU A N   1 
ATOM   1044 C CA  . LEU A 1 138 ? 8.488   -7.419  3.577   1.00 28.65 ?  138 LEU A CA  1 
ATOM   1045 C C   . LEU A 1 138 ? 8.143   -7.728  2.120   1.00 33.42 ?  138 LEU A C   1 
ATOM   1046 O O   . LEU A 1 138 ? 7.773   -8.853  1.776   1.00 33.08 ?  138 LEU A O   1 
ATOM   1047 C CB  . LEU A 1 138 ? 7.567   -6.335  4.155   1.00 32.01 ?  138 LEU A CB  1 
ATOM   1048 C CG  . LEU A 1 138 ? 6.060   -6.322  3.892   1.00 27.36 ?  138 LEU A CG  1 
ATOM   1049 C CD1 . LEU A 1 138 ? 5.377   -7.401  4.688   1.00 29.33 ?  138 LEU A CD1 1 
ATOM   1050 C CD2 . LEU A 1 138 ? 5.458   -4.943  4.207   1.00 28.02 ?  138 LEU A CD2 1 
ATOM   1051 N N   . TYR A 1 139 ? 8.309   -6.727  1.259   1.00 27.05 ?  139 TYR A N   1 
ATOM   1052 C CA  . TYR A 1 139 ? 7.960   -6.863  -0.151  1.00 26.74 ?  139 TYR A CA  1 
ATOM   1053 C C   . TYR A 1 139 ? 8.761   -7.953  -0.878  1.00 23.30 ?  139 TYR A C   1 
ATOM   1054 O O   . TYR A 1 139 ? 8.220   -8.678  -1.719  1.00 24.62 ?  139 TYR A O   1 
ATOM   1055 C CB  . TYR A 1 139 ? 8.146   -5.516  -0.856  1.00 20.74 ?  139 TYR A CB  1 
ATOM   1056 C CG  . TYR A 1 139 ? 7.441   -4.358  -0.170  1.00 22.92 ?  139 TYR A CG  1 
ATOM   1057 C CD1 . TYR A 1 139 ? 6.186   -4.512  0.411   1.00 26.69 ?  139 TYR A CD1 1 
ATOM   1058 C CD2 . TYR A 1 139 ? 8.036   -3.111  -0.099  1.00 22.60 ?  139 TYR A CD2 1 
ATOM   1059 C CE1 . TYR A 1 139 ? 5.548   -3.439  1.031   1.00 27.00 ?  139 TYR A CE1 1 
ATOM   1060 C CE2 . TYR A 1 139 ? 7.417   -2.054  0.520   1.00 22.90 ?  139 TYR A CE2 1 
ATOM   1061 C CZ  . TYR A 1 139 ? 6.177   -2.217  1.089   1.00 27.29 ?  139 TYR A CZ  1 
ATOM   1062 O OH  . TYR A 1 139 ? 5.569   -1.133  1.695   1.00 26.95 ?  139 TYR A OH  1 
ATOM   1063 N N   . GLU A 1 140 ? 10.049  -8.071  -0.590  1.00 29.36 ?  140 GLU A N   1 
ATOM   1064 C CA  . GLU A 1 140 ? 10.826  -9.128  -1.244  1.00 30.20 ?  140 GLU A CA  1 
ATOM   1065 C C   . GLU A 1 140 ? 10.350  -10.519 -0.788  1.00 32.50 ?  140 GLU A C   1 
ATOM   1066 O O   . GLU A 1 140 ? 10.323  -11.464 -1.575  1.00 31.67 ?  140 GLU A O   1 
ATOM   1067 C CB  . GLU A 1 140 ? 12.326  -8.945  -0.982  1.00 34.15 ?  140 GLU A CB  1 
ATOM   1068 C CG  . GLU A 1 140 ? 12.943  -7.795  -1.784  1.00 40.39 ?  140 GLU A CG  1 
ATOM   1069 C CD  . GLU A 1 140 ? 14.394  -7.529  -1.418  1.00 46.08 ?  140 GLU A CD  1 
ATOM   1070 O OE1 . GLU A 1 140 ? 14.830  -7.996  -0.343  1.00 45.75 ?  140 GLU A OE1 1 
ATOM   1071 O OE2 . GLU A 1 140 ? 15.093  -6.851  -2.205  1.00 50.17 -1 140 GLU A OE2 1 
ATOM   1072 N N   . LYS A 1 141 ? 9.936   -10.630 0.470   1.00 31.57 ?  141 LYS A N   1 
ATOM   1073 C CA  . LYS A 1 141 ? 9.363   -11.885 0.961   1.00 35.55 ?  141 LYS A CA  1 
ATOM   1074 C C   . LYS A 1 141 ? 8.081   -12.253 0.218   1.00 35.03 ?  141 LYS A C   1 
ATOM   1075 O O   . LYS A 1 141 ? 7.783   -13.430 0.038   1.00 32.36 ?  141 LYS A O   1 
ATOM   1076 C CB  . LYS A 1 141 ? 9.083   -11.810 2.464   1.00 36.95 ?  141 LYS A CB  1 
ATOM   1077 C CG  . LYS A 1 141 ? 10.198  -12.370 3.340   1.00 45.90 ?  141 LYS A CG  1 
ATOM   1078 C CD  . LYS A 1 141 ? 9.632   -13.096 4.557   1.00 44.84 ?  141 LYS A CD  1 
ATOM   1079 C CE  . LYS A 1 141 ? 10.740  -13.677 5.436   1.00 56.89 ?  141 LYS A CE  1 
ATOM   1080 N NZ  . LYS A 1 141 ? 11.585  -14.695 4.743   1.00 58.63 1  141 LYS A NZ  1 
ATOM   1081 N N   . LEU A 1 142 ? 7.327   -11.240 -0.211  1.00 31.54 ?  142 LEU A N   1 
ATOM   1082 C CA  . LEU A 1 142 ? 6.070   -11.443 -0.933  1.00 27.74 ?  142 LEU A CA  1 
ATOM   1083 C C   . LEU A 1 142 ? 6.305   -11.464 -2.430  1.00 23.32 ?  142 LEU A C   1 
ATOM   1084 O O   . LEU A 1 142 ? 5.374   -11.304 -3.220  1.00 27.20 ?  142 LEU A O   1 
ATOM   1085 C CB  . LEU A 1 142 ? 5.053   -10.349 -0.581  1.00 27.70 ?  142 LEU A CB  1 
ATOM   1086 C CG  . LEU A 1 142 ? 4.160   -10.601 0.636   1.00 35.77 ?  142 LEU A CG  1 
ATOM   1087 C CD1 . LEU A 1 142 ? 4.980   -10.909 1.870   1.00 33.83 ?  142 LEU A CD1 1 
ATOM   1088 C CD2 . LEU A 1 142 ? 3.260   -9.407  0.891   1.00 35.10 ?  142 LEU A CD2 1 
ATOM   1089 N N   . ASN A 1 143 ? 7.566   -11.641 -2.798  1.00 25.51 ?  143 ASN A N   1 
ATOM   1090 C CA  . ASN A 1 143 ? 8.000   -11.771 -4.183  1.00 25.00 ?  143 ASN A CA  1 
ATOM   1091 C C   . ASN A 1 143 ? 7.804   -10.526 -5.038  1.00 25.80 ?  143 ASN A C   1 
ATOM   1092 O O   . ASN A 1 143 ? 7.666   -10.631 -6.244  1.00 23.61 ?  143 ASN A O   1 
ATOM   1093 C CB  . ASN A 1 143 ? 7.305   -12.952 -4.861  1.00 30.56 ?  143 ASN A CB  1 
ATOM   1094 C CG  . ASN A 1 143 ? 8.184   -14.182 -4.919  1.00 41.62 ?  143 ASN A CG  1 
ATOM   1095 O OD1 . ASN A 1 143 ? 8.985   -14.350 -5.848  1.00 45.29 ?  143 ASN A OD1 1 
ATOM   1096 N ND2 . ASN A 1 143 ? 8.051   -15.047 -3.921  1.00 38.77 ?  143 ASN A ND2 1 
ATOM   1097 N N   . PHE A 1 144 ? 7.803   -9.351  -4.422  1.00 24.56 ?  144 PHE A N   1 
ATOM   1098 C CA  . PHE A 1 144 ? 7.976   -8.133  -5.207  1.00 24.86 ?  144 PHE A CA  1 
ATOM   1099 C C   . PHE A 1 144 ? 9.428   -8.065  -5.699  1.00 26.68 ?  144 PHE A C   1 
ATOM   1100 O O   . PHE A 1 144 ? 10.344  -8.509  -5.000  1.00 25.34 ?  144 PHE A O   1 
ATOM   1101 C CB  . PHE A 1 144 ? 7.648   -6.893  -4.385  1.00 22.41 ?  144 PHE A CB  1 
ATOM   1102 C CG  . PHE A 1 144 ? 6.189   -6.690  -4.139  1.00 20.97 ?  144 PHE A CG  1 
ATOM   1103 C CD1 . PHE A 1 144 ? 5.529   -5.615  -4.719  1.00 21.10 ?  144 PHE A CD1 1 
ATOM   1104 C CD2 . PHE A 1 144 ? 5.477   -7.541  -3.307  1.00 23.16 ?  144 PHE A CD2 1 
ATOM   1105 C CE1 . PHE A 1 144 ? 4.190   -5.403  -4.485  1.00 22.92 ?  144 PHE A CE1 1 
ATOM   1106 C CE2 . PHE A 1 144 ? 4.136   -7.336  -3.069  1.00 22.06 ?  144 PHE A CE2 1 
ATOM   1107 C CZ  . PHE A 1 144 ? 3.488   -6.271  -3.659  1.00 21.28 ?  144 PHE A CZ  1 
ATOM   1108 N N   . LYS A 1 145 ? 9.618   -7.527  -6.899  1.00 23.49 ?  145 LYS A N   1 
ATOM   1109 C CA  . LYS A 1 145 ? 10.944  -7.287  -7.442  1.00 29.70 ?  145 LYS A CA  1 
ATOM   1110 C C   . LYS A 1 145 ? 11.207  -5.792  -7.619  1.00 30.00 ?  145 LYS A C   1 
ATOM   1111 O O   . LYS A 1 145 ? 10.305  -5.050  -7.994  1.00 26.45 ?  145 LYS A O   1 
ATOM   1112 C CB  . LYS A 1 145 ? 11.100  -7.999  -8.781  1.00 29.94 ?  145 LYS A CB  1 
ATOM   1113 C CG  . LYS A 1 145 ? 10.916  -9.512  -8.703  1.00 32.39 ?  145 LYS A CG  1 
ATOM   1114 C CD  . LYS A 1 145 ? 11.732  -10.124 -7.583  1.00 36.62 ?  145 LYS A CD  1 
ATOM   1115 C CE  . LYS A 1 145 ? 11.579  -11.644 -7.557  1.00 40.50 ?  145 LYS A CE  1 
ATOM   1116 N NZ  . LYS A 1 145 ? 12.149  -12.249 -6.313  1.00 40.70 1  145 LYS A NZ  1 
ATOM   1117 N N   . LYS A 1 146 ? 12.435  -5.358  -7.341  1.00 27.80 ?  146 LYS A N   1 
ATOM   1118 C CA  . LYS A 1 146 ? 12.840  -3.977  -7.623  1.00 30.96 ?  146 LYS A CA  1 
ATOM   1119 C C   . LYS A 1 146 ? 12.915  -3.774  -9.130  1.00 30.17 ?  146 LYS A C   1 
ATOM   1120 O O   . LYS A 1 146 ? 13.856  -4.244  -9.760  1.00 41.34 ?  146 LYS A O   1 
ATOM   1121 C CB  . LYS A 1 146 ? 14.197  -3.656  -6.981  1.00 30.23 ?  146 LYS A CB  1 
ATOM   1122 C CG  . LYS A 1 146 ? 14.252  -3.776  -5.462  1.00 32.80 ?  146 LYS A CG  1 
ATOM   1123 C CD  . LYS A 1 146 ? 15.701  -3.740  -4.959  1.00 37.34 ?  146 LYS A CD  1 
ATOM   1124 C CE  . LYS A 1 146 ? 15.774  -3.925  -3.444  1.00 41.59 ?  146 LYS A CE  1 
ATOM   1125 N NZ  . LYS A 1 146 ? 17.174  -4.066  -2.911  1.00 44.03 1  146 LYS A NZ  1 
ATOM   1126 N N   . VAL A 1 147 ? 11.937  -3.097  -9.725  1.00 27.77 ?  147 VAL A N   1 
ATOM   1127 C CA  . VAL A 1 147 ? 11.871  -3.034  -11.187 1.00 32.06 ?  147 VAL A CA  1 
ATOM   1128 C C   . VAL A 1 147 ? 12.328  -1.699  -11.770 1.00 43.02 ?  147 VAL A C   1 
ATOM   1129 O O   . VAL A 1 147 ? 12.748  -1.648  -12.925 1.00 44.78 ?  147 VAL A O   1 
ATOM   1130 C CB  . VAL A 1 147 ? 10.444  -3.339  -11.727 1.00 36.64 ?  147 VAL A CB  1 
ATOM   1131 C CG1 . VAL A 1 147 ? 9.977   -4.708  -11.262 1.00 34.84 ?  147 VAL A CG1 1 
ATOM   1132 C CG2 . VAL A 1 147 ? 9.463   -2.288  -11.302 1.00 31.80 ?  147 VAL A CG2 1 
ATOM   1133 N N   . LYS A 1 148 ? 12.238  -0.627  -10.986 1.00 45.00 ?  148 LYS A N   1 
ATOM   1134 C CA  . LYS A 1 148 ? 12.759  0.684   -11.392 1.00 44.03 ?  148 LYS A CA  1 
ATOM   1135 C C   . LYS A 1 148 ? 13.318  1.433   -10.190 1.00 42.35 ?  148 LYS A C   1 
ATOM   1136 O O   . LYS A 1 148 ? 13.005  1.119   -9.041  1.00 32.53 ?  148 LYS A O   1 
ATOM   1137 C CB  . LYS A 1 148 ? 11.675  1.539   -12.067 1.00 39.92 ?  148 LYS A CB  1 
ATOM   1138 C CG  . LYS A 1 148 ? 11.064  0.932   -13.325 1.00 50.28 ?  148 LYS A CG  1 
ATOM   1139 C CD  . LYS A 1 148 ? 10.555  1.994   -14.297 1.00 55.50 ?  148 LYS A CD  1 
ATOM   1140 C CE  . LYS A 1 148 ? 9.359   2.742   -13.745 1.00 44.17 ?  148 LYS A CE  1 
ATOM   1141 N NZ  . LYS A 1 148 ? 8.672   3.534   -14.806 1.00 50.32 1  148 LYS A NZ  1 
ATOM   1142 N N   . VAL A 1 149 ? 14.155  2.430   -10.449 1.00 40.83 ?  149 VAL A N   1 
ATOM   1143 C CA  . VAL A 1 149 ? 14.608  3.300   -9.371  1.00 42.09 ?  149 VAL A CA  1 
ATOM   1144 C C   . VAL A 1 149 ? 14.182  4.727   -9.651  1.00 43.97 ?  149 VAL A C   1 
ATOM   1145 O O   . VAL A 1 149 ? 14.780  5.407   -10.482 1.00 44.23 ?  149 VAL A O   1 
ATOM   1146 C CB  . VAL A 1 149 ? 16.127  3.236   -9.181  1.00 47.06 ?  149 VAL A CB  1 
ATOM   1147 C CG1 . VAL A 1 149 ? 16.574  4.251   -8.133  1.00 42.66 ?  149 VAL A CG1 1 
ATOM   1148 C CG2 . VAL A 1 149 ? 16.537  1.833   -8.779  1.00 46.61 ?  149 VAL A CG2 1 
ATOM   1149 N N   . LEU A 1 150 ? 13.129  5.174   -8.973  1.00 34.88 ?  150 LEU A N   1 
ATOM   1150 C CA  . LEU A 1 150 ? 12.637  6.526   -9.172  1.00 34.17 ?  150 LEU A CA  1 
ATOM   1151 C C   . LEU A 1 150 ? 13.570  7.508   -8.477  1.00 34.49 ?  150 LEU A C   1 
ATOM   1152 O O   . LEU A 1 150 ? 13.537  7.676   -7.259  1.00 27.86 ?  150 LEU A O   1 
ATOM   1153 C CB  . LEU A 1 150 ? 11.201  6.658   -8.656  1.00 35.17 ?  150 LEU A CB  1 
ATOM   1154 C CG  . LEU A 1 150 ? 10.233  5.618   -9.223  1.00 31.96 ?  150 LEU A CG  1 
ATOM   1155 C CD1 . LEU A 1 150 ? 8.801   5.988   -8.883  1.00 40.41 ?  150 LEU A CD1 1 
ATOM   1156 C CD2 . LEU A 1 150 ? 10.395  5.464   -10.728 1.00 37.48 ?  150 LEU A CD2 1 
ATOM   1157 N N   . LYS A 1 151 ? 14.429  8.156   -9.256  1.00 35.86 ?  151 LYS A N   1 
ATOM   1158 C CA  . LYS A 1 151 ? 15.411  9.057   -8.670  1.00 32.09 ?  151 LYS A CA  1 
ATOM   1159 C C   . LYS A 1 151 ? 14.751  10.323  -8.107  1.00 25.85 ?  151 LYS A C   1 
ATOM   1160 O O   . LYS A 1 151 ? 13.910  10.946  -8.768  1.00 28.19 ?  151 LYS A O   1 
ATOM   1161 C CB  . LYS A 1 151 ? 16.476  9.409   -9.710  1.00 38.49 ?  151 LYS A CB  1 
ATOM   1162 C CG  . LYS A 1 151 ? 17.202  8.185   -10.248 1.00 35.32 ?  151 LYS A CG  1 
ATOM   1163 C CD  . LYS A 1 151 ? 17.622  8.363   -11.697 1.00 45.73 ?  151 LYS A CD  1 
ATOM   1164 C CE  . LYS A 1 151 ? 18.424  7.169   -12.192 1.00 43.83 ?  151 LYS A CE  1 
ATOM   1165 N NZ  . LYS A 1 151 ? 17.673  5.886   -12.010 1.00 50.42 1  151 LYS A NZ  1 
ATOM   1166 N N   . GLY A 1 152 ? 15.122  10.668  -6.876  1.00 27.15 ?  152 GLY A N   1 
ATOM   1167 C CA  . GLY A 1 152 ? 14.619  11.852  -6.200  1.00 30.53 ?  152 GLY A CA  1 
ATOM   1168 C C   . GLY A 1 152 ? 13.114  11.833  -6.023  1.00 31.82 ?  152 GLY A C   1 
ATOM   1169 O O   . GLY A 1 152 ? 12.464  12.872  -6.066  1.00 28.52 ?  152 GLY A O   1 
ATOM   1170 N N   . TYR A 1 153 ? 12.559  10.642  -5.824  1.00 23.47 ?  153 TYR A N   1 
ATOM   1171 C CA  . TYR A 1 153 ? 11.118  10.485  -5.692  1.00 24.88 ?  153 TYR A CA  1 
ATOM   1172 C C   . TYR A 1 153 ? 10.547  11.220  -4.473  1.00 22.76 ?  153 TYR A C   1 
ATOM   1173 O O   . TYR A 1 153 ? 9.445   11.750  -4.537  1.00 26.32 ?  153 TYR A O   1 
ATOM   1174 C CB  . TYR A 1 153 ? 10.746  8.992   -5.622  1.00 25.26 ?  153 TYR A CB  1 
ATOM   1175 C CG  . TYR A 1 153 ? 9.254   8.748   -5.657  1.00 24.30 ?  153 TYR A CG  1 
ATOM   1176 C CD1 . TYR A 1 153 ? 8.536   8.910   -6.833  1.00 23.94 ?  153 TYR A CD1 1 
ATOM   1177 C CD2 . TYR A 1 153 ? 8.563   8.363   -4.516  1.00 26.55 ?  153 TYR A CD2 1 
ATOM   1178 C CE1 . TYR A 1 153 ? 7.167   8.701   -6.873  1.00 27.43 ?  153 TYR A CE1 1 
ATOM   1179 C CE2 . TYR A 1 153 ? 7.195   8.151   -4.545  1.00 31.49 ?  153 TYR A CE2 1 
ATOM   1180 C CZ  . TYR A 1 153 ? 6.505   8.320   -5.726  1.00 30.40 ?  153 TYR A CZ  1 
ATOM   1181 O OH  . TYR A 1 153 ? 5.149   8.106   -5.769  1.00 36.75 ?  153 TYR A OH  1 
ATOM   1182 N N   . TYR A 1 154 ? 11.280  11.247  -3.363  1.00 21.55 ?  154 TYR A N   1 
ATOM   1183 C CA  . TYR A 1 154 ? 10.719  11.850  -2.144  1.00 25.37 ?  154 TYR A CA  1 
ATOM   1184 C C   . TYR A 1 154 ? 11.102  13.316  -2.023  1.00 29.04 ?  154 TYR A C   1 
ATOM   1185 O O   . TYR A 1 154 ? 12.068  13.760  -2.650  1.00 23.49 ?  154 TYR A O   1 
ATOM   1186 C CB  . TYR A 1 154 ? 11.145  11.044  -0.920  1.00 25.56 ?  154 TYR A CB  1 
ATOM   1187 C CG  . TYR A 1 154 ? 10.543  9.657   -0.991  1.00 31.40 ?  154 TYR A CG  1 
ATOM   1188 C CD1 . TYR A 1 154 ? 9.241   9.413   -0.558  1.00 27.09 ?  154 TYR A CD1 1 
ATOM   1189 C CD2 . TYR A 1 154 ? 11.246  8.611   -1.570  1.00 27.30 ?  154 TYR A CD2 1 
ATOM   1190 C CE1 . TYR A 1 154 ? 8.673   8.145   -0.666  1.00 31.38 ?  154 TYR A CE1 1 
ATOM   1191 C CE2 . TYR A 1 154 ? 10.696  7.361   -1.679  1.00 29.04 ?  154 TYR A CE2 1 
ATOM   1192 C CZ  . TYR A 1 154 ? 9.412   7.126   -1.232  1.00 31.44 ?  154 TYR A CZ  1 
ATOM   1193 O OH  . TYR A 1 154 ? 8.899   5.855   -1.362  1.00 30.59 ?  154 TYR A OH  1 
ATOM   1194 N N   . ALA A 1 155 ? 10.325  14.068  -1.242  1.00 26.46 ?  155 ALA A N   1 
ATOM   1195 C CA  . ALA A 1 155 ? 10.484  15.517  -1.170  1.00 31.23 ?  155 ALA A CA  1 
ATOM   1196 C C   . ALA A 1 155 ? 11.907  15.920  -0.771  1.00 32.04 ?  155 ALA A C   1 
ATOM   1197 O O   . ALA A 1 155 ? 12.449  16.898  -1.282  1.00 33.70 ?  155 ALA A O   1 
ATOM   1198 C CB  . ALA A 1 155 ? 9.470   16.106  -0.203  1.00 31.22 ?  155 ALA A CB  1 
ATOM   1199 N N   . ASP A 1 156 ? 12.520  15.144  0.117   1.00 36.70 ?  156 ASP A N   1 
ATOM   1200 C CA  . ASP A 1 156 ? 13.871  15.441  0.566   1.00 40.33 ?  156 ASP A CA  1 
ATOM   1201 C C   . ASP A 1 156 ? 14.941  14.991  -0.434  1.00 38.12 ?  156 ASP A C   1 
ATOM   1202 O O   . ASP A 1 156 ? 16.133  15.121  -0.166  1.00 39.98 ?  156 ASP A O   1 
ATOM   1203 C CB  . ASP A 1 156 ? 14.133  14.802  1.937   1.00 38.16 ?  156 ASP A CB  1 
ATOM   1204 C CG  . ASP A 1 156 ? 14.051  13.280  1.911   1.00 42.21 ?  156 ASP A CG  1 
ATOM   1205 O OD1 . ASP A 1 156 ? 13.578  12.698  0.909   1.00 40.39 ?  156 ASP A OD1 1 
ATOM   1206 O OD2 . ASP A 1 156 ? 14.455  12.662  2.916   1.00 46.26 -1 156 ASP A OD2 1 
ATOM   1207 N N   . GLY A 1 157 ? 14.520  14.467  -1.581  1.00 28.78 ?  157 GLY A N   1 
ATOM   1208 C CA  . GLY A 1 157 ? 15.464  14.031  -2.602  1.00 28.28 ?  157 GLY A CA  1 
ATOM   1209 C C   . GLY A 1 157 ? 15.816  12.555  -2.559  1.00 28.77 ?  157 GLY A C   1 
ATOM   1210 O O   . GLY A 1 157 ? 16.486  12.047  -3.462  1.00 27.18 ?  157 GLY A O   1 
ATOM   1211 N N   . GLU A 1 158 ? 15.375  11.853  -1.518  1.00 29.91 ?  158 GLU A N   1 
ATOM   1212 C CA  . GLU A 1 158 ? 15.711  10.436  -1.391  1.00 27.86 ?  158 GLU A CA  1 
ATOM   1213 C C   . GLU A 1 158 ? 15.131  9.632   -2.550  1.00 27.51 ?  158 GLU A C   1 
ATOM   1214 O O   . GLU A 1 158 ? 14.030  9.918   -3.031  1.00 28.43 ?  158 GLU A O   1 
ATOM   1215 C CB  . GLU A 1 158 ? 15.229  9.873   -0.050  1.00 28.19 ?  158 GLU A CB  1 
ATOM   1216 C CG  . GLU A 1 158 ? 15.688  8.440   0.180   1.00 29.63 ?  158 GLU A CG  1 
ATOM   1217 C CD  . GLU A 1 158 ? 15.405  7.930   1.579   1.00 32.04 ?  158 GLU A CD  1 
ATOM   1218 O OE1 . GLU A 1 158 ? 15.917  6.836   1.914   1.00 32.78 ?  158 GLU A OE1 1 
ATOM   1219 O OE2 . GLU A 1 158 ? 14.677  8.613   2.333   1.00 33.69 -1 158 GLU A OE2 1 
ATOM   1220 N N   . ASP A 1 159 ? 15.890  8.645   -3.025  1.00 25.61 ?  159 ASP A N   1 
ATOM   1221 C CA  . ASP A 1 159 ? 15.427  7.779   -4.105  1.00 27.14 ?  159 ASP A CA  1 
ATOM   1222 C C   . ASP A 1 159 ? 14.400  6.757   -3.600  1.00 23.34 ?  159 ASP A C   1 
ATOM   1223 O O   . ASP A 1 159 ? 14.392  6.427   -2.416  1.00 23.51 ?  159 ASP A O   1 
ATOM   1224 C CB  . ASP A 1 159 ? 16.588  7.032   -4.746  1.00 32.12 ?  159 ASP A CB  1 
ATOM   1225 C CG  . ASP A 1 159 ? 17.575  7.949   -5.435  1.00 35.41 ?  159 ASP A CG  1 
ATOM   1226 O OD1 . ASP A 1 159 ? 17.169  9.023   -5.946  1.00 32.97 ?  159 ASP A OD1 1 
ATOM   1227 O OD2 . ASP A 1 159 ? 18.762  7.569   -5.471  1.00 39.92 -1 159 ASP A OD2 1 
ATOM   1228 N N   . ALA A 1 160 ? 13.538  6.293   -4.505  1.00 25.61 ?  160 ALA A N   1 
ATOM   1229 C CA  . ALA A 1 160 ? 12.612  5.196   -4.228  1.00 27.82 ?  160 ALA A CA  1 
ATOM   1230 C C   . ALA A 1 160 ? 12.911  3.996   -5.114  1.00 27.72 ?  160 ALA A C   1 
ATOM   1231 O O   . ALA A 1 160 ? 13.331  4.146   -6.255  1.00 29.25 ?  160 ALA A O   1 
ATOM   1232 C CB  . ALA A 1 160 ? 11.179  5.626   -4.443  1.00 26.81 ?  160 ALA A CB  1 
ATOM   1233 N N   . TYR A 1 161 ? 12.680  2.802   -4.585  1.00 24.92 ?  161 TYR A N   1 
ATOM   1234 C CA  . TYR A 1 161 ? 12.570  1.643   -5.440  1.00 22.31 ?  161 TYR A CA  1 
ATOM   1235 C C   . TYR A 1 161 ? 11.131  1.529   -5.897  1.00 24.19 ?  161 TYR A C   1 
ATOM   1236 O O   . TYR A 1 161 ? 10.233  1.597   -5.069  1.00 24.13 ?  161 TYR A O   1 
ATOM   1237 C CB  . TYR A 1 161 ? 12.953  0.354   -4.708  1.00 27.16 ?  161 TYR A CB  1 
ATOM   1238 C CG  . TYR A 1 161 ? 14.399  0.222   -4.302  1.00 33.00 ?  161 TYR A CG  1 
ATOM   1239 C CD1 . TYR A 1 161 ? 15.411  0.209   -5.249  1.00 31.40 ?  161 TYR A CD1 1 
ATOM   1240 C CD2 . TYR A 1 161 ? 14.745  0.049   -2.967  1.00 30.44 ?  161 TYR A CD2 1 
ATOM   1241 C CE1 . TYR A 1 161 ? 16.734  0.068   -4.870  1.00 30.52 ?  161 TYR A CE1 1 
ATOM   1242 C CE2 . TYR A 1 161 ? 16.060  -0.096  -2.581  1.00 30.36 ?  161 TYR A CE2 1 
ATOM   1243 C CZ  . TYR A 1 161 ? 17.052  -0.084  -3.535  1.00 38.58 ?  161 TYR A CZ  1 
ATOM   1244 O OH  . TYR A 1 161 ? 18.369  -0.228  -3.136  1.00 35.75 ?  161 TYR A OH  1 
ATOM   1245 N N   . LEU A 1 162 ? 10.905  1.335   -7.189  1.00 20.89 ?  162 LEU A N   1 
ATOM   1246 C CA  . LEU A 1 162 ? 9.594   0.890   -7.646  1.00 22.37 ?  162 LEU A CA  1 
ATOM   1247 C C   . LEU A 1 162 ? 9.597   -0.632  -7.595  1.00 25.61 ?  162 LEU A C   1 
ATOM   1248 O O   . LEU A 1 162 ? 10.326  -1.282  -8.336  1.00 23.98 ?  162 LEU A O   1 
ATOM   1249 C CB  . LEU A 1 162 ? 9.269   1.380   -9.059  1.00 26.56 ?  162 LEU A CB  1 
ATOM   1250 C CG  . LEU A 1 162 ? 7.773   1.356   -9.428  1.00 21.90 ?  162 LEU A CG  1 
ATOM   1251 C CD1 . LEU A 1 162 ? 7.477   2.320   -10.565 1.00 36.60 ?  162 LEU A CD1 1 
ATOM   1252 C CD2 . LEU A 1 162 ? 7.290   -0.034  -9.826  1.00 24.66 ?  162 LEU A CD2 1 
ATOM   1253 N N   . MET A 1 163 ? 8.800   -1.197  -6.701  1.00 20.33 ?  163 MET A N   1 
ATOM   1254 C CA  . MET A 1 163 ? 8.764   -2.639  -6.560  1.00 21.02 ?  163 MET A CA  1 
ATOM   1255 C C   . MET A 1 163 ? 7.438   -3.142  -7.094  1.00 22.64 ?  163 MET A C   1 
ATOM   1256 O O   . MET A 1 163 ? 6.399   -2.510  -6.885  1.00 19.33 ?  163 MET A O   1 
ATOM   1257 C CB  . MET A 1 163 ? 8.999   -3.013  -5.107  1.00 22.26 ?  163 MET A CB  1 
ATOM   1258 C CG  . MET A 1 163 ? 10.393  -2.573  -4.652  1.00 25.08 ?  163 MET A CG  1 
ATOM   1259 S SD  . MET A 1 163 ? 10.848  -3.249  -3.072  1.00 30.22 ?  163 MET A SD  1 
ATOM   1260 C CE  . MET A 1 163 ? 10.984  -4.990  -3.485  1.00 27.69 ?  163 MET A CE  1 
ATOM   1261 N N   . ALA A 1 164 ? 7.475   -4.246  -7.827  1.00 17.86 ?  164 ALA A N   1 
ATOM   1262 C CA  . ALA A 1 164 ? 6.283   -4.718  -8.511  1.00 14.19 ?  164 ALA A CA  1 
ATOM   1263 C C   . ALA A 1 164 ? 6.245   -6.227  -8.591  1.00 20.55 ?  164 ALA A C   1 
ATOM   1264 O O   . ALA A 1 164 ? 7.276   -6.898  -8.519  1.00 22.52 ?  164 ALA A O   1 
ATOM   1265 C CB  . ALA A 1 164 ? 6.194   -4.133  -9.896  1.00 22.43 ?  164 ALA A CB  1 
ATOM   1266 N N   . ARG A 1 165 ? 5.048   -6.757  -8.754  1.00 20.91 ?  165 ARG A N   1 
ATOM   1267 C CA  . ARG A 1 165 ? 4.931   -8.172  -9.077  1.00 27.46 ?  165 ARG A CA  1 
ATOM   1268 C C   . ARG A 1 165 ? 3.629   -8.425  -9.817  1.00 24.41 ?  165 ARG A C   1 
ATOM   1269 O O   . ARG A 1 165 ? 2.640   -7.709  -9.614  1.00 26.29 ?  165 ARG A O   1 
ATOM   1270 C CB  . ARG A 1 165 ? 5.015   -9.029  -7.815  1.00 24.81 ?  165 ARG A CB  1 
ATOM   1271 C CG  . ARG A 1 165 ? 4.022   -8.664  -6.742  1.00 25.86 ?  165 ARG A CG  1 
ATOM   1272 C CD  . ARG A 1 165 ? 3.775   -9.854  -5.811  1.00 28.37 ?  165 ARG A CD  1 
ATOM   1273 N NE  . ARG A 1 165 ? 2.908   -10.837 -6.447  1.00 38.62 ?  165 ARG A NE  1 
ATOM   1274 C CZ  . ARG A 1 165 ? 2.499   -11.971 -5.885  1.00 38.00 ?  165 ARG A CZ  1 
ATOM   1275 N NH1 . ARG A 1 165 ? 2.883   -12.292 -4.655  1.00 33.87 1  165 ARG A NH1 1 
ATOM   1276 N NH2 . ARG A 1 165 ? 1.703   -12.785 -6.558  1.00 37.76 ?  165 ARG A NH2 1 
ATOM   1277 N N   . PRO A 1 166 ? 3.627   -9.429  -10.702 1.00 25.34 ?  166 PRO A N   1 
ATOM   1278 C CA  . PRO A 1 166 ? 2.384   -9.838  -11.363 1.00 24.66 ?  166 PRO A CA  1 
ATOM   1279 C C   . PRO A 1 166 ? 1.365   -10.356 -10.361 1.00 26.84 ?  166 PRO A C   1 
ATOM   1280 O O   . PRO A 1 166 ? 1.733   -10.804 -9.266  1.00 27.71 ?  166 PRO A O   1 
ATOM   1281 C CB  . PRO A 1 166 ? 2.839   -10.964 -12.306 1.00 36.75 ?  166 PRO A CB  1 
ATOM   1282 C CG  . PRO A 1 166 ? 4.314   -10.758 -12.471 1.00 32.74 ?  166 PRO A CG  1 
ATOM   1283 C CD  . PRO A 1 166 ? 4.781   -10.230 -11.155 1.00 29.22 ?  166 PRO A CD  1 
ATOM   1284 N N   . LEU A 1 167 ? 0.092   -10.292 -10.736 1.00 29.11 ?  167 LEU A N   1 
ATOM   1285 C CA  . LEU A 1 167 ? -0.983  -10.845 -9.928  1.00 33.22 ?  167 LEU A CA  1 
ATOM   1286 C C   . LEU A 1 167 ? -1.504  -12.108 -10.591 1.00 38.75 ?  167 LEU A C   1 
ATOM   1287 O O   . LEU A 1 167 ? -1.791  -12.093 -11.785 1.00 42.36 ?  167 LEU A O   1 
ATOM   1288 C CB  . LEU A 1 167 ? -2.113  -9.835  -9.753  1.00 31.11 ?  167 LEU A CB  1 
ATOM   1289 C CG  . LEU A 1 167 ? -1.826  -8.678  -8.795  1.00 27.67 ?  167 LEU A CG  1 
ATOM   1290 C CD1 . LEU A 1 167 ? -2.995  -7.743  -8.738  1.00 29.40 ?  167 LEU A CD1 1 
ATOM   1291 C CD2 . LEU A 1 167 ? -1.511  -9.235  -7.411  1.00 33.48 ?  167 LEU A CD2 1 
ATOM   1292 N N   . SER B 2 1   ? 6.902   5.108   -1.023  1.00 86.21 ?  1   SER B N   1 
ATOM   1293 C CA  . SER B 2 1   ? 5.595   5.331   -0.431  1.00 83.44 ?  1   SER B CA  1 
ATOM   1294 C C   . SER B 2 1   ? 4.869   6.459   -1.151  1.00 80.30 ?  1   SER B C   1 
ATOM   1295 O O   . SER B 2 1   ? 4.958   7.620   -0.747  1.00 81.33 ?  1   SER B O   1 
ATOM   1296 C CB  . SER B 2 1   ? 5.731   5.651   1.059   1.00 84.49 ?  1   SER B CB  1 
ATOM   1297 O OG  . SER B 2 1   ? 6.687   4.807   1.675   1.00 84.39 ?  1   SER B OG  1 
ATOM   1298 N N   . SER B 2 2   ? 4.164   6.121   -2.225  1.00 78.29 ?  2   SER B N   1 
ATOM   1299 C CA  . SER B 2 2   ? 3.316   7.096   -2.898  1.00 74.78 ?  2   SER B CA  1 
ATOM   1300 C C   . SER B 2 2   ? 2.100   7.385   -2.036  1.00 71.11 ?  2   SER B C   1 
ATOM   1301 O O   . SER B 2 2   ? 2.221   7.815   -0.884  1.00 66.89 ?  2   SER B O   1 
ATOM   1302 C CB  . SER B 2 2   ? 2.865   6.602   -4.271  1.00 74.63 ?  2   SER B CB  1 
ATOM   1303 O OG  . SER B 2 2   ? 1.779   5.696   -4.162  1.00 74.39 ?  2   SER B OG  1 
HETATM 1304 N N1A . COA C 3 .   ? 13.536  -6.014  9.805   1.00 42.62 ?  400 COA A N1A 1 
HETATM 1305 C C2A . COA C 3 .   ? 13.710  -7.062  8.972   1.00 47.28 ?  400 COA A C2A 1 
HETATM 1306 N N3A . COA C 3 .   ? 12.668  -7.635  8.366   1.00 46.38 ?  400 COA A N3A 1 
HETATM 1307 C C4A . COA C 3 .   ? 11.397  -7.172  8.579   1.00 41.82 ?  400 COA A C4A 1 
HETATM 1308 C C5A . COA C 3 .   ? 11.184  -6.098  9.430   1.00 38.55 ?  400 COA A C5A 1 
HETATM 1309 C C6A . COA C 3 .   ? 12.299  -5.516  10.054  1.00 42.09 ?  400 COA A C6A 1 
HETATM 1310 N N6A . COA C 3 .   ? 12.122  -4.383  10.955  1.00 39.79 ?  400 COA A N6A 1 
HETATM 1311 N N7A . COA C 3 .   ? 9.817   -5.851  9.451   1.00 38.31 ?  400 COA A N7A 1 
HETATM 1312 C C8A . COA C 3 .   ? 9.217   -6.760  8.633   1.00 37.36 ?  400 COA A C8A 1 
HETATM 1313 N N9A . COA C 3 .   ? 10.159  -7.558  8.092   1.00 36.93 ?  400 COA A N9A 1 
HETATM 1314 C C1B . COA C 3 .   ? 9.941   -8.685  7.170   1.00 43.06 ?  400 COA A C1B 1 
HETATM 1315 C C2B . COA C 3 .   ? 10.206  -9.962  7.865   1.00 44.21 ?  400 COA A C2B 1 
HETATM 1316 O O2B . COA C 3 .   ? 10.636  -10.925 6.971   1.00 44.25 ?  400 COA A O2B 1 
HETATM 1317 C C3B . COA C 3 .   ? 8.898   -10.338 8.347   1.00 40.72 ?  400 COA A C3B 1 
HETATM 1318 O O3B . COA C 3 .   ? 8.894   -11.678 8.640   1.00 46.55 ?  400 COA A O3B 1 
HETATM 1319 P P3B . COA C 3 .   ? 9.127   -12.144 10.119  1.00 57.95 ?  400 COA A P3B 1 
HETATM 1320 O O7A . COA C 3 .   ? 8.676   -13.594 10.289  1.00 57.29 ?  400 COA A O7A 1 
HETATM 1321 O O8A . COA C 3 .   ? 8.335   -11.290 11.028  1.00 43.01 ?  400 COA A O8A 1 
HETATM 1322 O O9A . COA C 3 .   ? 10.581  -12.023 10.461  1.00 50.17 ?  400 COA A O9A 1 
HETATM 1323 C C4B . COA C 3 .   ? 8.060   -10.010 7.180   1.00 38.69 ?  400 COA A C4B 1 
HETATM 1324 O O4B . COA C 3 .   ? 8.576   -8.784  6.725   1.00 36.14 ?  400 COA A O4B 1 
HETATM 1325 C C5B . COA C 3 .   ? 6.650   -9.810  7.548   1.00 36.19 ?  400 COA A C5B 1 
HETATM 1326 O O5B . COA C 3 .   ? 6.435   -8.632  8.273   1.00 30.71 ?  400 COA A O5B 1 
HETATM 1327 P P1A . COA C 3 .   ? 5.057   -8.178  8.897   1.00 27.49 ?  400 COA A P1A 1 
HETATM 1328 O O1A . COA C 3 .   ? 4.950   -8.588  10.340  1.00 26.39 ?  400 COA A O1A 1 
HETATM 1329 O O2A . COA C 3 .   ? 3.949   -8.697  8.075   1.00 23.34 ?  400 COA A O2A 1 
HETATM 1330 O O3A . COA C 3 .   ? 5.178   -6.587  8.824   1.00 26.02 ?  400 COA A O3A 1 
HETATM 1331 P P2A . COA C 3 .   ? 4.669   -5.561  9.909   1.00 28.07 ?  400 COA A P2A 1 
HETATM 1332 O O4A . COA C 3 .   ? 5.599   -5.490  11.109  1.00 30.16 ?  400 COA A O4A 1 
HETATM 1333 O O5A . COA C 3 .   ? 3.261   -5.873  10.307  1.00 24.42 ?  400 COA A O5A 1 
HETATM 1334 O O6A . COA C 3 .   ? 4.669   -4.116  9.203   1.00 24.89 ?  400 COA A O6A 1 
HETATM 1335 C CBP . COA C 3 .   ? 5.766   -2.303  7.991   1.00 22.34 ?  400 COA A CBP 1 
HETATM 1336 C CCP . COA C 3 .   ? 5.667   -3.829  8.295   1.00 27.64 ?  400 COA A CCP 1 
HETATM 1337 C CDP . COA C 3 .   ? 6.927   -2.058  7.065   1.00 26.28 ?  400 COA A CDP 1 
HETATM 1338 C CEP . COA C 3 .   ? 4.455   -1.887  7.326   1.00 25.61 ?  400 COA A CEP 1 
HETATM 1339 C CAP . COA C 3 .   ? 5.950   -1.632  9.333   1.00 29.45 ?  400 COA A CAP 1 
HETATM 1340 O OAP . COA C 3 .   ? 7.271   -1.782  9.860   1.00 29.36 ?  400 COA A OAP 1 
HETATM 1341 C C9P . COA C 3 .   ? 5.668   -0.141  9.342   1.00 26.20 ?  400 COA A C9P 1 
HETATM 1342 O O9P . COA C 3 .   ? 4.493   0.288   9.484   1.00 27.72 ?  400 COA A O9P 1 
HETATM 1343 N N8P . COA C 3 .   ? 6.727   0.837   9.219   1.00 28.73 ?  400 COA A N8P 1 
HETATM 1344 C C7P . COA C 3 .   ? 6.497   2.278   9.224   1.00 30.22 ?  400 COA A C7P 1 
HETATM 1345 C C6P . COA C 3 .   ? 5.622   2.765   8.033   1.00 34.65 ?  400 COA A C6P 1 
HETATM 1346 C C5P . COA C 3 .   ? 6.156   2.293   6.683   1.00 31.66 ?  400 COA A C5P 1 
HETATM 1347 O O5P . COA C 3 .   ? 7.382   2.437   6.440   1.00 31.23 ?  400 COA A O5P 1 
HETATM 1348 N N4P . COA C 3 .   ? 5.257   1.665   5.713   1.00 30.42 ?  400 COA A N4P 1 
HETATM 1349 C C3P . COA C 3 .   ? 5.766   1.203   4.437   1.00 30.71 ?  400 COA A C3P 1 
HETATM 1350 C C2P . COA C 3 .   ? 6.236   2.247   3.433   1.00 40.76 ?  400 COA A C2P 1 
HETATM 1351 S S1P . COA C 3 .   ? 6.453   1.753   1.753   1.00 52.53 ?  400 COA A S1P 1 
HETATM 1352 O O   . HOH D 4 .   ? -5.212  -11.381 4.196   1.00 19.85 ?  501 HOH A O   1 
HETATM 1353 O O   . HOH D 4 .   ? 2.607   -7.160  12.336  1.00 25.56 ?  502 HOH A O   1 
HETATM 1354 O O   . HOH D 4 .   ? 7.725   -11.749 -8.505  1.00 48.58 ?  503 HOH A O   1 
HETATM 1355 O O   . HOH D 4 .   ? -6.567  16.889  6.570   1.00 36.53 ?  504 HOH A O   1 
HETATM 1356 O O   . HOH D 4 .   ? 0.827   -13.124 14.624  1.00 24.73 ?  505 HOH A O   1 
HETATM 1357 O O   . HOH D 4 .   ? -11.360 6.624   13.308  1.00 28.72 ?  506 HOH A O   1 
HETATM 1358 O O   . HOH D 4 .   ? 13.226  16.824  -3.655  1.00 31.51 ?  507 HOH A O   1 
HETATM 1359 O O   . HOH D 4 .   ? 3.811   3.705   15.654  1.00 35.57 ?  508 HOH A O   1 
HETATM 1360 O O   . HOH D 4 .   ? 10.629  13.497  2.154   1.00 34.52 ?  509 HOH A O   1 
HETATM 1361 O O   . HOH D 4 .   ? -7.278  -12.253 5.640   1.00 20.59 ?  510 HOH A O   1 
HETATM 1362 O O   . HOH D 4 .   ? 4.751   -1.329  -20.351 1.00 36.50 ?  511 HOH A O   1 
HETATM 1363 O O   . HOH D 4 .   ? -13.112 9.025   11.038  1.00 31.31 ?  512 HOH A O   1 
HETATM 1364 O O   . HOH D 4 .   ? 4.524   -1.889  -27.721 1.00 47.22 ?  513 HOH A O   1 
HETATM 1365 O O   . HOH D 4 .   ? 3.446   -3.774  -29.012 1.00 49.73 ?  514 HOH A O   1 
HETATM 1366 O O   . HOH D 4 .   ? -12.701 -9.903  9.842   1.00 43.39 ?  515 HOH A O   1 
HETATM 1367 O O   . HOH D 4 .   ? -5.936  5.098   -16.372 1.00 31.96 ?  516 HOH A O   1 
HETATM 1368 O O   . HOH D 4 .   ? -13.679 -0.311  2.016   1.00 31.91 ?  517 HOH A O   1 
HETATM 1369 O O   . HOH D 4 .   ? -18.127 4.519   -2.706  1.00 47.02 ?  518 HOH A O   1 
HETATM 1370 O O   . HOH D 4 .   ? -15.267 1.748   -3.808  1.00 40.15 ?  519 HOH A O   1 
HETATM 1371 O O   . HOH D 4 .   ? 3.797   3.483   -3.060  1.00 27.01 ?  520 HOH A O   1 
HETATM 1372 O O   . HOH D 4 .   ? -4.508  -5.886  -17.440 1.00 29.73 ?  521 HOH A O   1 
HETATM 1373 O O   . HOH D 4 .   ? 14.356  -7.396  -6.223  1.00 33.22 ?  522 HOH A O   1 
HETATM 1374 O O   . HOH D 4 .   ? -3.072  8.342   -5.336  1.00 29.66 ?  523 HOH A O   1 
HETATM 1375 O O   . HOH D 4 .   ? -15.091 -6.144  5.814   1.00 37.06 ?  524 HOH A O   1 
HETATM 1376 O O   . HOH D 4 .   ? -13.560 11.757  -6.180  1.00 35.59 ?  525 HOH A O   1 
HETATM 1377 O O   . HOH D 4 .   ? 8.009   -4.227  11.023  1.00 32.53 ?  526 HOH A O   1 
HETATM 1378 O O   . HOH D 4 .   ? -14.759 0.396   -6.028  1.00 34.49 ?  527 HOH A O   1 
HETATM 1379 O O   . HOH D 4 .   ? 9.425   0.581   8.549   1.00 35.51 ?  528 HOH A O   1 
HETATM 1380 O O   . HOH D 4 .   ? -9.489  -9.577  -0.449  1.00 32.28 ?  529 HOH A O   1 
HETATM 1381 O O   . HOH D 4 .   ? 8.470   12.886  0.563   1.00 42.36 ?  530 HOH A O   1 
HETATM 1382 O O   . HOH D 4 .   ? 2.729   -13.414 16.370  1.00 36.18 ?  531 HOH A O   1 
HETATM 1383 O O   . HOH D 4 .   ? -13.192 -6.477  -0.810  1.00 37.68 ?  532 HOH A O   1 
HETATM 1384 O O   . HOH D 4 .   ? -0.586  -1.999  -25.175 1.00 45.53 ?  533 HOH A O   1 
HETATM 1385 O O   . HOH D 4 .   ? 7.139   4.296   12.162  1.00 40.86 ?  534 HOH A O   1 
HETATM 1386 O O   . HOH D 4 .   ? -6.030  -2.971  -21.677 1.00 37.61 ?  535 HOH A O   1 
HETATM 1387 O O   . HOH D 4 .   ? -6.324  -7.697  -16.463 1.00 35.01 ?  536 HOH A O   1 
HETATM 1388 O O   . HOH D 4 .   ? 14.328  8.296   -12.076 1.00 42.36 ?  537 HOH A O   1 
HETATM 1389 O O   . HOH D 4 .   ? -13.938 -4.355  13.597  1.00 43.02 ?  538 HOH A O   1 
HETATM 1390 O O   . HOH D 4 .   ? -11.634 7.916   15.711  1.00 38.48 ?  539 HOH A O   1 
HETATM 1391 O O   . HOH D 4 .   ? 9.135   4.298   7.647   1.00 41.61 ?  540 HOH A O   1 
HETATM 1392 O O   . HOH D 4 .   ? -8.483  18.411  7.668   1.00 37.96 ?  541 HOH A O   1 
HETATM 1393 O O   . HOH D 4 .   ? -14.611 8.618   13.063  1.00 46.25 ?  542 HOH A O   1 
HETATM 1394 O O   . HOH D 4 .   ? 18.692  -0.005  -0.461  1.00 37.99 ?  543 HOH A O   1 
HETATM 1395 O O   . HOH D 4 .   ? -6.054  -10.381 -12.859 1.00 47.38 ?  544 HOH A O   1 
HETATM 1396 O O   . HOH D 4 .   ? -9.827  -7.839  16.471  1.00 36.52 ?  545 HOH A O   1 
HETATM 1397 O O   . HOH D 4 .   ? 17.927  -2.881  -0.376  1.00 47.42 ?  546 HOH A O   1 
HETATM 1398 O O   . HOH D 4 .   ? 9.763   -0.992  13.913  1.00 42.74 ?  547 HOH A O   1 
HETATM 1399 O O   . HOH D 4 .   ? 18.740  8.424   -1.742  1.00 40.86 ?  548 HOH A O   1 
HETATM 1400 O O   . HOH D 4 .   ? 13.347  5.109   5.819   1.00 36.60 ?  549 HOH A O   1 
HETATM 1401 O O   . HOH D 4 .   ? -4.153  18.459  5.718   1.00 47.69 ?  550 HOH A O   1 
HETATM 1402 O O   . HOH D 4 .   ? 5.463   4.964   18.744  1.00 49.49 ?  551 HOH A O   1 
HETATM 1403 O O   . HOH D 4 .   ? 17.782  -3.003  1.918   1.00 47.98 ?  552 HOH A O   1 
HETATM 1404 O O   . HOH D 4 .   ? 6.011   14.068  1.162   1.00 48.28 ?  553 HOH A O   1 
HETATM 1405 O O   . HOH D 4 .   ? 2.911   4.265   18.157  1.00 41.28 ?  554 HOH A O   1 
HETATM 1406 O O   . HOH D 4 .   ? -13.346 -8.386  2.191   1.00 45.89 ?  555 HOH A O   1 
HETATM 1407 O O   . HOH D 4 .   ? -5.718  -17.542 18.514  1.00 44.54 ?  556 HOH A O   1 
HETATM 1408 O O   . HOH D 4 .   ? 16.871  -0.316  3.369   1.00 40.68 ?  557 HOH A O   1 
HETATM 1409 O O   . HOH D 4 .   ? -13.574 -0.685  14.840  1.00 52.01 ?  558 HOH A O   1 
HETATM 1410 O O   . HOH D 4 .   ? -12.999 2.251   14.031  1.00 54.21 ?  559 HOH A O   1 
HETATM 1411 O O   . HOH D 4 .   ? -3.741  -12.683 -5.270  1.00 47.12 ?  560 HOH A O   1 
HETATM 1412 O O   . HOH D 4 .   ? 5.441   -9.741  -19.086 1.00 57.40 ?  561 HOH A O   1 
HETATM 1413 O O   . HOH D 4 .   ? -2.318  -12.927 -7.456  1.00 50.35 ?  562 HOH A O   1 
HETATM 1414 O O   . HOH D 4 .   ? -6.732  11.918  13.006  1.00 39.17 ?  563 HOH A O   1 
HETATM 1415 O O   . HOH D 4 .   ? 3.234   7.688   -7.851  1.00 46.33 ?  564 HOH A O   1 
HETATM 1416 O O   . HOH D 4 .   ? -14.850 6.566   14.499  1.00 52.57 ?  565 HOH A O   1 
HETATM 1417 O O   . HOH D 4 .   ? 4.366   5.761   -9.100  1.00 39.14 ?  566 HOH A O   1 
HETATM 1418 O O   . HOH D 4 .   ? -18.253 4.340   8.692   1.00 28.60 ?  567 HOH A O   1 
HETATM 1419 O O   . HOH D 4 .   ? 6.152   -11.125 10.864  1.00 31.26 ?  568 HOH A O   1 
HETATM 1420 O O   . HOH D 4 .   ? -15.899 -1.759  0.681   1.00 46.72 ?  569 HOH A O   1 
HETATM 1421 O O   . HOH D 4 .   ? -14.462 9.940   9.001   1.00 38.45 ?  570 HOH A O   1 
HETATM 1422 O O   . HOH D 4 .   ? 11.418  -10.924 -4.485  1.00 36.39 ?  571 HOH A O   1 
HETATM 1423 O O   . HOH D 4 .   ? 15.336  -4.406  3.262   1.00 43.26 ?  572 HOH A O   1 
HETATM 1424 O O   . HOH D 4 .   ? 2.680   -6.030  -16.261 1.00 60.74 ?  573 HOH A O   1 
HETATM 1425 O O   . HOH D 4 .   ? 16.431  -5.560  1.727   1.00 47.92 ?  574 HOH A O   1 
HETATM 1426 O O   . HOH D 4 .   ? 0.081   6.440   -9.526  1.00 44.19 ?  575 HOH A O   1 
HETATM 1427 O O   . HOH D 4 .   ? 0.681   9.681   -3.706  1.00 47.54 ?  576 HOH A O   1 
HETATM 1428 O O   . HOH D 4 .   ? -3.337  -10.523 22.076  1.00 39.76 ?  577 HOH A O   1 
HETATM 1429 O O   . HOH D 4 .   ? -11.669 1.976   16.448  1.00 50.03 ?  578 HOH A O   1 
HETATM 1430 O O   . HOH D 4 .   ? 6.357   4.779   15.806  1.00 49.18 ?  579 HOH A O   1 
HETATM 1431 O O   . HOH D 4 .   ? -11.860 -9.558  -2.419  1.00 43.93 ?  580 HOH A O   1 
HETATM 1432 O O   . HOH D 4 .   ? 3.343   -8.325  -16.217 1.00 50.37 ?  581 HOH A O   1 
HETATM 1433 O O   . HOH D 4 .   ? 8.387   -0.231  -18.362 1.00 50.26 ?  582 HOH A O   1 
HETATM 1434 O O   . HOH D 4 .   ? -11.680 -6.022  17.918  1.00 48.76 ?  583 HOH A O   1 
HETATM 1435 O O   . HOH D 4 .   ? 3.663   3.343   2.243   1.00 37.98 ?  584 HOH A O   1 
HETATM 1436 O O   . HOH D 4 .   ? 9.074   4.344   2.493   1.00 30.46 ?  585 HOH A O   1 
# 
loop_
_pdbx_poly_seq_scheme.asym_id 
_pdbx_poly_seq_scheme.entity_id 
_pdbx_poly_seq_scheme.seq_id 
_pdbx_poly_seq_scheme.mon_id 
_pdbx_poly_seq_scheme.ndb_seq_num 
_pdbx_poly_seq_scheme.pdb_seq_num 
_pdbx_poly_seq_scheme.auth_seq_num 
_pdbx_poly_seq_scheme.pdb_mon_id 
_pdbx_poly_seq_scheme.auth_mon_id 
_pdbx_poly_seq_scheme.pdb_strand_id 
_pdbx_poly_seq_scheme.pdb_ins_code 
_pdbx_poly_seq_scheme.hetero 
A 1 1   MET 1   1   ?   ?   ?   A . n 
A 1 2   GLU 2   2   ?   ?   ?   A . n 
A 1 3   LEU 3   3   ?   ?   ?   A . n 
A 1 4   ALA 4   4   ?   ?   ?   A . n 
A 1 5   GLU 5   5   ?   ?   ?   A . n 
A 1 6   LYS 6   6   ?   ?   ?   A . n 
A 1 7   ASP 7   7   ?   ?   ?   A . n 
A 1 8   LYS 8   8   ?   ?   ?   A . n 
A 1 9   GLY 9   9   ?   ?   ?   A . n 
A 1 10  ARG 10  10  ?   ?   ?   A . n 
A 1 11  ASP 11  11  11  ASP ASP A . n 
A 1 12  PHE 12  12  12  PHE PHE A . n 
A 1 13  THR 13  13  13  THR THR A . n 
A 1 14  LEU 14  14  14  LEU LEU A . n 
A 1 15  ARG 15  15  15  ARG ARG A . n 
A 1 16  ASN 16  16  16  ASN ASN A . n 
A 1 17  ALA 17  17  17  ALA ALA A . n 
A 1 18  ARG 18  18  18  ARG ARG A . n 
A 1 19  MET 19  19  19  MET MET A . n 
A 1 20  ASP 20  20  20  ASP ASP A . n 
A 1 21  ASP 21  21  21  ASP ASP A . n 
A 1 22  ILE 22  22  22  ILE ILE A . n 
A 1 23  ASP 23  23  23  ASP ASP A . n 
A 1 24  GLN 24  24  24  GLN GLN A . n 
A 1 25  ILE 25  25  25  ILE ILE A . n 
A 1 26  ILE 26  26  26  ILE ILE A . n 
A 1 27  LYS 27  27  27  LYS LYS A . n 
A 1 28  ILE 28  28  28  ILE ILE A . n 
A 1 29  ASN 29  29  29  ASN ASN A . n 
A 1 30  ARG 30  30  30  ARG ARG A . n 
A 1 31  LEU 31  31  31  LEU LEU A . n 
A 1 32  THR 32  32  32  THR THR A . n 
A 1 33  LEU 33  33  33  LEU LEU A . n 
A 1 34  PRO 34  34  34  PRO PRO A . n 
A 1 35  GLU 35  35  35  GLU GLU A . n 
A 1 36  ASN 36  36  36  ASN ASN A . n 
A 1 37  TYR 37  37  37  TYR TYR A . n 
A 1 38  PRO 38  38  38  PRO PRO A . n 
A 1 39  TYR 39  39  39  TYR TYR A . n 
A 1 40  TYR 40  40  40  TYR TYR A . n 
A 1 41  PHE 41  41  41  PHE PHE A . n 
A 1 42  PHE 42  42  42  PHE PHE A . n 
A 1 43  VAL 43  43  43  VAL VAL A . n 
A 1 44  GLU 44  44  44  GLU GLU A . n 
A 1 45  HIS 45  45  45  HIS HIS A . n 
A 1 46  LEU 46  46  46  LEU LEU A . n 
A 1 47  LYS 47  47  47  LYS LYS A . n 
A 1 48  GLU 48  48  48  GLU GLU A . n 
A 1 49  TYR 49  49  49  TYR TYR A . n 
A 1 50  GLY 50  50  50  GLY GLY A . n 
A 1 51  LEU 51  51  51  LEU LEU A . n 
A 1 52  ALA 52  52  52  ALA ALA A . n 
A 1 53  PHE 53  53  53  PHE PHE A . n 
A 1 54  PHE 54  54  54  PHE PHE A . n 
A 1 55  VAL 55  55  55  VAL VAL A . n 
A 1 56  ALA 56  56  56  ALA ALA A . n 
A 1 57  ILE 57  57  57  ILE ILE A . n 
A 1 58  VAL 58  58  58  VAL VAL A . n 
A 1 59  ASP 59  59  59  ASP ASP A . n 
A 1 60  ASN 60  60  60  ASN ASN A . n 
A 1 61  SER 61  61  61  SER SER A . n 
A 1 62  VAL 62  62  62  VAL VAL A . n 
A 1 63  VAL 63  63  63  VAL VAL A . n 
A 1 64  GLY 64  64  64  GLY GLY A . n 
A 1 65  TYR 65  65  65  TYR TYR A . n 
A 1 66  ILE 66  66  66  ILE ILE A . n 
A 1 67  MET 67  67  67  MET MET A . n 
A 1 68  PRO 68  68  68  PRO PRO A . n 
A 1 69  ARG 69  69  69  ARG ARG A . n 
A 1 70  ILE 70  70  70  ILE ILE A . n 
A 1 71  GLU 71  71  71  GLU GLU A . n 
A 1 72  TRP 72  72  72  TRP TRP A . n 
A 1 73  GLY 73  73  73  GLY GLY A . n 
A 1 74  PHE 74  74  74  PHE PHE A . n 
A 1 75  SER 75  75  75  SER SER A . n 
A 1 76  ASN 76  76  76  ASN ASN A . n 
A 1 77  ILE 77  77  77  ILE ILE A . n 
A 1 78  LYS 78  78  78  LYS LYS A . n 
A 1 79  GLN 79  79  79  GLN GLN A . n 
A 1 80  LEU 80  80  80  LEU LEU A . n 
A 1 81  PRO 81  81  81  PRO PRO A . n 
A 1 82  SER 82  82  82  SER SER A . n 
A 1 83  LEU 83  83  83  LEU LEU A . n 
A 1 84  VAL 84  84  84  VAL VAL A . n 
A 1 85  ARG 85  85  85  ARG ARG A . n 
A 1 86  LYS 86  86  86  LYS LYS A . n 
A 1 87  GLY 87  87  87  GLY GLY A . n 
A 1 88  HIS 88  88  88  HIS HIS A . n 
A 1 89  VAL 89  89  89  VAL VAL A . n 
A 1 90  VAL 90  90  90  VAL VAL A . n 
A 1 91  SER 91  91  91  SER SER A . n 
A 1 92  ILE 92  92  92  ILE ILE A . n 
A 1 93  ALA 93  93  93  ALA ALA A . n 
A 1 94  VAL 94  94  94  VAL VAL A . n 
A 1 95  LEU 95  95  95  LEU LEU A . n 
A 1 96  GLU 96  96  96  GLU GLU A . n 
A 1 97  GLU 97  97  97  GLU GLU A . n 
A 1 98  TYR 98  98  98  TYR TYR A . n 
A 1 99  ARG 99  99  99  ARG ARG A . n 
A 1 100 ARG 100 100 100 ARG ARG A . n 
A 1 101 LYS 101 101 101 LYS LYS A . n 
A 1 102 GLY 102 102 102 GLY GLY A . n 
A 1 103 ILE 103 103 103 ILE ILE A . n 
A 1 104 ALA 104 104 104 ALA ALA A . n 
A 1 105 THR 105 105 105 THR THR A . n 
A 1 106 THR 106 106 106 THR THR A . n 
A 1 107 LEU 107 107 107 LEU LEU A . n 
A 1 108 LEU 108 108 108 LEU LEU A . n 
A 1 109 GLU 109 109 109 GLU GLU A . n 
A 1 110 ALA 110 110 110 ALA ALA A . n 
A 1 111 SER 111 111 111 SER SER A . n 
A 1 112 MET 112 112 112 MET MET A . n 
A 1 113 LYS 113 113 113 LYS LYS A . n 
A 1 114 SER 114 114 114 SER SER A . n 
A 1 115 MET 115 115 115 MET MET A . n 
A 1 116 LYS 116 116 116 LYS LYS A . n 
A 1 117 ASN 117 117 117 ASN ASN A . n 
A 1 118 ASP 118 118 118 ASP ASP A . n 
A 1 119 TYR 119 119 119 TYR TYR A . n 
A 1 120 ASN 120 120 120 ASN ASN A . n 
A 1 121 ALA 121 121 121 ALA ALA A . n 
A 1 122 GLU 122 122 122 GLU GLU A . n 
A 1 123 GLU 123 123 123 GLU GLU A . n 
A 1 124 ILE 124 124 124 ILE ILE A . n 
A 1 125 TYR 125 125 125 TYR TYR A . n 
A 1 126 LEU 126 126 126 LEU LEU A . n 
A 1 127 GLU 127 127 127 GLU GLU A . n 
A 1 128 VAL 128 128 128 VAL VAL A . n 
A 1 129 ARG 129 129 129 ARG ARG A . n 
A 1 130 VAL 130 130 130 VAL VAL A . n 
A 1 131 SER 131 131 131 SER SER A . n 
A 1 132 ASN 132 132 132 ASN ASN A . n 
A 1 133 TYR 133 133 133 TYR TYR A . n 
A 1 134 PRO 134 134 134 PRO PRO A . n 
A 1 135 ALA 135 135 135 ALA ALA A . n 
A 1 136 ILE 136 136 136 ILE ILE A . n 
A 1 137 ALA 137 137 137 ALA ALA A . n 
A 1 138 LEU 138 138 138 LEU LEU A . n 
A 1 139 TYR 139 139 139 TYR TYR A . n 
A 1 140 GLU 140 140 140 GLU GLU A . n 
A 1 141 LYS 141 141 141 LYS LYS A . n 
A 1 142 LEU 142 142 142 LEU LEU A . n 
A 1 143 ASN 143 143 143 ASN ASN A . n 
A 1 144 PHE 144 144 144 PHE PHE A . n 
A 1 145 LYS 145 145 145 LYS LYS A . n 
A 1 146 LYS 146 146 146 LYS LYS A . n 
A 1 147 VAL 147 147 147 VAL VAL A . n 
A 1 148 LYS 148 148 148 LYS LYS A . n 
A 1 149 VAL 149 149 149 VAL VAL A . n 
A 1 150 LEU 150 150 150 LEU LEU A . n 
A 1 151 LYS 151 151 151 LYS LYS A . n 
A 1 152 GLY 152 152 152 GLY GLY A . n 
A 1 153 TYR 153 153 153 TYR TYR A . n 
A 1 154 TYR 154 154 154 TYR TYR A . n 
A 1 155 ALA 155 155 155 ALA ALA A . n 
A 1 156 ASP 156 156 156 ASP ASP A . n 
A 1 157 GLY 157 157 157 GLY GLY A . n 
A 1 158 GLU 158 158 158 GLU GLU A . n 
A 1 159 ASP 159 159 159 ASP ASP A . n 
A 1 160 ALA 160 160 160 ALA ALA A . n 
A 1 161 TYR 161 161 161 TYR TYR A . n 
A 1 162 LEU 162 162 162 LEU LEU A . n 
A 1 163 MET 163 163 163 MET MET A . n 
A 1 164 ALA 164 164 164 ALA ALA A . n 
A 1 165 ARG 165 165 165 ARG ARG A . n 
A 1 166 PRO 166 166 166 PRO PRO A . n 
A 1 167 LEU 167 167 167 LEU LEU A . n 
A 1 168 HIS 168 168 ?   ?   ?   A . n 
A 1 169 HIS 169 169 ?   ?   ?   A . n 
A 1 170 HIS 170 170 ?   ?   ?   A . n 
A 1 171 HIS 171 171 ?   ?   ?   A . n 
A 1 172 HIS 172 172 ?   ?   ?   A . n 
A 1 173 HIS 173 173 ?   ?   ?   A . n 
B 2 1   SER 1   1   1   SER SER B . n 
B 2 2   SER 2   2   2   SER SER B . n 
B 2 3   GLY 3   3   ?   ?   ?   B . n 
B 2 4   THR 4   4   ?   ?   ?   B . n 
B 2 5   PRO 5   5   ?   ?   ?   B . n 
B 2 6   THR 6   6   ?   ?   ?   B . n 
# 
loop_
_pdbx_nonpoly_scheme.asym_id 
_pdbx_nonpoly_scheme.entity_id 
_pdbx_nonpoly_scheme.mon_id 
_pdbx_nonpoly_scheme.ndb_seq_num 
_pdbx_nonpoly_scheme.pdb_seq_num 
_pdbx_nonpoly_scheme.auth_seq_num 
_pdbx_nonpoly_scheme.pdb_mon_id 
_pdbx_nonpoly_scheme.auth_mon_id 
_pdbx_nonpoly_scheme.pdb_strand_id 
_pdbx_nonpoly_scheme.pdb_ins_code 
C 3 COA 1  400 400 COA COA A . 
D 4 HOH 1  501 1   HOH HOH A . 
D 4 HOH 2  502 2   HOH HOH A . 
D 4 HOH 3  503 3   HOH HOH A . 
D 4 HOH 4  504 4   HOH HOH A . 
D 4 HOH 5  505 5   HOH HOH A . 
D 4 HOH 6  506 6   HOH HOH A . 
D 4 HOH 7  507 7   HOH HOH A . 
D 4 HOH 8  508 8   HOH HOH A . 
D 4 HOH 9  509 9   HOH HOH A . 
D 4 HOH 10 510 10  HOH HOH A . 
D 4 HOH 11 511 11  HOH HOH A . 
D 4 HOH 12 512 12  HOH HOH A . 
D 4 HOH 13 513 13  HOH HOH A . 
D 4 HOH 14 514 14  HOH HOH A . 
D 4 HOH 15 515 15  HOH HOH A . 
D 4 HOH 16 516 16  HOH HOH A . 
D 4 HOH 17 517 17  HOH HOH A . 
D 4 HOH 18 518 18  HOH HOH A . 
D 4 HOH 19 519 19  HOH HOH A . 
D 4 HOH 20 520 20  HOH HOH A . 
D 4 HOH 21 521 21  HOH HOH A . 
D 4 HOH 22 522 22  HOH HOH A . 
D 4 HOH 23 523 23  HOH HOH A . 
D 4 HOH 24 524 24  HOH HOH A . 
D 4 HOH 25 525 25  HOH HOH A . 
D 4 HOH 26 526 26  HOH HOH A . 
D 4 HOH 27 527 27  HOH HOH A . 
D 4 HOH 28 528 28  HOH HOH A . 
D 4 HOH 29 529 29  HOH HOH A . 
D 4 HOH 30 530 30  HOH HOH A . 
D 4 HOH 31 531 31  HOH HOH A . 
D 4 HOH 32 532 32  HOH HOH A . 
D 4 HOH 33 533 33  HOH HOH A . 
D 4 HOH 34 534 34  HOH HOH A . 
D 4 HOH 35 535 35  HOH HOH A . 
D 4 HOH 36 536 36  HOH HOH A . 
D 4 HOH 37 537 37  HOH HOH A . 
D 4 HOH 38 538 38  HOH HOH A . 
D 4 HOH 39 539 39  HOH HOH A . 
D 4 HOH 40 540 40  HOH HOH A . 
D 4 HOH 41 541 41  HOH HOH A . 
D 4 HOH 42 542 42  HOH HOH A . 
D 4 HOH 43 543 43  HOH HOH A . 
D 4 HOH 44 544 44  HOH HOH A . 
D 4 HOH 45 545 45  HOH HOH A . 
D 4 HOH 46 546 46  HOH HOH A . 
D 4 HOH 47 547 47  HOH HOH A . 
D 4 HOH 48 548 48  HOH HOH A . 
D 4 HOH 49 549 49  HOH HOH A . 
D 4 HOH 50 550 50  HOH HOH A . 
D 4 HOH 51 551 51  HOH HOH A . 
D 4 HOH 52 552 52  HOH HOH A . 
D 4 HOH 53 553 53  HOH HOH A . 
D 4 HOH 54 554 54  HOH HOH A . 
D 4 HOH 55 555 55  HOH HOH A . 
D 4 HOH 56 556 56  HOH HOH A . 
D 4 HOH 57 557 57  HOH HOH A . 
D 4 HOH 58 558 58  HOH HOH A . 
D 4 HOH 59 559 59  HOH HOH A . 
D 4 HOH 60 560 60  HOH HOH A . 
D 4 HOH 61 561 61  HOH HOH A . 
D 4 HOH 62 562 62  HOH HOH A . 
D 4 HOH 63 563 63  HOH HOH A . 
D 4 HOH 64 564 64  HOH HOH A . 
D 4 HOH 65 565 65  HOH HOH A . 
D 4 HOH 66 566 66  HOH HOH A . 
D 4 HOH 67 567 67  HOH HOH A . 
D 4 HOH 68 568 68  HOH HOH A . 
D 4 HOH 69 569 69  HOH HOH A . 
D 4 HOH 70 570 70  HOH HOH A . 
D 4 HOH 71 571 71  HOH HOH A . 
D 4 HOH 72 572 72  HOH HOH A . 
D 4 HOH 73 573 73  HOH HOH A . 
D 4 HOH 74 574 74  HOH HOH A . 
D 4 HOH 75 575 75  HOH HOH A . 
D 4 HOH 76 576 76  HOH HOH A . 
D 4 HOH 77 577 77  HOH HOH A . 
D 4 HOH 78 578 78  HOH HOH A . 
D 4 HOH 79 579 79  HOH HOH A . 
D 4 HOH 80 580 80  HOH HOH A . 
D 4 HOH 81 581 81  HOH HOH A . 
D 4 HOH 82 582 82  HOH HOH A . 
D 4 HOH 83 583 83  HOH HOH A . 
D 4 HOH 84 584 84  HOH HOH A . 
D 4 HOH 85 585 85  HOH HOH A . 
# 
_pdbx_struct_assembly.id                   1 
_pdbx_struct_assembly.details              author_and_software_defined_assembly 
_pdbx_struct_assembly.method_details       PISA 
_pdbx_struct_assembly.oligomeric_details   dimeric 
_pdbx_struct_assembly.oligomeric_count     2 
# 
_pdbx_struct_assembly_gen.assembly_id       1 
_pdbx_struct_assembly_gen.oper_expression   1 
_pdbx_struct_assembly_gen.asym_id_list      A,B,C,D 
# 
loop_
_pdbx_struct_assembly_prop.biol_id 
_pdbx_struct_assembly_prop.type 
_pdbx_struct_assembly_prop.value 
_pdbx_struct_assembly_prop.details 
1 'ABSA (A^2)' 1760 ? 
1 MORE         -2   ? 
1 'SSA (A^2)'  8100 ? 
# 
_pdbx_struct_oper_list.id                   1 
_pdbx_struct_oper_list.type                 'identity operation' 
_pdbx_struct_oper_list.name                 1_555 
_pdbx_struct_oper_list.symmetry_operation   x,y,z 
_pdbx_struct_oper_list.matrix[1][1]         1.0000000000 
_pdbx_struct_oper_list.matrix[1][2]         0.0000000000 
_pdbx_struct_oper_list.matrix[1][3]         0.0000000000 
_pdbx_struct_oper_list.vector[1]            0.0000000000 
_pdbx_struct_oper_list.matrix[2][1]         0.0000000000 
_pdbx_struct_oper_list.matrix[2][2]         1.0000000000 
_pdbx_struct_oper_list.matrix[2][3]         0.0000000000 
_pdbx_struct_oper_list.vector[2]            0.0000000000 
_pdbx_struct_oper_list.matrix[3][1]         0.0000000000 
_pdbx_struct_oper_list.matrix[3][2]         0.0000000000 
_pdbx_struct_oper_list.matrix[3][3]         1.0000000000 
_pdbx_struct_oper_list.vector[3]            0.0000000000 
# 
loop_
_pdbx_audit_revision_history.ordinal 
_pdbx_audit_revision_history.data_content_type 
_pdbx_audit_revision_history.major_revision 
_pdbx_audit_revision_history.minor_revision 
_pdbx_audit_revision_history.revision_date 
1 'Structure model' 1 0 2015-03-18 
2 'Structure model' 1 1 2023-11-08 
# 
_pdbx_audit_revision_details.ordinal             1 
_pdbx_audit_revision_details.revision_ordinal    1 
_pdbx_audit_revision_details.data_content_type   'Structure model' 
_pdbx_audit_revision_details.provider            repository 
_pdbx_audit_revision_details.type                'Initial release' 
_pdbx_audit_revision_details.description         ? 
_pdbx_audit_revision_details.details             ? 
# 
loop_
_pdbx_audit_revision_group.ordinal 
_pdbx_audit_revision_group.revision_ordinal 
_pdbx_audit_revision_group.data_content_type 
_pdbx_audit_revision_group.group 
1 2 'Structure model' 'Data collection'        
2 2 'Structure model' 'Database references'    
3 2 'Structure model' 'Derived calculations'   
4 2 'Structure model' 'Refinement description' 
# 
loop_
_pdbx_audit_revision_category.ordinal 
_pdbx_audit_revision_category.revision_ordinal 
_pdbx_audit_revision_category.data_content_type 
_pdbx_audit_revision_category.category 
1 2 'Structure model' chem_comp_atom                
2 2 'Structure model' chem_comp_bond                
3 2 'Structure model' database_2                    
4 2 'Structure model' pdbx_initial_refinement_model 
5 2 'Structure model' struct_ref_seq_dif            
6 2 'Structure model' struct_site                   
# 
loop_
_pdbx_audit_revision_item.ordinal 
_pdbx_audit_revision_item.revision_ordinal 
_pdbx_audit_revision_item.data_content_type 
_pdbx_audit_revision_item.item 
1 2 'Structure model' '_database_2.pdbx_DOI'                
2 2 'Structure model' '_database_2.pdbx_database_accession' 
3 2 'Structure model' '_struct_ref_seq_dif.details'         
4 2 'Structure model' '_struct_site.pdbx_auth_asym_id'      
5 2 'Structure model' '_struct_site.pdbx_auth_comp_id'      
6 2 'Structure model' '_struct_site.pdbx_auth_seq_id'       
# 
loop_
_software.name 
_software.classification 
_software.version 
_software.citation_id 
_software.pdbx_ordinal 
HKL-2000 'data collection' .                             ? 1 
BALBES   phasing           .                             ? 2 
PHENIX   refinement        '(phenix.refine: 1.8.4_1496)' ? 3 
HKL-2000 'data reduction'  .                             ? 4 
HKL-2000 'data scaling'    .                             ? 5 
# 
_pdbx_validate_close_contact.id               1 
_pdbx_validate_close_contact.PDB_model_num    1 
_pdbx_validate_close_contact.auth_atom_id_1   OH 
_pdbx_validate_close_contact.auth_asym_id_1   A 
_pdbx_validate_close_contact.auth_comp_id_1   TYR 
_pdbx_validate_close_contact.auth_seq_id_1    154 
_pdbx_validate_close_contact.PDB_ins_code_1   ? 
_pdbx_validate_close_contact.label_alt_id_1   ? 
_pdbx_validate_close_contact.auth_atom_id_2   N 
_pdbx_validate_close_contact.auth_asym_id_2   B 
_pdbx_validate_close_contact.auth_comp_id_2   SER 
_pdbx_validate_close_contact.auth_seq_id_2    1 
_pdbx_validate_close_contact.PDB_ins_code_2   ? 
_pdbx_validate_close_contact.label_alt_id_2   ? 
_pdbx_validate_close_contact.dist             2.16 
# 
loop_
_pdbx_validate_torsion.id 
_pdbx_validate_torsion.PDB_model_num 
_pdbx_validate_torsion.auth_comp_id 
_pdbx_validate_torsion.auth_asym_id 
_pdbx_validate_torsion.auth_seq_id 
_pdbx_validate_torsion.PDB_ins_code 
_pdbx_validate_torsion.label_alt_id 
_pdbx_validate_torsion.phi 
_pdbx_validate_torsion.psi 
1 1 ASP A 59 ? ? 37.17  65.22  
2 1 PRO A 81 ? ? -53.70 107.85 
# 
loop_
_pdbx_unobs_or_zero_occ_residues.id 
_pdbx_unobs_or_zero_occ_residues.PDB_model_num 
_pdbx_unobs_or_zero_occ_residues.polymer_flag 
_pdbx_unobs_or_zero_occ_residues.occupancy_flag 
_pdbx_unobs_or_zero_occ_residues.auth_asym_id 
_pdbx_unobs_or_zero_occ_residues.auth_comp_id 
_pdbx_unobs_or_zero_occ_residues.auth_seq_id 
_pdbx_unobs_or_zero_occ_residues.PDB_ins_code 
_pdbx_unobs_or_zero_occ_residues.label_asym_id 
_pdbx_unobs_or_zero_occ_residues.label_comp_id 
_pdbx_unobs_or_zero_occ_residues.label_seq_id 
1  1 Y 1 A MET 1   ? A MET 1   
2  1 Y 1 A GLU 2   ? A GLU 2   
3  1 Y 1 A LEU 3   ? A LEU 3   
4  1 Y 1 A ALA 4   ? A ALA 4   
5  1 Y 1 A GLU 5   ? A GLU 5   
6  1 Y 1 A LYS 6   ? A LYS 6   
7  1 Y 1 A ASP 7   ? A ASP 7   
8  1 Y 1 A LYS 8   ? A LYS 8   
9  1 Y 1 A GLY 9   ? A GLY 9   
10 1 Y 1 A ARG 10  ? A ARG 10  
11 1 Y 1 A HIS 168 ? A HIS 168 
12 1 Y 1 A HIS 169 ? A HIS 169 
13 1 Y 1 A HIS 170 ? A HIS 170 
14 1 Y 1 A HIS 171 ? A HIS 171 
15 1 Y 1 A HIS 172 ? A HIS 172 
16 1 Y 1 A HIS 173 ? A HIS 173 
17 1 Y 1 B GLY 3   ? B GLY 3   
18 1 Y 1 B THR 4   ? B THR 4   
19 1 Y 1 B PRO 5   ? B PRO 5   
20 1 Y 1 B THR 6   ? B THR 6   
# 
loop_
_chem_comp_atom.comp_id 
_chem_comp_atom.atom_id 
_chem_comp_atom.type_symbol 
_chem_comp_atom.pdbx_aromatic_flag 
_chem_comp_atom.pdbx_stereo_config 
_chem_comp_atom.pdbx_ordinal 
ALA N    N N N 1   
ALA CA   C N S 2   
ALA C    C N N 3   
ALA O    O N N 4   
ALA CB   C N N 5   
ALA OXT  O N N 6   
ALA H    H N N 7   
ALA H2   H N N 8   
ALA HA   H N N 9   
ALA HB1  H N N 10  
ALA HB2  H N N 11  
ALA HB3  H N N 12  
ALA HXT  H N N 13  
ARG N    N N N 14  
ARG CA   C N S 15  
ARG C    C N N 16  
ARG O    O N N 17  
ARG CB   C N N 18  
ARG CG   C N N 19  
ARG CD   C N N 20  
ARG NE   N N N 21  
ARG CZ   C N N 22  
ARG NH1  N N N 23  
ARG NH2  N N N 24  
ARG OXT  O N N 25  
ARG H    H N N 26  
ARG H2   H N N 27  
ARG HA   H N N 28  
ARG HB2  H N N 29  
ARG HB3  H N N 30  
ARG HG2  H N N 31  
ARG HG3  H N N 32  
ARG HD2  H N N 33  
ARG HD3  H N N 34  
ARG HE   H N N 35  
ARG HH11 H N N 36  
ARG HH12 H N N 37  
ARG HH21 H N N 38  
ARG HH22 H N N 39  
ARG HXT  H N N 40  
ASN N    N N N 41  
ASN CA   C N S 42  
ASN C    C N N 43  
ASN O    O N N 44  
ASN CB   C N N 45  
ASN CG   C N N 46  
ASN OD1  O N N 47  
ASN ND2  N N N 48  
ASN OXT  O N N 49  
ASN H    H N N 50  
ASN H2   H N N 51  
ASN HA   H N N 52  
ASN HB2  H N N 53  
ASN HB3  H N N 54  
ASN HD21 H N N 55  
ASN HD22 H N N 56  
ASN HXT  H N N 57  
ASP N    N N N 58  
ASP CA   C N S 59  
ASP C    C N N 60  
ASP O    O N N 61  
ASP CB   C N N 62  
ASP CG   C N N 63  
ASP OD1  O N N 64  
ASP OD2  O N N 65  
ASP OXT  O N N 66  
ASP H    H N N 67  
ASP H2   H N N 68  
ASP HA   H N N 69  
ASP HB2  H N N 70  
ASP HB3  H N N 71  
ASP HD2  H N N 72  
ASP HXT  H N N 73  
COA N1A  N Y N 74  
COA C2A  C Y N 75  
COA N3A  N Y N 76  
COA C4A  C Y N 77  
COA C5A  C Y N 78  
COA C6A  C Y N 79  
COA N6A  N N N 80  
COA N7A  N Y N 81  
COA C8A  C Y N 82  
COA N9A  N Y N 83  
COA C1B  C N R 84  
COA C2B  C N R 85  
COA O2B  O N N 86  
COA C3B  C N S 87  
COA O3B  O N N 88  
COA P3B  P N N 89  
COA O7A  O N N 90  
COA O8A  O N N 91  
COA O9A  O N N 92  
COA C4B  C N R 93  
COA O4B  O N N 94  
COA C5B  C N N 95  
COA O5B  O N N 96  
COA P1A  P N S 97  
COA O1A  O N N 98  
COA O2A  O N N 99  
COA O3A  O N N 100 
COA P2A  P N S 101 
COA O4A  O N N 102 
COA O5A  O N N 103 
COA O6A  O N N 104 
COA CBP  C N N 105 
COA CCP  C N N 106 
COA CDP  C N N 107 
COA CEP  C N N 108 
COA CAP  C N R 109 
COA OAP  O N N 110 
COA C9P  C N N 111 
COA O9P  O N N 112 
COA N8P  N N N 113 
COA C7P  C N N 114 
COA C6P  C N N 115 
COA C5P  C N N 116 
COA O5P  O N N 117 
COA N4P  N N N 118 
COA C3P  C N N 119 
COA C2P  C N N 120 
COA S1P  S N N 121 
COA H2A  H N N 122 
COA H61A H N N 123 
COA H62A H N N 124 
COA H8A  H N N 125 
COA H1B  H N N 126 
COA H2B  H N N 127 
COA HO2A H N N 128 
COA H3B  H N N 129 
COA HOA8 H N N 130 
COA HOA9 H N N 131 
COA H4B  H N N 132 
COA H51A H N N 133 
COA H52A H N N 134 
COA HOA2 H N N 135 
COA HOA5 H N N 136 
COA H121 H N N 137 
COA H122 H N N 138 
COA H131 H N N 139 
COA H132 H N N 140 
COA H133 H N N 141 
COA H141 H N N 142 
COA H142 H N N 143 
COA H143 H N N 144 
COA H10  H N N 145 
COA HO1  H N N 146 
COA HN8  H N N 147 
COA H71  H N N 148 
COA H72  H N N 149 
COA H61  H N N 150 
COA H62  H N N 151 
COA HN4  H N N 152 
COA H31  H N N 153 
COA H32  H N N 154 
COA H21  H N N 155 
COA H22  H N N 156 
COA HS1  H N N 157 
GLN N    N N N 158 
GLN CA   C N S 159 
GLN C    C N N 160 
GLN O    O N N 161 
GLN CB   C N N 162 
GLN CG   C N N 163 
GLN CD   C N N 164 
GLN OE1  O N N 165 
GLN NE2  N N N 166 
GLN OXT  O N N 167 
GLN H    H N N 168 
GLN H2   H N N 169 
GLN HA   H N N 170 
GLN HB2  H N N 171 
GLN HB3  H N N 172 
GLN HG2  H N N 173 
GLN HG3  H N N 174 
GLN HE21 H N N 175 
GLN HE22 H N N 176 
GLN HXT  H N N 177 
GLU N    N N N 178 
GLU CA   C N S 179 
GLU C    C N N 180 
GLU O    O N N 181 
GLU CB   C N N 182 
GLU CG   C N N 183 
GLU CD   C N N 184 
GLU OE1  O N N 185 
GLU OE2  O N N 186 
GLU OXT  O N N 187 
GLU H    H N N 188 
GLU H2   H N N 189 
GLU HA   H N N 190 
GLU HB2  H N N 191 
GLU HB3  H N N 192 
GLU HG2  H N N 193 
GLU HG3  H N N 194 
GLU HE2  H N N 195 
GLU HXT  H N N 196 
GLY N    N N N 197 
GLY CA   C N N 198 
GLY C    C N N 199 
GLY O    O N N 200 
GLY OXT  O N N 201 
GLY H    H N N 202 
GLY H2   H N N 203 
GLY HA2  H N N 204 
GLY HA3  H N N 205 
GLY HXT  H N N 206 
HIS N    N N N 207 
HIS CA   C N S 208 
HIS C    C N N 209 
HIS O    O N N 210 
HIS CB   C N N 211 
HIS CG   C Y N 212 
HIS ND1  N Y N 213 
HIS CD2  C Y N 214 
HIS CE1  C Y N 215 
HIS NE2  N Y N 216 
HIS OXT  O N N 217 
HIS H    H N N 218 
HIS H2   H N N 219 
HIS HA   H N N 220 
HIS HB2  H N N 221 
HIS HB3  H N N 222 
HIS HD1  H N N 223 
HIS HD2  H N N 224 
HIS HE1  H N N 225 
HIS HE2  H N N 226 
HIS HXT  H N N 227 
HOH O    O N N 228 
HOH H1   H N N 229 
HOH H2   H N N 230 
ILE N    N N N 231 
ILE CA   C N S 232 
ILE C    C N N 233 
ILE O    O N N 234 
ILE CB   C N S 235 
ILE CG1  C N N 236 
ILE CG2  C N N 237 
ILE CD1  C N N 238 
ILE OXT  O N N 239 
ILE H    H N N 240 
ILE H2   H N N 241 
ILE HA   H N N 242 
ILE HB   H N N 243 
ILE HG12 H N N 244 
ILE HG13 H N N 245 
ILE HG21 H N N 246 
ILE HG22 H N N 247 
ILE HG23 H N N 248 
ILE HD11 H N N 249 
ILE HD12 H N N 250 
ILE HD13 H N N 251 
ILE HXT  H N N 252 
LEU N    N N N 253 
LEU CA   C N S 254 
LEU C    C N N 255 
LEU O    O N N 256 
LEU CB   C N N 257 
LEU CG   C N N 258 
LEU CD1  C N N 259 
LEU CD2  C N N 260 
LEU OXT  O N N 261 
LEU H    H N N 262 
LEU H2   H N N 263 
LEU HA   H N N 264 
LEU HB2  H N N 265 
LEU HB3  H N N 266 
LEU HG   H N N 267 
LEU HD11 H N N 268 
LEU HD12 H N N 269 
LEU HD13 H N N 270 
LEU HD21 H N N 271 
LEU HD22 H N N 272 
LEU HD23 H N N 273 
LEU HXT  H N N 274 
LYS N    N N N 275 
LYS CA   C N S 276 
LYS C    C N N 277 
LYS O    O N N 278 
LYS CB   C N N 279 
LYS CG   C N N 280 
LYS CD   C N N 281 
LYS CE   C N N 282 
LYS NZ   N N N 283 
LYS OXT  O N N 284 
LYS H    H N N 285 
LYS H2   H N N 286 
LYS HA   H N N 287 
LYS HB2  H N N 288 
LYS HB3  H N N 289 
LYS HG2  H N N 290 
LYS HG3  H N N 291 
LYS HD2  H N N 292 
LYS HD3  H N N 293 
LYS HE2  H N N 294 
LYS HE3  H N N 295 
LYS HZ1  H N N 296 
LYS HZ2  H N N 297 
LYS HZ3  H N N 298 
LYS HXT  H N N 299 
MET N    N N N 300 
MET CA   C N S 301 
MET C    C N N 302 
MET O    O N N 303 
MET CB   C N N 304 
MET CG   C N N 305 
MET SD   S N N 306 
MET CE   C N N 307 
MET OXT  O N N 308 
MET H    H N N 309 
MET H2   H N N 310 
MET HA   H N N 311 
MET HB2  H N N 312 
MET HB3  H N N 313 
MET HG2  H N N 314 
MET HG3  H N N 315 
MET HE1  H N N 316 
MET HE2  H N N 317 
MET HE3  H N N 318 
MET HXT  H N N 319 
PHE N    N N N 320 
PHE CA   C N S 321 
PHE C    C N N 322 
PHE O    O N N 323 
PHE CB   C N N 324 
PHE CG   C Y N 325 
PHE CD1  C Y N 326 
PHE CD2  C Y N 327 
PHE CE1  C Y N 328 
PHE CE2  C Y N 329 
PHE CZ   C Y N 330 
PHE OXT  O N N 331 
PHE H    H N N 332 
PHE H2   H N N 333 
PHE HA   H N N 334 
PHE HB2  H N N 335 
PHE HB3  H N N 336 
PHE HD1  H N N 337 
PHE HD2  H N N 338 
PHE HE1  H N N 339 
PHE HE2  H N N 340 
PHE HZ   H N N 341 
PHE HXT  H N N 342 
PRO N    N N N 343 
PRO CA   C N S 344 
PRO C    C N N 345 
PRO O    O N N 346 
PRO CB   C N N 347 
PRO CG   C N N 348 
PRO CD   C N N 349 
PRO OXT  O N N 350 
PRO H    H N N 351 
PRO HA   H N N 352 
PRO HB2  H N N 353 
PRO HB3  H N N 354 
PRO HG2  H N N 355 
PRO HG3  H N N 356 
PRO HD2  H N N 357 
PRO HD3  H N N 358 
PRO HXT  H N N 359 
SER N    N N N 360 
SER CA   C N S 361 
SER C    C N N 362 
SER O    O N N 363 
SER CB   C N N 364 
SER OG   O N N 365 
SER OXT  O N N 366 
SER H    H N N 367 
SER H2   H N N 368 
SER HA   H N N 369 
SER HB2  H N N 370 
SER HB3  H N N 371 
SER HG   H N N 372 
SER HXT  H N N 373 
THR N    N N N 374 
THR CA   C N S 375 
THR C    C N N 376 
THR O    O N N 377 
THR CB   C N R 378 
THR OG1  O N N 379 
THR CG2  C N N 380 
THR OXT  O N N 381 
THR H    H N N 382 
THR H2   H N N 383 
THR HA   H N N 384 
THR HB   H N N 385 
THR HG1  H N N 386 
THR HG21 H N N 387 
THR HG22 H N N 388 
THR HG23 H N N 389 
THR HXT  H N N 390 
TRP N    N N N 391 
TRP CA   C N S 392 
TRP C    C N N 393 
TRP O    O N N 394 
TRP CB   C N N 395 
TRP CG   C Y N 396 
TRP CD1  C Y N 397 
TRP CD2  C Y N 398 
TRP NE1  N Y N 399 
TRP CE2  C Y N 400 
TRP CE3  C Y N 401 
TRP CZ2  C Y N 402 
TRP CZ3  C Y N 403 
TRP CH2  C Y N 404 
TRP OXT  O N N 405 
TRP H    H N N 406 
TRP H2   H N N 407 
TRP HA   H N N 408 
TRP HB2  H N N 409 
TRP HB3  H N N 410 
TRP HD1  H N N 411 
TRP HE1  H N N 412 
TRP HE3  H N N 413 
TRP HZ2  H N N 414 
TRP HZ3  H N N 415 
TRP HH2  H N N 416 
TRP HXT  H N N 417 
TYR N    N N N 418 
TYR CA   C N S 419 
TYR C    C N N 420 
TYR O    O N N 421 
TYR CB   C N N 422 
TYR CG   C Y N 423 
TYR CD1  C Y N 424 
TYR CD2  C Y N 425 
TYR CE1  C Y N 426 
TYR CE2  C Y N 427 
TYR CZ   C Y N 428 
TYR OH   O N N 429 
TYR OXT  O N N 430 
TYR H    H N N 431 
TYR H2   H N N 432 
TYR HA   H N N 433 
TYR HB2  H N N 434 
TYR HB3  H N N 435 
TYR HD1  H N N 436 
TYR HD2  H N N 437 
TYR HE1  H N N 438 
TYR HE2  H N N 439 
TYR HH   H N N 440 
TYR HXT  H N N 441 
VAL N    N N N 442 
VAL CA   C N S 443 
VAL C    C N N 444 
VAL O    O N N 445 
VAL CB   C N N 446 
VAL CG1  C N N 447 
VAL CG2  C N N 448 
VAL OXT  O N N 449 
VAL H    H N N 450 
VAL H2   H N N 451 
VAL HA   H N N 452 
VAL HB   H N N 453 
VAL HG11 H N N 454 
VAL HG12 H N N 455 
VAL HG13 H N N 456 
VAL HG21 H N N 457 
VAL HG22 H N N 458 
VAL HG23 H N N 459 
VAL HXT  H N N 460 
# 
loop_
_chem_comp_bond.comp_id 
_chem_comp_bond.atom_id_1 
_chem_comp_bond.atom_id_2 
_chem_comp_bond.value_order 
_chem_comp_bond.pdbx_aromatic_flag 
_chem_comp_bond.pdbx_stereo_config 
_chem_comp_bond.pdbx_ordinal 
ALA N   CA   sing N N 1   
ALA N   H    sing N N 2   
ALA N   H2   sing N N 3   
ALA CA  C    sing N N 4   
ALA CA  CB   sing N N 5   
ALA CA  HA   sing N N 6   
ALA C   O    doub N N 7   
ALA C   OXT  sing N N 8   
ALA CB  HB1  sing N N 9   
ALA CB  HB2  sing N N 10  
ALA CB  HB3  sing N N 11  
ALA OXT HXT  sing N N 12  
ARG N   CA   sing N N 13  
ARG N   H    sing N N 14  
ARG N   H2   sing N N 15  
ARG CA  C    sing N N 16  
ARG CA  CB   sing N N 17  
ARG CA  HA   sing N N 18  
ARG C   O    doub N N 19  
ARG C   OXT  sing N N 20  
ARG CB  CG   sing N N 21  
ARG CB  HB2  sing N N 22  
ARG CB  HB3  sing N N 23  
ARG CG  CD   sing N N 24  
ARG CG  HG2  sing N N 25  
ARG CG  HG3  sing N N 26  
ARG CD  NE   sing N N 27  
ARG CD  HD2  sing N N 28  
ARG CD  HD3  sing N N 29  
ARG NE  CZ   sing N N 30  
ARG NE  HE   sing N N 31  
ARG CZ  NH1  sing N N 32  
ARG CZ  NH2  doub N N 33  
ARG NH1 HH11 sing N N 34  
ARG NH1 HH12 sing N N 35  
ARG NH2 HH21 sing N N 36  
ARG NH2 HH22 sing N N 37  
ARG OXT HXT  sing N N 38  
ASN N   CA   sing N N 39  
ASN N   H    sing N N 40  
ASN N   H2   sing N N 41  
ASN CA  C    sing N N 42  
ASN CA  CB   sing N N 43  
ASN CA  HA   sing N N 44  
ASN C   O    doub N N 45  
ASN C   OXT  sing N N 46  
ASN CB  CG   sing N N 47  
ASN CB  HB2  sing N N 48  
ASN CB  HB3  sing N N 49  
ASN CG  OD1  doub N N 50  
ASN CG  ND2  sing N N 51  
ASN ND2 HD21 sing N N 52  
ASN ND2 HD22 sing N N 53  
ASN OXT HXT  sing N N 54  
ASP N   CA   sing N N 55  
ASP N   H    sing N N 56  
ASP N   H2   sing N N 57  
ASP CA  C    sing N N 58  
ASP CA  CB   sing N N 59  
ASP CA  HA   sing N N 60  
ASP C   O    doub N N 61  
ASP C   OXT  sing N N 62  
ASP CB  CG   sing N N 63  
ASP CB  HB2  sing N N 64  
ASP CB  HB3  sing N N 65  
ASP CG  OD1  doub N N 66  
ASP CG  OD2  sing N N 67  
ASP OD2 HD2  sing N N 68  
ASP OXT HXT  sing N N 69  
COA N1A C2A  sing Y N 70  
COA N1A C6A  doub Y N 71  
COA C2A N3A  doub Y N 72  
COA C2A H2A  sing N N 73  
COA N3A C4A  sing Y N 74  
COA C4A C5A  doub Y N 75  
COA C4A N9A  sing Y N 76  
COA C5A C6A  sing Y N 77  
COA C5A N7A  sing Y N 78  
COA C6A N6A  sing N N 79  
COA N6A H61A sing N N 80  
COA N6A H62A sing N N 81  
COA N7A C8A  doub Y N 82  
COA C8A N9A  sing Y N 83  
COA C8A H8A  sing N N 84  
COA N9A C1B  sing N N 85  
COA C1B C2B  sing N N 86  
COA C1B O4B  sing N N 87  
COA C1B H1B  sing N N 88  
COA C2B O2B  sing N N 89  
COA C2B C3B  sing N N 90  
COA C2B H2B  sing N N 91  
COA O2B HO2A sing N N 92  
COA C3B O3B  sing N N 93  
COA C3B C4B  sing N N 94  
COA C3B H3B  sing N N 95  
COA O3B P3B  sing N N 96  
COA P3B O7A  doub N N 97  
COA P3B O8A  sing N N 98  
COA P3B O9A  sing N N 99  
COA O8A HOA8 sing N N 100 
COA O9A HOA9 sing N N 101 
COA C4B O4B  sing N N 102 
COA C4B C5B  sing N N 103 
COA C4B H4B  sing N N 104 
COA C5B O5B  sing N N 105 
COA C5B H51A sing N N 106 
COA C5B H52A sing N N 107 
COA O5B P1A  sing N N 108 
COA P1A O1A  doub N N 109 
COA P1A O2A  sing N N 110 
COA P1A O3A  sing N N 111 
COA O2A HOA2 sing N N 112 
COA O3A P2A  sing N N 113 
COA P2A O4A  doub N N 114 
COA P2A O5A  sing N N 115 
COA P2A O6A  sing N N 116 
COA O5A HOA5 sing N N 117 
COA O6A CCP  sing N N 118 
COA CBP CCP  sing N N 119 
COA CBP CDP  sing N N 120 
COA CBP CEP  sing N N 121 
COA CBP CAP  sing N N 122 
COA CCP H121 sing N N 123 
COA CCP H122 sing N N 124 
COA CDP H131 sing N N 125 
COA CDP H132 sing N N 126 
COA CDP H133 sing N N 127 
COA CEP H141 sing N N 128 
COA CEP H142 sing N N 129 
COA CEP H143 sing N N 130 
COA CAP OAP  sing N N 131 
COA CAP C9P  sing N N 132 
COA CAP H10  sing N N 133 
COA OAP HO1  sing N N 134 
COA C9P O9P  doub N N 135 
COA C9P N8P  sing N N 136 
COA N8P C7P  sing N N 137 
COA N8P HN8  sing N N 138 
COA C7P C6P  sing N N 139 
COA C7P H71  sing N N 140 
COA C7P H72  sing N N 141 
COA C6P C5P  sing N N 142 
COA C6P H61  sing N N 143 
COA C6P H62  sing N N 144 
COA C5P O5P  doub N N 145 
COA C5P N4P  sing N N 146 
COA N4P C3P  sing N N 147 
COA N4P HN4  sing N N 148 
COA C3P C2P  sing N N 149 
COA C3P H31  sing N N 150 
COA C3P H32  sing N N 151 
COA C2P S1P  sing N N 152 
COA C2P H21  sing N N 153 
COA C2P H22  sing N N 154 
COA S1P HS1  sing N N 155 
GLN N   CA   sing N N 156 
GLN N   H    sing N N 157 
GLN N   H2   sing N N 158 
GLN CA  C    sing N N 159 
GLN CA  CB   sing N N 160 
GLN CA  HA   sing N N 161 
GLN C   O    doub N N 162 
GLN C   OXT  sing N N 163 
GLN CB  CG   sing N N 164 
GLN CB  HB2  sing N N 165 
GLN CB  HB3  sing N N 166 
GLN CG  CD   sing N N 167 
GLN CG  HG2  sing N N 168 
GLN CG  HG3  sing N N 169 
GLN CD  OE1  doub N N 170 
GLN CD  NE2  sing N N 171 
GLN NE2 HE21 sing N N 172 
GLN NE2 HE22 sing N N 173 
GLN OXT HXT  sing N N 174 
GLU N   CA   sing N N 175 
GLU N   H    sing N N 176 
GLU N   H2   sing N N 177 
GLU CA  C    sing N N 178 
GLU CA  CB   sing N N 179 
GLU CA  HA   sing N N 180 
GLU C   O    doub N N 181 
GLU C   OXT  sing N N 182 
GLU CB  CG   sing N N 183 
GLU CB  HB2  sing N N 184 
GLU CB  HB3  sing N N 185 
GLU CG  CD   sing N N 186 
GLU CG  HG2  sing N N 187 
GLU CG  HG3  sing N N 188 
GLU CD  OE1  doub N N 189 
GLU CD  OE2  sing N N 190 
GLU OE2 HE2  sing N N 191 
GLU OXT HXT  sing N N 192 
GLY N   CA   sing N N 193 
GLY N   H    sing N N 194 
GLY N   H2   sing N N 195 
GLY CA  C    sing N N 196 
GLY CA  HA2  sing N N 197 
GLY CA  HA3  sing N N 198 
GLY C   O    doub N N 199 
GLY C   OXT  sing N N 200 
GLY OXT HXT  sing N N 201 
HIS N   CA   sing N N 202 
HIS N   H    sing N N 203 
HIS N   H2   sing N N 204 
HIS CA  C    sing N N 205 
HIS CA  CB   sing N N 206 
HIS CA  HA   sing N N 207 
HIS C   O    doub N N 208 
HIS C   OXT  sing N N 209 
HIS CB  CG   sing N N 210 
HIS CB  HB2  sing N N 211 
HIS CB  HB3  sing N N 212 
HIS CG  ND1  sing Y N 213 
HIS CG  CD2  doub Y N 214 
HIS ND1 CE1  doub Y N 215 
HIS ND1 HD1  sing N N 216 
HIS CD2 NE2  sing Y N 217 
HIS CD2 HD2  sing N N 218 
HIS CE1 NE2  sing Y N 219 
HIS CE1 HE1  sing N N 220 
HIS NE2 HE2  sing N N 221 
HIS OXT HXT  sing N N 222 
HOH O   H1   sing N N 223 
HOH O   H2   sing N N 224 
ILE N   CA   sing N N 225 
ILE N   H    sing N N 226 
ILE N   H2   sing N N 227 
ILE CA  C    sing N N 228 
ILE CA  CB   sing N N 229 
ILE CA  HA   sing N N 230 
ILE C   O    doub N N 231 
ILE C   OXT  sing N N 232 
ILE CB  CG1  sing N N 233 
ILE CB  CG2  sing N N 234 
ILE CB  HB   sing N N 235 
ILE CG1 CD1  sing N N 236 
ILE CG1 HG12 sing N N 237 
ILE CG1 HG13 sing N N 238 
ILE CG2 HG21 sing N N 239 
ILE CG2 HG22 sing N N 240 
ILE CG2 HG23 sing N N 241 
ILE CD1 HD11 sing N N 242 
ILE CD1 HD12 sing N N 243 
ILE CD1 HD13 sing N N 244 
ILE OXT HXT  sing N N 245 
LEU N   CA   sing N N 246 
LEU N   H    sing N N 247 
LEU N   H2   sing N N 248 
LEU CA  C    sing N N 249 
LEU CA  CB   sing N N 250 
LEU CA  HA   sing N N 251 
LEU C   O    doub N N 252 
LEU C   OXT  sing N N 253 
LEU CB  CG   sing N N 254 
LEU CB  HB2  sing N N 255 
LEU CB  HB3  sing N N 256 
LEU CG  CD1  sing N N 257 
LEU CG  CD2  sing N N 258 
LEU CG  HG   sing N N 259 
LEU CD1 HD11 sing N N 260 
LEU CD1 HD12 sing N N 261 
LEU CD1 HD13 sing N N 262 
LEU CD2 HD21 sing N N 263 
LEU CD2 HD22 sing N N 264 
LEU CD2 HD23 sing N N 265 
LEU OXT HXT  sing N N 266 
LYS N   CA   sing N N 267 
LYS N   H    sing N N 268 
LYS N   H2   sing N N 269 
LYS CA  C    sing N N 270 
LYS CA  CB   sing N N 271 
LYS CA  HA   sing N N 272 
LYS C   O    doub N N 273 
LYS C   OXT  sing N N 274 
LYS CB  CG   sing N N 275 
LYS CB  HB2  sing N N 276 
LYS CB  HB3  sing N N 277 
LYS CG  CD   sing N N 278 
LYS CG  HG2  sing N N 279 
LYS CG  HG3  sing N N 280 
LYS CD  CE   sing N N 281 
LYS CD  HD2  sing N N 282 
LYS CD  HD3  sing N N 283 
LYS CE  NZ   sing N N 284 
LYS CE  HE2  sing N N 285 
LYS CE  HE3  sing N N 286 
LYS NZ  HZ1  sing N N 287 
LYS NZ  HZ2  sing N N 288 
LYS NZ  HZ3  sing N N 289 
LYS OXT HXT  sing N N 290 
MET N   CA   sing N N 291 
MET N   H    sing N N 292 
MET N   H2   sing N N 293 
MET CA  C    sing N N 294 
MET CA  CB   sing N N 295 
MET CA  HA   sing N N 296 
MET C   O    doub N N 297 
MET C   OXT  sing N N 298 
MET CB  CG   sing N N 299 
MET CB  HB2  sing N N 300 
MET CB  HB3  sing N N 301 
MET CG  SD   sing N N 302 
MET CG  HG2  sing N N 303 
MET CG  HG3  sing N N 304 
MET SD  CE   sing N N 305 
MET CE  HE1  sing N N 306 
MET CE  HE2  sing N N 307 
MET CE  HE3  sing N N 308 
MET OXT HXT  sing N N 309 
PHE N   CA   sing N N 310 
PHE N   H    sing N N 311 
PHE N   H2   sing N N 312 
PHE CA  C    sing N N 313 
PHE CA  CB   sing N N 314 
PHE CA  HA   sing N N 315 
PHE C   O    doub N N 316 
PHE C   OXT  sing N N 317 
PHE CB  CG   sing N N 318 
PHE CB  HB2  sing N N 319 
PHE CB  HB3  sing N N 320 
PHE CG  CD1  doub Y N 321 
PHE CG  CD2  sing Y N 322 
PHE CD1 CE1  sing Y N 323 
PHE CD1 HD1  sing N N 324 
PHE CD2 CE2  doub Y N 325 
PHE CD2 HD2  sing N N 326 
PHE CE1 CZ   doub Y N 327 
PHE CE1 HE1  sing N N 328 
PHE CE2 CZ   sing Y N 329 
PHE CE2 HE2  sing N N 330 
PHE CZ  HZ   sing N N 331 
PHE OXT HXT  sing N N 332 
PRO N   CA   sing N N 333 
PRO N   CD   sing N N 334 
PRO N   H    sing N N 335 
PRO CA  C    sing N N 336 
PRO CA  CB   sing N N 337 
PRO CA  HA   sing N N 338 
PRO C   O    doub N N 339 
PRO C   OXT  sing N N 340 
PRO CB  CG   sing N N 341 
PRO CB  HB2  sing N N 342 
PRO CB  HB3  sing N N 343 
PRO CG  CD   sing N N 344 
PRO CG  HG2  sing N N 345 
PRO CG  HG3  sing N N 346 
PRO CD  HD2  sing N N 347 
PRO CD  HD3  sing N N 348 
PRO OXT HXT  sing N N 349 
SER N   CA   sing N N 350 
SER N   H    sing N N 351 
SER N   H2   sing N N 352 
SER CA  C    sing N N 353 
SER CA  CB   sing N N 354 
SER CA  HA   sing N N 355 
SER C   O    doub N N 356 
SER C   OXT  sing N N 357 
SER CB  OG   sing N N 358 
SER CB  HB2  sing N N 359 
SER CB  HB3  sing N N 360 
SER OG  HG   sing N N 361 
SER OXT HXT  sing N N 362 
THR N   CA   sing N N 363 
THR N   H    sing N N 364 
THR N   H2   sing N N 365 
THR CA  C    sing N N 366 
THR CA  CB   sing N N 367 
THR CA  HA   sing N N 368 
THR C   O    doub N N 369 
THR C   OXT  sing N N 370 
THR CB  OG1  sing N N 371 
THR CB  CG2  sing N N 372 
THR CB  HB   sing N N 373 
THR OG1 HG1  sing N N 374 
THR CG2 HG21 sing N N 375 
THR CG2 HG22 sing N N 376 
THR CG2 HG23 sing N N 377 
THR OXT HXT  sing N N 378 
TRP N   CA   sing N N 379 
TRP N   H    sing N N 380 
TRP N   H2   sing N N 381 
TRP CA  C    sing N N 382 
TRP CA  CB   sing N N 383 
TRP CA  HA   sing N N 384 
TRP C   O    doub N N 385 
TRP C   OXT  sing N N 386 
TRP CB  CG   sing N N 387 
TRP CB  HB2  sing N N 388 
TRP CB  HB3  sing N N 389 
TRP CG  CD1  doub Y N 390 
TRP CG  CD2  sing Y N 391 
TRP CD1 NE1  sing Y N 392 
TRP CD1 HD1  sing N N 393 
TRP CD2 CE2  doub Y N 394 
TRP CD2 CE3  sing Y N 395 
TRP NE1 CE2  sing Y N 396 
TRP NE1 HE1  sing N N 397 
TRP CE2 CZ2  sing Y N 398 
TRP CE3 CZ3  doub Y N 399 
TRP CE3 HE3  sing N N 400 
TRP CZ2 CH2  doub Y N 401 
TRP CZ2 HZ2  sing N N 402 
TRP CZ3 CH2  sing Y N 403 
TRP CZ3 HZ3  sing N N 404 
TRP CH2 HH2  sing N N 405 
TRP OXT HXT  sing N N 406 
TYR N   CA   sing N N 407 
TYR N   H    sing N N 408 
TYR N   H2   sing N N 409 
TYR CA  C    sing N N 410 
TYR CA  CB   sing N N 411 
TYR CA  HA   sing N N 412 
TYR C   O    doub N N 413 
TYR C   OXT  sing N N 414 
TYR CB  CG   sing N N 415 
TYR CB  HB2  sing N N 416 
TYR CB  HB3  sing N N 417 
TYR CG  CD1  doub Y N 418 
TYR CG  CD2  sing Y N 419 
TYR CD1 CE1  sing Y N 420 
TYR CD1 HD1  sing N N 421 
TYR CD2 CE2  doub Y N 422 
TYR CD2 HD2  sing N N 423 
TYR CE1 CZ   doub Y N 424 
TYR CE1 HE1  sing N N 425 
TYR CE2 CZ   sing Y N 426 
TYR CE2 HE2  sing N N 427 
TYR CZ  OH   sing N N 428 
TYR OH  HH   sing N N 429 
TYR OXT HXT  sing N N 430 
VAL N   CA   sing N N 431 
VAL N   H    sing N N 432 
VAL N   H2   sing N N 433 
VAL CA  C    sing N N 434 
VAL CA  CB   sing N N 435 
VAL CA  HA   sing N N 436 
VAL C   O    doub N N 437 
VAL C   OXT  sing N N 438 
VAL CB  CG1  sing N N 439 
VAL CB  CG2  sing N N 440 
VAL CB  HB   sing N N 441 
VAL CG1 HG11 sing N N 442 
VAL CG1 HG12 sing N N 443 
VAL CG1 HG13 sing N N 444 
VAL CG2 HG21 sing N N 445 
VAL CG2 HG22 sing N N 446 
VAL CG2 HG23 sing N N 447 
VAL OXT HXT  sing N N 448 
# 
loop_
_pdbx_entity_nonpoly.entity_id 
_pdbx_entity_nonpoly.name 
_pdbx_entity_nonpoly.comp_id 
3 'COENZYME A' COA 
4 water        HOH 
# 
_pdbx_initial_refinement_model.id               1 
_pdbx_initial_refinement_model.entity_id_list   ? 
_pdbx_initial_refinement_model.type             'experimental model' 
_pdbx_initial_refinement_model.source_name      PDB 
_pdbx_initial_refinement_model.accession_code   2X7B 
_pdbx_initial_refinement_model.details          ? 
# 
